data_8F9N
# 
_entry.id   8F9N 
# 
_audit_conform.dict_name       mmcif_pdbx.dic 
_audit_conform.dict_version    5.381 
_audit_conform.dict_location   http://mmcif.pdb.org/dictionaries/ascii/mmcif_pdbx.dic 
# 
loop_
_database_2.database_id 
_database_2.database_code 
_database_2.pdbx_database_accession 
_database_2.pdbx_DOI 
PDB   8F9N         pdb_00008f9n 10.2210/pdb8f9n/pdb 
WWPDB D_1000270247 ?            ?                   
# 
_pdbx_database_status.status_code                     REL 
_pdbx_database_status.status_code_sf                  REL 
_pdbx_database_status.status_code_mr                  ? 
_pdbx_database_status.entry_id                        8F9N 
_pdbx_database_status.recvd_initial_deposition_date   2022-11-24 
_pdbx_database_status.SG_entry                        N 
_pdbx_database_status.deposit_site                    RCSB 
_pdbx_database_status.process_site                    RCSB 
_pdbx_database_status.status_code_cs                  ? 
_pdbx_database_status.status_code_nmr_data            ? 
_pdbx_database_status.methods_development_category    ? 
_pdbx_database_status.pdb_format_compatible           Y 
# 
loop_
_audit_author.name 
_audit_author.pdbx_ordinal 
_audit_author.identifier_ORCID 
'Herrera, V.E.' 1 0000-0002-5577-7867 
'Thomas, L.M.'  2 0000-0003-3920-0619 
# 
_citation.abstract                  ? 
_citation.abstract_id_CAS           ? 
_citation.book_id_ISBN              ? 
_citation.book_publisher            ? 
_citation.book_publisher_city       ? 
_citation.book_title                ? 
_citation.coordinate_linkage        ? 
_citation.country                   US 
_citation.database_id_Medline       ? 
_citation.details                   ? 
_citation.id                        primary 
_citation.journal_abbrev            Biochemistry 
_citation.journal_id_ASTM           BICHAW 
_citation.journal_id_CSD            0033 
_citation.journal_id_ISSN           0006-2960 
_citation.journal_full              ? 
_citation.journal_issue             ? 
_citation.journal_volume            62 
_citation.language                  ? 
_citation.page_first                1406 
_citation.page_last                 1419 
_citation.title                     
'Insights into Nitrosoalkane Binding to Myoglobin Provided by Crystallography of Wild-Type and Distal Pocket Mutant Derivatives.' 
_citation.year                      2023 
_citation.database_id_CSD           ? 
_citation.pdbx_database_id_DOI      10.1021/acs.biochem.2c00725 
_citation.pdbx_database_id_PubMed   37011611 
_citation.pdbx_database_id_patent   ? 
_citation.unpublished_flag          ? 
# 
loop_
_citation_author.citation_id 
_citation_author.name 
_citation_author.ordinal 
_citation_author.identifier_ORCID 
primary 'Herrera, V.E.'      1 ?                   
primary 'Charles, T.P.'      2 ?                   
primary 'Scott, T.G.'        3 ?                   
primary 'Prather, K.Y.'      4 0000-0002-6753-2787 
primary 'Nguyen, N.T.'       5 ?                   
primary 'Sohl, C.D.'         6 0000-0002-8048-0205 
primary 'Thomas, L.M.'       7 ?                   
primary 'Richter-Addo, G.B.' 8 0000-0001-9400-0113 
# 
_cell.angle_alpha                  90.000 
_cell.angle_alpha_esd              ? 
_cell.angle_beta                   90.000 
_cell.angle_beta_esd               ? 
_cell.angle_gamma                  120.000 
_cell.angle_gamma_esd              ? 
_cell.entry_id                     8F9N 
_cell.details                      ? 
_cell.formula_units_Z              ? 
_cell.length_a                     90.577 
_cell.length_a_esd                 ? 
_cell.length_b                     90.577 
_cell.length_b_esd                 ? 
_cell.length_c                     45.404 
_cell.length_c_esd                 ? 
_cell.volume                       ? 
_cell.volume_esd                   ? 
_cell.Z_PDB                        6 
_cell.reciprocal_angle_alpha       ? 
_cell.reciprocal_angle_beta        ? 
_cell.reciprocal_angle_gamma       ? 
_cell.reciprocal_angle_alpha_esd   ? 
_cell.reciprocal_angle_beta_esd    ? 
_cell.reciprocal_angle_gamma_esd   ? 
_cell.reciprocal_length_a          ? 
_cell.reciprocal_length_b          ? 
_cell.reciprocal_length_c          ? 
_cell.reciprocal_length_a_esd      ? 
_cell.reciprocal_length_b_esd      ? 
_cell.reciprocal_length_c_esd      ? 
_cell.pdbx_unique_axis             ? 
_cell.pdbx_esd_method              ? 
# 
_symmetry.entry_id                         8F9N 
_symmetry.cell_setting                     ? 
_symmetry.Int_Tables_number                168 
_symmetry.space_group_name_Hall            ? 
_symmetry.space_group_name_H-M             'P 6' 
_symmetry.pdbx_full_space_group_name_H-M   ? 
# 
loop_
_entity.id 
_entity.type 
_entity.src_method 
_entity.pdbx_description 
_entity.formula_weight 
_entity.pdbx_number_of_molecules 
_entity.pdbx_ec 
_entity.pdbx_mutation 
_entity.pdbx_fragment 
_entity.details 
1 polymer     man Myoglobin                         17298.094 1   ? H64A ? ? 
2 non-polymer man 'PROTOPORPHYRIN IX CONTAINING FE' 616.487   1   ? ?    ? ? 
3 non-polymer syn 2-nitrosopropane                  73.094    1   ? ?    ? ? 
4 non-polymer syn 'SULFATE ION'                     96.063    3   ? ?    ? ? 
5 water       nat water                             18.015    132 ? ?    ? ? 
# 
_entity_poly.entity_id                      1 
_entity_poly.type                           'polypeptide(L)' 
_entity_poly.nstd_linkage                   no 
_entity_poly.nstd_monomer                   no 
_entity_poly.pdbx_seq_one_letter_code       
;MVLSEGEWQLVLHVWAKVEADVAGHGQDILIRLFKSHPETLEKFDRFKHLKTEAEMKASEDLKKAGVTVLTALGAILKKK
GHHEAELKPLAQSHATKHKIPIKYLEFISEAIIHVLHSRHPGNFGADAQGAMNKALELFRKDIAAKYKELGYQG
;
_entity_poly.pdbx_seq_one_letter_code_can   
;MVLSEGEWQLVLHVWAKVEADVAGHGQDILIRLFKSHPETLEKFDRFKHLKTEAEMKASEDLKKAGVTVLTALGAILKKK
GHHEAELKPLAQSHATKHKIPIKYLEFISEAIIHVLHSRHPGNFGADAQGAMNKALELFRKDIAAKYKELGYQG
;
_entity_poly.pdbx_strand_id                 A 
_entity_poly.pdbx_target_identifier         ? 
# 
loop_
_entity_poly_seq.entity_id 
_entity_poly_seq.num 
_entity_poly_seq.mon_id 
_entity_poly_seq.hetero 
1 1   MET n 
1 2   VAL n 
1 3   LEU n 
1 4   SER n 
1 5   GLU n 
1 6   GLY n 
1 7   GLU n 
1 8   TRP n 
1 9   GLN n 
1 10  LEU n 
1 11  VAL n 
1 12  LEU n 
1 13  HIS n 
1 14  VAL n 
1 15  TRP n 
1 16  ALA n 
1 17  LYS n 
1 18  VAL n 
1 19  GLU n 
1 20  ALA n 
1 21  ASP n 
1 22  VAL n 
1 23  ALA n 
1 24  GLY n 
1 25  HIS n 
1 26  GLY n 
1 27  GLN n 
1 28  ASP n 
1 29  ILE n 
1 30  LEU n 
1 31  ILE n 
1 32  ARG n 
1 33  LEU n 
1 34  PHE n 
1 35  LYS n 
1 36  SER n 
1 37  HIS n 
1 38  PRO n 
1 39  GLU n 
1 40  THR n 
1 41  LEU n 
1 42  GLU n 
1 43  LYS n 
1 44  PHE n 
1 45  ASP n 
1 46  ARG n 
1 47  PHE n 
1 48  LYS n 
1 49  HIS n 
1 50  LEU n 
1 51  LYS n 
1 52  THR n 
1 53  GLU n 
1 54  ALA n 
1 55  GLU n 
1 56  MET n 
1 57  LYS n 
1 58  ALA n 
1 59  SER n 
1 60  GLU n 
1 61  ASP n 
1 62  LEU n 
1 63  LYS n 
1 64  LYS n 
1 65  ALA n 
1 66  GLY n 
1 67  VAL n 
1 68  THR n 
1 69  VAL n 
1 70  LEU n 
1 71  THR n 
1 72  ALA n 
1 73  LEU n 
1 74  GLY n 
1 75  ALA n 
1 76  ILE n 
1 77  LEU n 
1 78  LYS n 
1 79  LYS n 
1 80  LYS n 
1 81  GLY n 
1 82  HIS n 
1 83  HIS n 
1 84  GLU n 
1 85  ALA n 
1 86  GLU n 
1 87  LEU n 
1 88  LYS n 
1 89  PRO n 
1 90  LEU n 
1 91  ALA n 
1 92  GLN n 
1 93  SER n 
1 94  HIS n 
1 95  ALA n 
1 96  THR n 
1 97  LYS n 
1 98  HIS n 
1 99  LYS n 
1 100 ILE n 
1 101 PRO n 
1 102 ILE n 
1 103 LYS n 
1 104 TYR n 
1 105 LEU n 
1 106 GLU n 
1 107 PHE n 
1 108 ILE n 
1 109 SER n 
1 110 GLU n 
1 111 ALA n 
1 112 ILE n 
1 113 ILE n 
1 114 HIS n 
1 115 VAL n 
1 116 LEU n 
1 117 HIS n 
1 118 SER n 
1 119 ARG n 
1 120 HIS n 
1 121 PRO n 
1 122 GLY n 
1 123 ASN n 
1 124 PHE n 
1 125 GLY n 
1 126 ALA n 
1 127 ASP n 
1 128 ALA n 
1 129 GLN n 
1 130 GLY n 
1 131 ALA n 
1 132 MET n 
1 133 ASN n 
1 134 LYS n 
1 135 ALA n 
1 136 LEU n 
1 137 GLU n 
1 138 LEU n 
1 139 PHE n 
1 140 ARG n 
1 141 LYS n 
1 142 ASP n 
1 143 ILE n 
1 144 ALA n 
1 145 ALA n 
1 146 LYS n 
1 147 TYR n 
1 148 LYS n 
1 149 GLU n 
1 150 LEU n 
1 151 GLY n 
1 152 TYR n 
1 153 GLN n 
1 154 GLY n 
# 
_entity_src_gen.entity_id                          1 
_entity_src_gen.pdbx_src_id                        1 
_entity_src_gen.pdbx_alt_source_flag               sample 
_entity_src_gen.pdbx_seq_type                      'Biological sequence' 
_entity_src_gen.pdbx_beg_seq_num                   1 
_entity_src_gen.pdbx_end_seq_num                   154 
_entity_src_gen.gene_src_common_name               'sperm whale' 
_entity_src_gen.gene_src_genus                     ? 
_entity_src_gen.pdbx_gene_src_gene                 MB 
_entity_src_gen.gene_src_species                   ? 
_entity_src_gen.gene_src_strain                    ? 
_entity_src_gen.gene_src_tissue                    ? 
_entity_src_gen.gene_src_tissue_fraction           ? 
_entity_src_gen.gene_src_details                   ? 
_entity_src_gen.pdbx_gene_src_fragment             ? 
_entity_src_gen.pdbx_gene_src_scientific_name      'Physeter catodon' 
_entity_src_gen.pdbx_gene_src_ncbi_taxonomy_id     9755 
_entity_src_gen.pdbx_gene_src_variant              ? 
_entity_src_gen.pdbx_gene_src_cell_line            ? 
_entity_src_gen.pdbx_gene_src_atcc                 ? 
_entity_src_gen.pdbx_gene_src_organ                ? 
_entity_src_gen.pdbx_gene_src_organelle            ? 
_entity_src_gen.pdbx_gene_src_cell                 ? 
_entity_src_gen.pdbx_gene_src_cellular_location    ? 
_entity_src_gen.host_org_common_name               ? 
_entity_src_gen.pdbx_host_org_scientific_name      'Escherichia coli BL21(DE3)' 
_entity_src_gen.pdbx_host_org_ncbi_taxonomy_id     469008 
_entity_src_gen.host_org_genus                     ? 
_entity_src_gen.pdbx_host_org_gene                 ? 
_entity_src_gen.pdbx_host_org_organ                ? 
_entity_src_gen.host_org_species                   ? 
_entity_src_gen.pdbx_host_org_tissue               ? 
_entity_src_gen.pdbx_host_org_tissue_fraction      ? 
_entity_src_gen.pdbx_host_org_strain               ? 
_entity_src_gen.pdbx_host_org_variant              ? 
_entity_src_gen.pdbx_host_org_cell_line            ? 
_entity_src_gen.pdbx_host_org_atcc                 ? 
_entity_src_gen.pdbx_host_org_culture_collection   ? 
_entity_src_gen.pdbx_host_org_cell                 ? 
_entity_src_gen.pdbx_host_org_organelle            ? 
_entity_src_gen.pdbx_host_org_cellular_location    ? 
_entity_src_gen.pdbx_host_org_vector_type          ? 
_entity_src_gen.pdbx_host_org_vector               ? 
_entity_src_gen.host_org_details                   ? 
_entity_src_gen.expression_system_id               ? 
_entity_src_gen.plasmid_name                       ? 
_entity_src_gen.plasmid_details                    ? 
_entity_src_gen.pdbx_description                   ? 
# 
_struct_ref.id                         1 
_struct_ref.db_name                    UNP 
_struct_ref.db_code                    MYG_PHYCD 
_struct_ref.pdbx_db_accession          P02185 
_struct_ref.pdbx_db_isoform            ? 
_struct_ref.entity_id                  1 
_struct_ref.pdbx_seq_one_letter_code   
;MVLSEGEWQLVLHVWAKVEADVAGHGQDILIRLFKSHPETLEKFDRFKHLKTEAEMKASEDLKKHGVTVLTALGAILKKK
GHHEAELKPLAQSHATKHKIPIKYLEFISEAIIHVLHSRHPGDFGADAQGAMNKALELFRKDIAAKYKELGYQG
;
_struct_ref.pdbx_align_begin           1 
# 
_struct_ref_seq.align_id                      1 
_struct_ref_seq.ref_id                        1 
_struct_ref_seq.pdbx_PDB_id_code              8F9N 
_struct_ref_seq.pdbx_strand_id                A 
_struct_ref_seq.seq_align_beg                 1 
_struct_ref_seq.pdbx_seq_align_beg_ins_code   ? 
_struct_ref_seq.seq_align_end                 154 
_struct_ref_seq.pdbx_seq_align_end_ins_code   ? 
_struct_ref_seq.pdbx_db_accession             P02185 
_struct_ref_seq.db_align_beg                  1 
_struct_ref_seq.pdbx_db_align_beg_ins_code    ? 
_struct_ref_seq.db_align_end                  154 
_struct_ref_seq.pdbx_db_align_end_ins_code    ? 
_struct_ref_seq.pdbx_auth_seq_align_beg       0 
_struct_ref_seq.pdbx_auth_seq_align_end       153 
# 
loop_
_struct_ref_seq_dif.align_id 
_struct_ref_seq_dif.pdbx_pdb_id_code 
_struct_ref_seq_dif.mon_id 
_struct_ref_seq_dif.pdbx_pdb_strand_id 
_struct_ref_seq_dif.seq_num 
_struct_ref_seq_dif.pdbx_pdb_ins_code 
_struct_ref_seq_dif.pdbx_seq_db_name 
_struct_ref_seq_dif.pdbx_seq_db_accession_code 
_struct_ref_seq_dif.db_mon_id 
_struct_ref_seq_dif.pdbx_seq_db_seq_num 
_struct_ref_seq_dif.details 
_struct_ref_seq_dif.pdbx_auth_seq_num 
_struct_ref_seq_dif.pdbx_ordinal 
1 8F9N ALA A 65  ? UNP P02185 HIS 65  'engineered mutation' 64  1 
1 8F9N ASN A 123 ? UNP P02185 ASP 123 variant               122 2 
# 
loop_
_chem_comp.id 
_chem_comp.type 
_chem_comp.mon_nstd_flag 
_chem_comp.name 
_chem_comp.pdbx_synonyms 
_chem_comp.formula 
_chem_comp.formula_weight 
ALA 'L-peptide linking' y ALANINE                           ?    'C3 H7 N O2'       89.093  
ARG 'L-peptide linking' y ARGININE                          ?    'C6 H15 N4 O2 1'   175.209 
ASN 'L-peptide linking' y ASPARAGINE                        ?    'C4 H8 N2 O3'      132.118 
ASP 'L-peptide linking' y 'ASPARTIC ACID'                   ?    'C4 H7 N O4'       133.103 
GLN 'L-peptide linking' y GLUTAMINE                         ?    'C5 H10 N2 O3'     146.144 
GLU 'L-peptide linking' y 'GLUTAMIC ACID'                   ?    'C5 H9 N O4'       147.129 
GLY 'peptide linking'   y GLYCINE                           ?    'C2 H5 N O2'       75.067  
HEM non-polymer         . 'PROTOPORPHYRIN IX CONTAINING FE' HEME 'C34 H32 Fe N4 O4' 616.487 
HIS 'L-peptide linking' y HISTIDINE                         ?    'C6 H10 N3 O2 1'   156.162 
HOH non-polymer         . WATER                             ?    'H2 O'             18.015  
ILE 'L-peptide linking' y ISOLEUCINE                        ?    'C6 H13 N O2'      131.173 
LEU 'L-peptide linking' y LEUCINE                           ?    'C6 H13 N O2'      131.173 
LYS 'L-peptide linking' y LYSINE                            ?    'C6 H15 N2 O2 1'   147.195 
MET 'L-peptide linking' y METHIONINE                        ?    'C5 H11 N O2 S'    149.211 
PHE 'L-peptide linking' y PHENYLALANINE                     ?    'C9 H11 N O2'      165.189 
PRO 'L-peptide linking' y PROLINE                           ?    'C5 H9 N O2'       115.130 
SER 'L-peptide linking' y SERINE                            ?    'C3 H7 N O3'       105.093 
SO4 non-polymer         . 'SULFATE ION'                     ?    'O4 S -2'          96.063  
THR 'L-peptide linking' y THREONINE                         ?    'C4 H9 N O3'       119.119 
TRP 'L-peptide linking' y TRYPTOPHAN                        ?    'C11 H12 N2 O2'    204.225 
TYR 'L-peptide linking' y TYROSINE                          ?    'C9 H11 N O3'      181.189 
VAL 'L-peptide linking' y VALINE                            ?    'C5 H11 N O2'      117.146 
XEP non-polymer         . 2-nitrosopropane                  ?    'C3 H7 N O'        73.094  
# 
_exptl.absorpt_coefficient_mu     ? 
_exptl.absorpt_correction_T_max   ? 
_exptl.absorpt_correction_T_min   ? 
_exptl.absorpt_correction_type    ? 
_exptl.absorpt_process_details    ? 
_exptl.entry_id                   8F9N 
_exptl.crystals_number            1 
_exptl.details                    ? 
_exptl.method                     'X-RAY DIFFRACTION' 
_exptl.method_details             ? 
# 
_exptl_crystal.colour                       ? 
_exptl_crystal.density_diffrn               ? 
_exptl_crystal.density_Matthews             3.11 
_exptl_crystal.density_method               ? 
_exptl_crystal.density_percent_sol          60.43 
_exptl_crystal.description                  ? 
_exptl_crystal.F_000                        ? 
_exptl_crystal.id                           1 
_exptl_crystal.preparation                  ? 
_exptl_crystal.size_max                     ? 
_exptl_crystal.size_mid                     ? 
_exptl_crystal.size_min                     ? 
_exptl_crystal.size_rad                     ? 
_exptl_crystal.colour_lustre                ? 
_exptl_crystal.colour_modifier              ? 
_exptl_crystal.colour_primary               ? 
_exptl_crystal.density_meas                 ? 
_exptl_crystal.density_meas_esd             ? 
_exptl_crystal.density_meas_gt              ? 
_exptl_crystal.density_meas_lt              ? 
_exptl_crystal.density_meas_temp            ? 
_exptl_crystal.density_meas_temp_esd        ? 
_exptl_crystal.density_meas_temp_gt         ? 
_exptl_crystal.density_meas_temp_lt         ? 
_exptl_crystal.pdbx_crystal_image_url       ? 
_exptl_crystal.pdbx_crystal_image_format    ? 
_exptl_crystal.pdbx_mosaicity               ? 
_exptl_crystal.pdbx_mosaicity_esd           ? 
_exptl_crystal.pdbx_mosaic_method           ? 
_exptl_crystal.pdbx_mosaic_block_size       ? 
_exptl_crystal.pdbx_mosaic_block_size_esd   ? 
# 
_exptl_crystal_grow.apparatus       ? 
_exptl_crystal_grow.atmosphere      ? 
_exptl_crystal_grow.crystal_id      1 
_exptl_crystal_grow.details         ? 
_exptl_crystal_grow.method          'BATCH MODE' 
_exptl_crystal_grow.method_ref      ? 
_exptl_crystal_grow.pH              ? 
_exptl_crystal_grow.pressure        ? 
_exptl_crystal_grow.pressure_esd    ? 
_exptl_crystal_grow.seeding         ? 
_exptl_crystal_grow.seeding_ref     ? 
_exptl_crystal_grow.temp_details    ? 
_exptl_crystal_grow.temp_esd        ? 
_exptl_crystal_grow.time            ? 
_exptl_crystal_grow.pdbx_details    '2.3 - 2.6 M Ammonium Sulfate, 100 mM Tris-HCl, 1 mm EDTA, pH 7.4' 
_exptl_crystal_grow.pdbx_pH_range   ? 
_exptl_crystal_grow.temp            298 
# 
_diffrn.ambient_environment              ? 
_diffrn.ambient_temp                     200 
_diffrn.ambient_temp_details             ? 
_diffrn.ambient_temp_esd                 ? 
_diffrn.crystal_id                       1 
_diffrn.crystal_support                  ? 
_diffrn.crystal_treatment                ? 
_diffrn.details                          ? 
_diffrn.id                               1 
_diffrn.ambient_pressure                 ? 
_diffrn.ambient_pressure_esd             ? 
_diffrn.ambient_pressure_gt              ? 
_diffrn.ambient_pressure_lt              ? 
_diffrn.ambient_temp_gt                  ? 
_diffrn.ambient_temp_lt                  ? 
_diffrn.pdbx_serial_crystal_experiment   N 
# 
_diffrn_detector.details                      ? 
_diffrn_detector.detector                     PIXEL 
_diffrn_detector.diffrn_id                    1 
_diffrn_detector.type                         'DECTRIS PILATUS 200K' 
_diffrn_detector.area_resol_mean              ? 
_diffrn_detector.dtime                        ? 
_diffrn_detector.pdbx_frames_total            ? 
_diffrn_detector.pdbx_collection_time_total   ? 
_diffrn_detector.pdbx_collection_date         2017-10-03 
_diffrn_detector.pdbx_frequency               ? 
# 
_diffrn_radiation.collimation                      ? 
_diffrn_radiation.diffrn_id                        1 
_diffrn_radiation.filter_edge                      ? 
_diffrn_radiation.inhomogeneity                    ? 
_diffrn_radiation.monochromator                    ? 
_diffrn_radiation.polarisn_norm                    ? 
_diffrn_radiation.polarisn_ratio                   ? 
_diffrn_radiation.probe                            ? 
_diffrn_radiation.type                             ? 
_diffrn_radiation.xray_symbol                      ? 
_diffrn_radiation.wavelength_id                    1 
_diffrn_radiation.pdbx_monochromatic_or_laue_m_l   M 
_diffrn_radiation.pdbx_wavelength_list             ? 
_diffrn_radiation.pdbx_wavelength                  ? 
_diffrn_radiation.pdbx_diffrn_protocol             'SINGLE WAVELENGTH' 
_diffrn_radiation.pdbx_analyzer                    ? 
_diffrn_radiation.pdbx_scattering_type             x-ray 
# 
_diffrn_radiation_wavelength.id           1 
_diffrn_radiation_wavelength.wavelength   1.5418 
_diffrn_radiation_wavelength.wt           1.0 
# 
_diffrn_source.current                     ? 
_diffrn_source.details                     ? 
_diffrn_source.diffrn_id                   1 
_diffrn_source.power                       ? 
_diffrn_source.size                        ? 
_diffrn_source.source                      'ROTATING ANODE' 
_diffrn_source.target                      ? 
_diffrn_source.type                        'RIGAKU MICROMAX-007 HF' 
_diffrn_source.voltage                     ? 
_diffrn_source.take-off_angle              ? 
_diffrn_source.pdbx_wavelength_list        1.5418 
_diffrn_source.pdbx_wavelength             ? 
_diffrn_source.pdbx_synchrotron_beamline   ? 
_diffrn_source.pdbx_synchrotron_site       ? 
# 
_reflns.B_iso_Wilson_estimate                          ? 
_reflns.entry_id                                       8F9N 
_reflns.data_reduction_details                         ? 
_reflns.data_reduction_method                          ? 
_reflns.d_resolution_high                              1.80 
_reflns.d_resolution_low                               50.01 
_reflns.details                                        ? 
_reflns.limit_h_max                                    ? 
_reflns.limit_h_min                                    ? 
_reflns.limit_k_max                                    ? 
_reflns.limit_k_min                                    ? 
_reflns.limit_l_max                                    ? 
_reflns.limit_l_min                                    ? 
_reflns.number_all                                     ? 
_reflns.number_obs                                     19658 
_reflns.observed_criterion                             ? 
_reflns.observed_criterion_F_max                       ? 
_reflns.observed_criterion_F_min                       ? 
_reflns.observed_criterion_I_max                       ? 
_reflns.observed_criterion_I_min                       ? 
_reflns.observed_criterion_sigma_F                     ? 
_reflns.observed_criterion_sigma_I                     ? 
_reflns.percent_possible_obs                           97.87 
_reflns.R_free_details                                 ? 
_reflns.Rmerge_F_all                                   ? 
_reflns.Rmerge_F_obs                                   ? 
_reflns.Friedel_coverage                               ? 
_reflns.number_gt                                      ? 
_reflns.threshold_expression                           ? 
_reflns.pdbx_redundancy                                6.1 
_reflns.pdbx_netI_over_av_sigmaI                       ? 
_reflns.pdbx_netI_over_sigmaI                          22.28 
_reflns.pdbx_res_netI_over_av_sigmaI_2                 ? 
_reflns.pdbx_res_netI_over_sigmaI_2                    ? 
_reflns.pdbx_chi_squared                               ? 
_reflns.pdbx_scaling_rejects                           ? 
_reflns.pdbx_d_res_high_opt                            ? 
_reflns.pdbx_d_res_low_opt                             ? 
_reflns.pdbx_d_res_opt_method                          ? 
_reflns.phase_calculation_details                      ? 
_reflns.pdbx_Rrim_I_all                                0.145 
_reflns.pdbx_Rpim_I_all                                ? 
_reflns.pdbx_d_opt                                     ? 
_reflns.pdbx_number_measured_all                       ? 
_reflns.pdbx_diffrn_id                                 1 
_reflns.pdbx_ordinal                                   1 
_reflns.pdbx_CC_half                                   ? 
_reflns.pdbx_CC_star                                   ? 
_reflns.pdbx_R_split                                   ? 
_reflns.pdbx_Rmerge_I_obs                              ? 
_reflns.pdbx_Rmerge_I_all                              ? 
_reflns.pdbx_Rsym_value                                ? 
_reflns.pdbx_CC_split_method                           ? 
_reflns.pdbx_aniso_diffraction_limit_axis_1_ortho[1]   ? 
_reflns.pdbx_aniso_diffraction_limit_axis_1_ortho[2]   ? 
_reflns.pdbx_aniso_diffraction_limit_axis_1_ortho[3]   ? 
_reflns.pdbx_aniso_diffraction_limit_axis_2_ortho[1]   ? 
_reflns.pdbx_aniso_diffraction_limit_axis_2_ortho[2]   ? 
_reflns.pdbx_aniso_diffraction_limit_axis_2_ortho[3]   ? 
_reflns.pdbx_aniso_diffraction_limit_axis_3_ortho[1]   ? 
_reflns.pdbx_aniso_diffraction_limit_axis_3_ortho[2]   ? 
_reflns.pdbx_aniso_diffraction_limit_axis_3_ortho[3]   ? 
_reflns.pdbx_aniso_diffraction_limit_1                 ? 
_reflns.pdbx_aniso_diffraction_limit_2                 ? 
_reflns.pdbx_aniso_diffraction_limit_3                 ? 
_reflns.pdbx_aniso_B_tensor_eigenvector_1_ortho[1]     ? 
_reflns.pdbx_aniso_B_tensor_eigenvector_1_ortho[2]     ? 
_reflns.pdbx_aniso_B_tensor_eigenvector_1_ortho[3]     ? 
_reflns.pdbx_aniso_B_tensor_eigenvector_2_ortho[1]     ? 
_reflns.pdbx_aniso_B_tensor_eigenvector_2_ortho[2]     ? 
_reflns.pdbx_aniso_B_tensor_eigenvector_2_ortho[3]     ? 
_reflns.pdbx_aniso_B_tensor_eigenvector_3_ortho[1]     ? 
_reflns.pdbx_aniso_B_tensor_eigenvector_3_ortho[2]     ? 
_reflns.pdbx_aniso_B_tensor_eigenvector_3_ortho[3]     ? 
_reflns.pdbx_aniso_B_tensor_eigenvalue_1               ? 
_reflns.pdbx_aniso_B_tensor_eigenvalue_2               ? 
_reflns.pdbx_aniso_B_tensor_eigenvalue_3               ? 
_reflns.pdbx_orthogonalization_convention              ? 
_reflns.pdbx_percent_possible_ellipsoidal              ? 
_reflns.pdbx_percent_possible_spherical                ? 
_reflns.pdbx_percent_possible_ellipsoidal_anomalous    ? 
_reflns.pdbx_percent_possible_spherical_anomalous      ? 
_reflns.pdbx_redundancy_anomalous                      ? 
_reflns.pdbx_CC_half_anomalous                         ? 
_reflns.pdbx_absDiff_over_sigma_anomalous              ? 
_reflns.pdbx_percent_possible_anomalous                ? 
_reflns.pdbx_observed_signal_threshold                 ? 
_reflns.pdbx_signal_type                               ? 
_reflns.pdbx_signal_details                            ? 
_reflns.pdbx_signal_software_id                        ? 
# 
_reflns_shell.d_res_high                                    1.80 
_reflns_shell.d_res_low                                     1.864 
_reflns_shell.meanI_over_sigI_all                           ? 
_reflns_shell.meanI_over_sigI_obs                           ? 
_reflns_shell.number_measured_all                           ? 
_reflns_shell.number_measured_obs                           ? 
_reflns_shell.number_possible                               ? 
_reflns_shell.number_unique_all                             ? 
_reflns_shell.number_unique_obs                             1877 
_reflns_shell.percent_possible_obs                          ? 
_reflns_shell.Rmerge_F_all                                  ? 
_reflns_shell.Rmerge_F_obs                                  ? 
_reflns_shell.meanI_over_sigI_gt                            ? 
_reflns_shell.meanI_over_uI_all                             ? 
_reflns_shell.meanI_over_uI_gt                              ? 
_reflns_shell.number_measured_gt                            ? 
_reflns_shell.number_unique_gt                              ? 
_reflns_shell.percent_possible_gt                           ? 
_reflns_shell.Rmerge_F_gt                                   ? 
_reflns_shell.Rmerge_I_gt                                   ? 
_reflns_shell.pdbx_redundancy                               ? 
_reflns_shell.pdbx_chi_squared                              ? 
_reflns_shell.pdbx_netI_over_sigmaI_all                     ? 
_reflns_shell.pdbx_netI_over_sigmaI_obs                     ? 
_reflns_shell.pdbx_Rrim_I_all                               0.638 
_reflns_shell.pdbx_Rpim_I_all                               0.301 
_reflns_shell.pdbx_rejects                                  ? 
_reflns_shell.pdbx_ordinal                                  1 
_reflns_shell.pdbx_diffrn_id                                1 
_reflns_shell.pdbx_CC_half                                  0.670 
_reflns_shell.pdbx_CC_star                                  ? 
_reflns_shell.pdbx_R_split                                  ? 
_reflns_shell.percent_possible_all                          ? 
_reflns_shell.Rmerge_I_all                                  ? 
_reflns_shell.Rmerge_I_obs                                  ? 
_reflns_shell.pdbx_Rsym_value                               ? 
_reflns_shell.pdbx_percent_possible_ellipsoidal             ? 
_reflns_shell.pdbx_percent_possible_spherical               ? 
_reflns_shell.pdbx_percent_possible_ellipsoidal_anomalous   ? 
_reflns_shell.pdbx_percent_possible_spherical_anomalous     ? 
_reflns_shell.pdbx_redundancy_anomalous                     ? 
_reflns_shell.pdbx_CC_half_anomalous                        ? 
_reflns_shell.pdbx_absDiff_over_sigma_anomalous             ? 
_reflns_shell.pdbx_percent_possible_anomalous               ? 
# 
_refine.aniso_B[1][1]                            0.0800 
_refine.aniso_B[1][2]                            0.0400 
_refine.aniso_B[1][3]                            0.0000 
_refine.aniso_B[2][2]                            0.0800 
_refine.aniso_B[2][3]                            0.0000 
_refine.aniso_B[3][3]                            -0.2700 
_refine.B_iso_max                                72.100 
_refine.B_iso_mean                               15.7770 
_refine.B_iso_min                                6.600 
_refine.correlation_coeff_Fo_to_Fc               0.9400 
_refine.correlation_coeff_Fo_to_Fc_free          0.9210 
_refine.details                                  
'HYDROGENS HAVE BEEN ADDED IN THE RIDING POSITIONS U VALUES      : REFINED INDIVIDUALLY' 
_refine.diff_density_max                         ? 
_refine.diff_density_max_esd                     ? 
_refine.diff_density_min                         ? 
_refine.diff_density_min_esd                     ? 
_refine.diff_density_rms                         ? 
_refine.diff_density_rms_esd                     ? 
_refine.entry_id                                 8F9N 
_refine.pdbx_refine_id                           'X-RAY DIFFRACTION' 
_refine.ls_abs_structure_details                 ? 
_refine.ls_abs_structure_Flack                   ? 
_refine.ls_abs_structure_Flack_esd               ? 
_refine.ls_abs_structure_Rogers                  ? 
_refine.ls_abs_structure_Rogers_esd              ? 
_refine.ls_d_res_high                            1.8000 
_refine.ls_d_res_low                             50.0 
_refine.ls_extinction_coef                       ? 
_refine.ls_extinction_coef_esd                   ? 
_refine.ls_extinction_expression                 ? 
_refine.ls_extinction_method                     ? 
_refine.ls_goodness_of_fit_all                   ? 
_refine.ls_goodness_of_fit_all_esd               ? 
_refine.ls_goodness_of_fit_obs                   ? 
_refine.ls_goodness_of_fit_obs_esd               ? 
_refine.ls_hydrogen_treatment                    ? 
_refine.ls_matrix_type                           ? 
_refine.ls_number_constraints                    ? 
_refine.ls_number_parameters                     ? 
_refine.ls_number_reflns_all                     ? 
_refine.ls_number_reflns_obs                     18593 
_refine.ls_number_reflns_R_free                  929 
_refine.ls_number_reflns_R_work                  ? 
_refine.ls_number_restraints                     ? 
_refine.ls_percent_reflns_obs                    97.8700 
_refine.ls_percent_reflns_R_free                 4.8000 
_refine.ls_R_factor_all                          ? 
_refine.ls_R_factor_obs                          0.1983 
_refine.ls_R_factor_R_free                       0.2298 
_refine.ls_R_factor_R_free_error                 ? 
_refine.ls_R_factor_R_free_error_details         ? 
_refine.ls_R_factor_R_work                       0.1967 
_refine.ls_R_Fsqd_factor_obs                     ? 
_refine.ls_R_I_factor_obs                        ? 
_refine.ls_redundancy_reflns_all                 ? 
_refine.ls_redundancy_reflns_obs                 ? 
_refine.ls_restrained_S_all                      ? 
_refine.ls_restrained_S_obs                      ? 
_refine.ls_shift_over_esd_max                    ? 
_refine.ls_shift_over_esd_mean                   ? 
_refine.ls_structure_factor_coef                 ? 
_refine.ls_weighting_details                     ? 
_refine.ls_weighting_scheme                      ? 
_refine.ls_wR_factor_all                         ? 
_refine.ls_wR_factor_obs                         ? 
_refine.ls_wR_factor_R_free                      ? 
_refine.ls_wR_factor_R_work                      ? 
_refine.occupancy_max                            ? 
_refine.occupancy_min                            ? 
_refine.solvent_model_details                    MASK 
_refine.solvent_model_param_bsol                 ? 
_refine.solvent_model_param_ksol                 ? 
_refine.pdbx_R_complete                          ? 
_refine.ls_R_factor_gt                           ? 
_refine.ls_goodness_of_fit_gt                    ? 
_refine.ls_goodness_of_fit_ref                   ? 
_refine.ls_shift_over_su_max                     ? 
_refine.ls_shift_over_su_max_lt                  ? 
_refine.ls_shift_over_su_mean                    ? 
_refine.ls_shift_over_su_mean_lt                 ? 
_refine.pdbx_ls_sigma_I                          ? 
_refine.pdbx_ls_sigma_F                          0.000 
_refine.pdbx_ls_sigma_Fsqd                       ? 
_refine.pdbx_data_cutoff_high_absF               ? 
_refine.pdbx_data_cutoff_high_rms_absF           ? 
_refine.pdbx_data_cutoff_low_absF                ? 
_refine.pdbx_isotropic_thermal_model             ? 
_refine.pdbx_ls_cross_valid_method               THROUGHOUT 
_refine.pdbx_method_to_determine_struct          'MOLECULAR REPLACEMENT' 
_refine.pdbx_starting_model                      5ile 
_refine.pdbx_stereochemistry_target_values       'MAXIMUM LIKELIHOOD' 
_refine.pdbx_R_Free_selection_details            RANDOM 
_refine.pdbx_stereochem_target_val_spec_case     ? 
_refine.pdbx_overall_ESU_R                       0.1190 
_refine.pdbx_overall_ESU_R_Free                  0.1160 
_refine.pdbx_solvent_vdw_probe_radii             1.2000 
_refine.pdbx_solvent_ion_probe_radii             0.8000 
_refine.pdbx_solvent_shrinkage_radii             0.8000 
_refine.pdbx_real_space_R                        ? 
_refine.pdbx_density_correlation                 ? 
_refine.pdbx_pd_number_of_powder_patterns        ? 
_refine.pdbx_pd_number_of_points                 ? 
_refine.pdbx_pd_meas_number_of_points            ? 
_refine.pdbx_pd_proc_ls_prof_R_factor            ? 
_refine.pdbx_pd_proc_ls_prof_wR_factor           ? 
_refine.pdbx_pd_Marquardt_correlation_coeff      ? 
_refine.pdbx_pd_Fsqrd_R_factor                   ? 
_refine.pdbx_pd_ls_matrix_band_width             ? 
_refine.pdbx_overall_phase_error                 ? 
_refine.pdbx_overall_SU_R_free_Cruickshank_DPI   ? 
_refine.pdbx_overall_SU_R_free_Blow_DPI          ? 
_refine.pdbx_overall_SU_R_Blow_DPI               ? 
_refine.pdbx_TLS_residual_ADP_flag               ? 
_refine.pdbx_diffrn_id                           1 
_refine.overall_SU_B                             2.4280 
_refine.overall_SU_ML                            0.0770 
_refine.overall_SU_R_Cruickshank_DPI             ? 
_refine.overall_SU_R_free                        ? 
_refine.overall_FOM_free_R_set                   ? 
_refine.overall_FOM_work_R_set                   ? 
_refine.pdbx_average_fsc_overall                 ? 
_refine.pdbx_average_fsc_work                    ? 
_refine.pdbx_average_fsc_free                    ? 
# 
_refine_hist.pdbx_refine_id                   'X-RAY DIFFRACTION' 
_refine_hist.cycle_id                         final 
_refine_hist.details                          ? 
_refine_hist.d_res_high                       1.8000 
_refine_hist.d_res_low                        50.0 
_refine_hist.number_atoms_solvent             132 
_refine_hist.number_atoms_total               1407 
_refine_hist.number_reflns_all                ? 
_refine_hist.number_reflns_obs                ? 
_refine_hist.number_reflns_R_free             ? 
_refine_hist.number_reflns_R_work             ? 
_refine_hist.R_factor_all                     ? 
_refine_hist.R_factor_obs                     ? 
_refine_hist.R_factor_R_free                  ? 
_refine_hist.R_factor_R_work                  ? 
_refine_hist.pdbx_number_residues_total       153 
_refine_hist.pdbx_B_iso_mean_ligand           18.86 
_refine_hist.pdbx_B_iso_mean_solvent          21.12 
_refine_hist.pdbx_number_atoms_protein        1212 
_refine_hist.pdbx_number_atoms_nucleic_acid   0 
_refine_hist.pdbx_number_atoms_ligand         63 
_refine_hist.pdbx_number_atoms_lipid          ? 
_refine_hist.pdbx_number_atoms_carb           ? 
_refine_hist.pdbx_pseudo_atom_details         ? 
# 
loop_
_refine_ls_restr.pdbx_refine_id 
_refine_ls_restr.criterion 
_refine_ls_restr.dev_ideal 
_refine_ls_restr.dev_ideal_target 
_refine_ls_restr.number 
_refine_ls_restr.rejects 
_refine_ls_restr.type 
_refine_ls_restr.weight 
_refine_ls_restr.pdbx_restraint_function 
'X-RAY DIFFRACTION' ? 0.023  0.019  1307 ? r_bond_refined_d       ? ? 
'X-RAY DIFFRACTION' ? 0.002  0.020  1241 ? r_bond_other_d         ? ? 
'X-RAY DIFFRACTION' ? 2.107  2.014  1769 ? r_angle_refined_deg    ? ? 
'X-RAY DIFFRACTION' ? 1.099  2.992  2875 ? r_angle_other_deg      ? ? 
'X-RAY DIFFRACTION' ? 5.313  5.000  152  ? r_dihedral_angle_1_deg ? ? 
'X-RAY DIFFRACTION' ? 33.081 24.340 53   ? r_dihedral_angle_2_deg ? ? 
'X-RAY DIFFRACTION' ? 14.505 15.000 235  ? r_dihedral_angle_3_deg ? ? 
'X-RAY DIFFRACTION' ? 22.009 15.000 4    ? r_dihedral_angle_4_deg ? ? 
'X-RAY DIFFRACTION' ? 0.139  0.200  187  ? r_chiral_restr         ? ? 
'X-RAY DIFFRACTION' ? 0.011  0.020  1416 ? r_gen_planes_refined   ? ? 
'X-RAY DIFFRACTION' ? 0.006  0.020  261  ? r_gen_planes_other     ? ? 
# 
_refine_ls_shell.pdbx_refine_id                   'X-RAY DIFFRACTION' 
_refine_ls_shell.d_res_high                       1.80 
_refine_ls_shell.d_res_low                        1.8460 
_refine_ls_shell.number_reflns_all                ? 
_refine_ls_shell.number_reflns_obs                ? 
_refine_ls_shell.number_reflns_R_free             45 
_refine_ls_shell.number_reflns_R_work             1342 
_refine_ls_shell.percent_reflns_obs               94.4800 
_refine_ls_shell.percent_reflns_R_free            ? 
_refine_ls_shell.R_factor_all                     ? 
_refine_ls_shell.R_factor_obs                     ? 
_refine_ls_shell.R_factor_R_free_error            0.0000 
_refine_ls_shell.R_factor_R_work                  0.2670 
_refine_ls_shell.redundancy_reflns_all            ? 
_refine_ls_shell.redundancy_reflns_obs            ? 
_refine_ls_shell.wR_factor_all                    ? 
_refine_ls_shell.wR_factor_obs                    ? 
_refine_ls_shell.wR_factor_R_free                 ? 
_refine_ls_shell.wR_factor_R_work                 ? 
_refine_ls_shell.pdbx_R_complete                  ? 
_refine_ls_shell.pdbx_total_number_of_bins_used   ? 
_refine_ls_shell.pdbx_phase_error                 ? 
_refine_ls_shell.pdbx_fsc_work                    ? 
_refine_ls_shell.pdbx_fsc_free                    ? 
_refine_ls_shell.R_factor_R_free                  0.3600 
# 
_struct.entry_id                     8F9N 
_struct.title                        'H64A swMb-iPrNO adduct' 
_struct.pdbx_model_details           ? 
_struct.pdbx_formula_weight          ? 
_struct.pdbx_formula_weight_method   ? 
_struct.pdbx_model_type_details      ? 
_struct.pdbx_CASP_flag               N 
# 
_struct_keywords.entry_id        8F9N 
_struct_keywords.text            'Myoglobin, Nitroso, Nitrosoisopropane, RNO, Mb, TRANSPORT PROTEIN' 
_struct_keywords.pdbx_keywords   'TRANSPORT PROTEIN' 
# 
loop_
_struct_asym.id 
_struct_asym.pdbx_blank_PDB_chainid_flag 
_struct_asym.pdbx_modified 
_struct_asym.entity_id 
_struct_asym.details 
A N N 1 ? 
B N N 2 ? 
C N N 3 ? 
D N N 4 ? 
E N N 4 ? 
F N N 4 ? 
G N N 5 ? 
# 
loop_
_struct_conf.conf_type_id 
_struct_conf.id 
_struct_conf.pdbx_PDB_helix_id 
_struct_conf.beg_label_comp_id 
_struct_conf.beg_label_asym_id 
_struct_conf.beg_label_seq_id 
_struct_conf.pdbx_beg_PDB_ins_code 
_struct_conf.end_label_comp_id 
_struct_conf.end_label_asym_id 
_struct_conf.end_label_seq_id 
_struct_conf.pdbx_end_PDB_ins_code 
_struct_conf.beg_auth_comp_id 
_struct_conf.beg_auth_asym_id 
_struct_conf.beg_auth_seq_id 
_struct_conf.end_auth_comp_id 
_struct_conf.end_auth_asym_id 
_struct_conf.end_auth_seq_id 
_struct_conf.pdbx_PDB_helix_class 
_struct_conf.details 
_struct_conf.pdbx_PDB_helix_length 
HELX_P HELX_P1 AA1 SER A 4   ? GLU A 19  ? SER A 3   GLU A 18  1 ? 16 
HELX_P HELX_P2 AA2 ASP A 21  ? HIS A 37  ? ASP A 20  HIS A 36  1 ? 17 
HELX_P HELX_P3 AA3 PRO A 38  ? PHE A 44  ? PRO A 37  PHE A 43  5 ? 7  
HELX_P HELX_P4 AA4 THR A 52  ? SER A 59  ? THR A 51  SER A 58  1 ? 8  
HELX_P HELX_P5 AA5 SER A 59  ? LYS A 79  ? SER A 58  LYS A 78  1 ? 21 
HELX_P HELX_P6 AA6 HIS A 83  ? LYS A 97  ? HIS A 82  LYS A 96  1 ? 15 
HELX_P HELX_P7 AA7 PRO A 101 ? HIS A 120 ? PRO A 100 HIS A 119 1 ? 20 
HELX_P HELX_P8 AA8 GLY A 125 ? GLY A 151 ? GLY A 124 GLY A 150 1 ? 27 
# 
_struct_conf_type.id          HELX_P 
_struct_conf_type.criteria    ? 
_struct_conf_type.reference   ? 
# 
loop_
_struct_conn.id 
_struct_conn.conn_type_id 
_struct_conn.pdbx_leaving_atom_flag 
_struct_conn.pdbx_PDB_id 
_struct_conn.ptnr1_label_asym_id 
_struct_conn.ptnr1_label_comp_id 
_struct_conn.ptnr1_label_seq_id 
_struct_conn.ptnr1_label_atom_id 
_struct_conn.pdbx_ptnr1_label_alt_id 
_struct_conn.pdbx_ptnr1_PDB_ins_code 
_struct_conn.pdbx_ptnr1_standard_comp_id 
_struct_conn.ptnr1_symmetry 
_struct_conn.ptnr2_label_asym_id 
_struct_conn.ptnr2_label_comp_id 
_struct_conn.ptnr2_label_seq_id 
_struct_conn.ptnr2_label_atom_id 
_struct_conn.pdbx_ptnr2_label_alt_id 
_struct_conn.pdbx_ptnr2_PDB_ins_code 
_struct_conn.ptnr1_auth_asym_id 
_struct_conn.ptnr1_auth_comp_id 
_struct_conn.ptnr1_auth_seq_id 
_struct_conn.ptnr2_auth_asym_id 
_struct_conn.ptnr2_auth_comp_id 
_struct_conn.ptnr2_auth_seq_id 
_struct_conn.ptnr2_symmetry 
_struct_conn.pdbx_ptnr3_label_atom_id 
_struct_conn.pdbx_ptnr3_label_seq_id 
_struct_conn.pdbx_ptnr3_label_comp_id 
_struct_conn.pdbx_ptnr3_label_asym_id 
_struct_conn.pdbx_ptnr3_label_alt_id 
_struct_conn.pdbx_ptnr3_PDB_ins_code 
_struct_conn.details 
_struct_conn.pdbx_dist_value 
_struct_conn.pdbx_value_order 
_struct_conn.pdbx_role 
metalc1 metalc ? ? A HIS 94 NE2 ? ? ? 1_555 B HEM . FE ? ? A HIS 93  A HEM 200 1_555 ? ? ? ? ? ? ? 2.094 ? ? 
metalc2 metalc ? ? B HEM .  FE  ? ? ? 1_555 C XEP . N1 ? ? A HEM 200 A XEP 201 1_555 ? ? ? ? ? ? ? 1.971 ? ? 
metalc3 metalc ? ? B HEM .  FE  ? ? ? 1_555 C XEP . O1 ? ? A HEM 200 A XEP 201 1_555 ? ? ? ? ? ? ? 2.656 ? ? 
# 
_struct_conn_type.id          metalc 
_struct_conn_type.criteria    ? 
_struct_conn_type.reference   ? 
# 
_atom_sites.entry_id                    8F9N 
_atom_sites.Cartn_transf_matrix[1][1]   ? 
_atom_sites.Cartn_transf_matrix[1][2]   ? 
_atom_sites.Cartn_transf_matrix[1][3]   ? 
_atom_sites.Cartn_transf_matrix[2][1]   ? 
_atom_sites.Cartn_transf_matrix[2][2]   ? 
_atom_sites.Cartn_transf_matrix[2][3]   ? 
_atom_sites.Cartn_transf_matrix[3][1]   ? 
_atom_sites.Cartn_transf_matrix[3][2]   ? 
_atom_sites.Cartn_transf_matrix[3][3]   ? 
_atom_sites.Cartn_transf_vector[1]      ? 
_atom_sites.Cartn_transf_vector[2]      ? 
_atom_sites.Cartn_transf_vector[3]      ? 
_atom_sites.fract_transf_matrix[1][1]   -0.00322721 
_atom_sites.fract_transf_matrix[1][2]   0.00880225 
_atom_sites.fract_transf_matrix[1][3]   -0.00863799 
_atom_sites.fract_transf_matrix[2][1]   -0.01175168 
_atom_sites.fract_transf_matrix[2][2]   0.00007482 
_atom_sites.fract_transf_matrix[2][3]   -0.00494003 
_atom_sites.fract_transf_matrix[3][1]   -0.00670355 
_atom_sites.fract_transf_matrix[3][2]   0.01339055 
_atom_sites.fract_transf_matrix[3][3]   0.01614968 
_atom_sites.fract_transf_vector[1]      1.435388 
_atom_sites.fract_transf_vector[2]      0.293645 
_atom_sites.fract_transf_vector[3]      -0.048829 
_atom_sites.solution_primary            ? 
_atom_sites.solution_secondary          ? 
_atom_sites.solution_hydrogens          ? 
_atom_sites.special_details             ? 
# 
loop_
_atom_type.symbol 
C  
FE 
N  
O  
S  
# 
loop_
_atom_site.group_PDB 
_atom_site.id 
_atom_site.type_symbol 
_atom_site.label_atom_id 
_atom_site.label_alt_id 
_atom_site.label_comp_id 
_atom_site.label_asym_id 
_atom_site.label_entity_id 
_atom_site.label_seq_id 
_atom_site.pdbx_PDB_ins_code 
_atom_site.Cartn_x 
_atom_site.Cartn_y 
_atom_site.Cartn_z 
_atom_site.occupancy 
_atom_site.B_iso_or_equiv 
_atom_site.pdbx_formal_charge 
_atom_site.auth_seq_id 
_atom_site.auth_comp_id 
_atom_site.auth_asym_id 
_atom_site.auth_atom_id 
_atom_site.pdbx_PDB_model_num 
ATOM   1    N  N   . VAL A 1 2   ? 0.014   7.802   17.325  1.00 21.75 ? 1   VAL A N   1 
ATOM   2    C  CA  . VAL A 1 2   ? -0.840  8.919   16.808  1.00 18.60 ? 1   VAL A CA  1 
ATOM   3    C  C   . VAL A 1 2   ? 0.022   9.985   16.144  1.00 17.11 ? 1   VAL A C   1 
ATOM   4    O  O   . VAL A 1 2   ? 0.955   10.501  16.758  1.00 19.42 ? 1   VAL A O   1 
ATOM   5    C  CB  . VAL A 1 2   ? -1.643  9.547   17.960  1.00 21.50 ? 1   VAL A CB  1 
ATOM   6    C  CG1 . VAL A 1 2   ? -2.513  10.690  17.453  1.00 20.79 ? 1   VAL A CG1 1 
ATOM   7    C  CG2 . VAL A 1 2   ? -2.489  8.452   18.645  1.00 22.93 ? 1   VAL A CG2 1 
ATOM   8    N  N   . LEU A 1 3   ? -0.272  10.316  14.885  1.00 13.31 ? 2   LEU A N   1 
ATOM   9    C  CA  . LEU A 1 3   ? 0.501   11.290  14.145  1.00 13.29 ? 2   LEU A CA  1 
ATOM   10   C  C   . LEU A 1 3   ? 0.053   12.686  14.498  1.00 12.73 ? 2   LEU A C   1 
ATOM   11   O  O   . LEU A 1 3   ? -1.150  12.916  14.846  1.00 12.72 ? 2   LEU A O   1 
ATOM   12   C  CB  . LEU A 1 3   ? 0.250   11.171  12.615  1.00 12.75 ? 2   LEU A CB  1 
ATOM   13   C  CG  . LEU A 1 3   ? 1.038   10.030  11.952  1.00 13.09 ? 2   LEU A CG  1 
ATOM   14   C  CD1 . LEU A 1 3   ? 0.458   8.678   12.306  1.00 12.93 ? 2   LEU A CD1 1 
ATOM   15   C  CD2 . LEU A 1 3   ? 1.032   10.162  10.426  1.00 13.45 ? 2   LEU A CD2 1 
ATOM   16   N  N   . SER A 1 4   ? 0.990   13.608  14.375  1.00 12.84 ? 3   SER A N   1 
ATOM   17   C  CA  . SER A 1 4   ? 0.666   15.061  14.462  1.00 13.42 ? 3   SER A CA  1 
ATOM   18   C  C   . SER A 1 4   ? 0.032   15.504  13.150  1.00 12.13 ? 3   SER A C   1 
ATOM   19   O  O   . SER A 1 4   ? 0.212   14.848  12.144  1.00 13.41 ? 3   SER A O   1 
ATOM   20   C  CB  . SER A 1 4   ? 1.950   15.833  14.747  1.00 14.66 ? 3   SER A CB  1 
ATOM   21   O  OG  . SER A 1 4   ? 2.708   15.825  13.610  1.00 14.13 ? 3   SER A OG  1 
ATOM   22   N  N   . GLU A 1 5   ? -0.682  16.609  13.155  1.00 12.02 ? 4   GLU A N   1 
ATOM   23   C  CA  . GLU A 1 5   ? -1.157  17.262  11.954  1.00 11.64 ? 4   GLU A CA  1 
ATOM   24   C  C   . GLU A 1 5   ? 0.036   17.537  10.999  1.00 11.09 ? 4   GLU A C   1 
ATOM   25   O  O   . GLU A 1 5   ? -0.104  17.377  9.796   1.00 10.81 ? 4   GLU A O   1 
ATOM   26   C  CB  . GLU A 1 5   ? -1.886  18.564  12.283  1.00 13.29 ? 4   GLU A CB  1 
ATOM   27   C  CG  . GLU A 1 5   ? -2.337  19.397  11.074  1.00 13.32 ? 4   GLU A CG  1 
ATOM   28   C  CD  . GLU A 1 5   ? -3.310  18.713  10.125  1.00 14.22 ? 4   GLU A CD  1 
ATOM   29   O  OE1 . GLU A 1 5   ? -3.943  17.685  10.406  1.00 14.91 ? 4   GLU A OE1 1 
ATOM   30   O  OE2 . GLU A 1 5   ? -3.555  19.272  9.059   1.00 14.36 ? 4   GLU A OE2 1 
ATOM   31   N  N   . GLY A 1 6   ? 1.132   18.026  11.523  1.00 11.65 ? 5   GLY A N   1 
ATOM   32   C  CA  . GLY A 1 6   ? 2.337   18.284  10.704  1.00 12.51 ? 5   GLY A CA  1 
ATOM   33   C  C   . GLY A 1 6   ? 2.818   17.029  9.946   1.00 12.32 ? 5   GLY A C   1 
ATOM   34   O  O   . GLY A 1 6   ? 3.192   17.076  8.715   1.00 13.00 ? 5   GLY A O   1 
ATOM   35   N  N   . GLU A 1 7   ? 2.787   15.903  10.640  1.00 12.56 ? 6   GLU A N   1 
ATOM   36   C  CA  . GLU A 1 7   ? 3.121   14.616  10.050  1.00 11.87 ? 6   GLU A CA  1 
ATOM   37   C  C   . GLU A 1 7   ? 2.102   14.207  8.982   1.00 11.53 ? 6   GLU A C   1 
ATOM   38   O  O   . GLU A 1 7   ? 2.482   13.849  7.860   1.00 12.23 ? 6   GLU A O   1 
ATOM   39   C  CB  . GLU A 1 7   ? 3.280   13.505  11.067  1.00 12.60 ? 6   GLU A CB  1 
ATOM   40   C  CG  . GLU A 1 7   ? 4.484   13.672  11.941  1.00 14.19 ? 6   GLU A CG  1 
ATOM   41   C  CD  . GLU A 1 7   ? 4.491   12.868  13.212  1.00 16.60 ? 6   GLU A CD  1 
ATOM   42   O  OE1 . GLU A 1 7   ? 3.438   12.375  13.682  1.00 14.40 ? 6   GLU A OE1 1 
ATOM   43   O  OE2 . GLU A 1 7   ? 5.626   12.718  13.748  1.00 16.31 ? 6   GLU A OE2 1 
ATOM   44   N  N   . TRP A 1 8   ? 0.824   14.316  9.296   1.00 10.15 ? 7   TRP A N   1 
ATOM   45   C  CA  . TRP A 1 8   ? -0.211  14.113  8.249   1.00 10.68 ? 7   TRP A CA  1 
ATOM   46   C  C   . TRP A 1 8   ? 0.022   15.018  6.997   1.00 10.30 ? 7   TRP A C   1 
ATOM   47   O  O   . TRP A 1 8   ? -0.107  14.561  5.846   1.00 9.36  ? 7   TRP A O   1 
ATOM   48   C  CB  . TRP A 1 8   ? -1.626  14.332  8.819   1.00 10.80 ? 7   TRP A CB  1 
ATOM   49   C  CG  . TRP A 1 8   ? -2.072  13.183  9.719   1.00 10.87 ? 7   TRP A CG  1 
ATOM   50   C  CD1 . TRP A 1 8   ? -2.460  13.231  11.068  1.00 10.28 ? 7   TRP A CD1 1 
ATOM   51   C  CD2 . TRP A 1 8   ? -2.204  11.815  9.319   1.00 9.67  ? 7   TRP A CD2 1 
ATOM   52   N  NE1 . TRP A 1 8   ? -2.780  11.980  11.500  1.00 11.20 ? 7   TRP A NE1 1 
ATOM   53   C  CE2 . TRP A 1 8   ? -2.623  11.094  10.458  1.00 9.89  ? 7   TRP A CE2 1 
ATOM   54   C  CE3 . TRP A 1 8   ? -1.958  11.118  8.122   1.00 10.98 ? 7   TRP A CE3 1 
ATOM   55   C  CZ2 . TRP A 1 8   ? -2.870  9.722   10.414  1.00 9.92  ? 7   TRP A CZ2 1 
ATOM   56   C  CZ3 . TRP A 1 8   ? -2.218  9.744   8.103   1.00 10.40 ? 7   TRP A CZ3 1 
ATOM   57   C  CH2 . TRP A 1 8   ? -2.653  9.087   9.247   1.00 9.56  ? 7   TRP A CH2 1 
ATOM   58   N  N   . GLN A 1 9   ? 0.393   16.295  7.188   1.00 11.58 ? 8   GLN A N   1 
ATOM   59   C  CA  . GLN A 1 9   ? 0.587   17.143  6.029   1.00 12.70 ? 8   GLN A CA  1 
ATOM   60   C  C   . GLN A 1 9   ? 1.765   16.699  5.162   1.00 13.45 ? 8   GLN A C   1 
ATOM   61   O  O   . GLN A 1 9   ? 1.659   16.744  3.918   1.00 12.42 ? 8   GLN A O   1 
ATOM   62   C  CB  . GLN A 1 9   ? 0.682   18.617  6.436   1.00 14.64 ? 8   GLN A CB  1 
ATOM   63   C  CG  . GLN A 1 9   ? -0.650  19.134  7.001   1.00 16.35 ? 8   GLN A CG  1 
ATOM   64   C  CD  . GLN A 1 9   ? -1.792  19.097  5.988   1.00 20.48 ? 8   GLN A CD  1 
ATOM   65   O  OE1 . GLN A 1 9   ? -1.586  19.409  4.801   1.00 28.27 ? 8   GLN A OE1 1 
ATOM   66   N  NE2 . GLN A 1 9   ? -2.987  18.640  6.420   1.00 25.89 ? 8   GLN A NE2 1 
ATOM   67   N  N   . LEU A 1 10  ? 2.807   16.184  5.776   1.00 12.52 ? 9   LEU A N   1 
ATOM   68   C  CA  . LEU A 1 10  ? 3.887   15.597  4.967   1.00 13.09 ? 9   LEU A CA  1 
ATOM   69   C  C   . LEU A 1 10  ? 3.406   14.392  4.176   1.00 12.26 ? 9   LEU A C   1 
ATOM   70   O  O   . LEU A 1 10  ? 3.808   14.214  3.021   1.00 13.49 ? 9   LEU A O   1 
ATOM   71   C  CB  . LEU A 1 10  ? 5.059   15.208  5.821   1.00 13.87 ? 9   LEU A CB  1 
ATOM   72   C  CG  . LEU A 1 10  ? 5.844   16.358  6.502   1.00 14.76 ? 9   LEU A CG  1 
ATOM   73   C  CD1 . LEU A 1 10  ? 6.839   15.743  7.425   1.00 16.30 ? 9   LEU A CD1 1 
ATOM   74   C  CD2 . LEU A 1 10  ? 6.504   17.267  5.466   1.00 18.47 ? 9   LEU A CD2 1 
ATOM   75   N  N   . VAL A 1 11  ? 2.528   13.566  4.750   1.00 10.42 ? 10  VAL A N   1 
ATOM   76   C  CA  . VAL A 1 11  ? 1.988   12.382  4.075   1.00 10.41 ? 10  VAL A CA  1 
ATOM   77   C  C   . VAL A 1 11  ? 1.175   12.800  2.886   1.00 10.04 ? 10  VAL A C   1 
ATOM   78   O  O   . VAL A 1 11  ? 1.328   12.303  1.784   1.00 9.16  ? 10  VAL A O   1 
ATOM   79   C  CB  . VAL A 1 11  ? 1.138   11.503  5.063   1.00 9.92  ? 10  VAL A CB  1 
ATOM   80   C  CG1 . VAL A 1 11  ? 0.342   10.390  4.351   1.00 11.66 ? 10  VAL A CG1 1 
ATOM   81   C  CG2 . VAL A 1 11  ? 2.055   10.956  6.105   1.00 10.58 ? 10  VAL A CG2 1 
ATOM   82   N  N   . LEU A 1 12  ? 0.236   13.705  3.147   1.00 11.25 ? 11  LEU A N   1 
ATOM   83   C  CA  . LEU A 1 12  ? -0.669  14.200  2.166   1.00 12.72 ? 11  LEU A CA  1 
ATOM   84   C  C   . LEU A 1 12  ? 0.012   15.035  1.076   1.00 13.10 ? 11  LEU A C   1 
ATOM   85   O  O   . LEU A 1 12  ? -0.438  14.943  -0.098  1.00 12.79 ? 11  LEU A O   1 
ATOM   86   C  CB  . LEU A 1 12  ? -1.866  14.924  2.824   1.00 14.23 ? 11  LEU A CB  1 
ATOM   87   C  CG  . LEU A 1 12  ? -2.740  14.110  3.749   1.00 14.86 ? 11  LEU A CG  1 
ATOM   88   C  CD1 . LEU A 1 12  ? -3.799  15.034  4.294   1.00 17.63 ? 11  LEU A CD1 1 
ATOM   89   C  CD2 . LEU A 1 12  ? -3.280  12.820  3.119   1.00 16.02 ? 11  LEU A CD2 1 
ATOM   90   N  N   . HIS A 1 13  ? 1.122   15.733  1.379   1.00 13.15 ? 12  HIS A N   1 
ATOM   91   C  CA  . HIS A 1 13  ? 1.854   16.416  0.288   1.00 15.46 ? 12  HIS A CA  1 
ATOM   92   C  C   . HIS A 1 13  ? 2.484   15.487  -0.691  1.00 13.00 ? 12  HIS A C   1 
ATOM   93   O  O   . HIS A 1 13  ? 2.472   15.762  -1.873  1.00 14.41 ? 12  HIS A O   1 
ATOM   94   C  CB  . HIS A 1 13  ? 2.910   17.382  0.823   1.00 19.98 ? 12  HIS A CB  1 
ATOM   95   C  CG  . HIS A 1 13  ? 2.344   18.712  1.083   1.00 31.18 ? 12  HIS A CG  1 
ATOM   96   N  ND1 . HIS A 1 13  ? 2.692   19.822  0.342   1.00 35.10 ? 12  HIS A ND1 1 
ATOM   97   C  CD2 . HIS A 1 13  ? 1.333   19.098  1.911   1.00 36.44 ? 12  HIS A CD2 1 
ATOM   98   C  CE1 . HIS A 1 13  ? 1.984   20.857  0.771   1.00 39.54 ? 12  HIS A CE1 1 
ATOM   99   N  NE2 . HIS A 1 13  ? 1.139   20.442  1.705   1.00 35.73 ? 12  HIS A NE2 1 
ATOM   100  N  N   . VAL A 1 14  ? 3.070   14.399  -0.226  1.00 11.13 ? 13  VAL A N   1 
ATOM   101  C  CA  . VAL A 1 14  ? 3.657   13.456  -1.179  1.00 11.17 ? 13  VAL A CA  1 
ATOM   102  C  C   . VAL A 1 14  ? 2.528   12.682  -1.875  1.00 10.69 ? 13  VAL A C   1 
ATOM   103  O  O   . VAL A 1 14  ? 2.634   12.367  -3.073  1.00 10.30 ? 13  VAL A O   1 
ATOM   104  C  CB  . VAL A 1 14  ? 4.764   12.521  -0.588  1.00 10.99 ? 13  VAL A CB  1 
ATOM   105  C  CG1 . VAL A 1 14  ? 4.157   11.418  0.276   1.00 11.47 ? 13  VAL A CG1 1 
ATOM   106  C  CG2 . VAL A 1 14  ? 5.543   11.840  -1.721  1.00 11.44 ? 13  VAL A CG2 1 
ATOM   107  N  N   . TRP A 1 15  ? 1.413   12.408  -1.180  1.00 9.25  ? 14  TRP A N   1 
ATOM   108  C  CA  . TRP A 1 15  ? 0.267   11.760  -1.852  1.00 10.23 ? 14  TRP A CA  1 
ATOM   109  C  C   . TRP A 1 15  ? -0.293  12.499  -3.036  1.00 10.15 ? 14  TRP A C   1 
ATOM   110  O  O   . TRP A 1 15  ? -0.736  11.864  -4.036  1.00 8.76  ? 14  TRP A O   1 
ATOM   111  C  CB  . TRP A 1 15  ? -0.861  11.300  -0.869  1.00 10.07 ? 14  TRP A CB  1 
ATOM   112  C  CG  . TRP A 1 15  ? -1.404  9.945   -1.322  1.00 9.55  ? 14  TRP A CG  1 
ATOM   113  C  CD1 . TRP A 1 15  ? -2.582  9.691   -1.984  1.00 9.83  ? 14  TRP A CD1 1 
ATOM   114  C  CD2 . TRP A 1 15  ? -0.731  8.667   -1.260  1.00 9.64  ? 14  TRP A CD2 1 
ATOM   115  N  NE1 . TRP A 1 15  ? -2.720  8.391   -2.251  1.00 9.62  ? 14  TRP A NE1 1 
ATOM   116  C  CE2 . TRP A 1 15  ? -1.602  7.713   -1.888  1.00 10.36 ? 14  TRP A CE2 1 
ATOM   117  C  CE3 . TRP A 1 15  ? 0.428   8.238   -0.719  1.00 11.09 ? 14  TRP A CE3 1 
ATOM   118  C  CZ2 . TRP A 1 15  ? -1.300  6.381   -1.967  1.00 11.38 ? 14  TRP A CZ2 1 
ATOM   119  C  CZ3 . TRP A 1 15  ? 0.768   6.892   -0.857  1.00 12.80 ? 14  TRP A CZ3 1 
ATOM   120  C  CH2 . TRP A 1 15  ? -0.110  5.990   -1.457  1.00 10.34 ? 14  TRP A CH2 1 
ATOM   121  N  N   . ALA A 1 16  ? -0.259  13.843  -2.911  1.00 11.36 ? 15  ALA A N   1 
ATOM   122  C  CA  . ALA A 1 16  ? -0.770  14.758  -3.931  1.00 12.81 ? 15  ALA A CA  1 
ATOM   123  C  C   . ALA A 1 16  ? 0.037   14.559  -5.248  1.00 11.57 ? 15  ALA A C   1 
ATOM   124  O  O   . ALA A 1 16  ? -0.511  14.666  -6.395  1.00 9.66  ? 15  ALA A O   1 
ATOM   125  C  CB  . ALA A 1 16  ? -0.700  16.162  -3.387  1.00 14.21 ? 15  ALA A CB  1 
ATOM   126  N  N   . LYS A 1 17  ? 1.299   14.150  -5.102  1.00 10.95 ? 16  LYS A N   1 
ATOM   127  C  CA  . LYS A 1 17  ? 2.165   13.906  -6.277  1.00 10.91 ? 16  LYS A CA  1 
ATOM   128  C  C   . LYS A 1 17  ? 1.903   12.574  -6.896  1.00 10.38 ? 16  LYS A C   1 
ATOM   129  O  O   . LYS A 1 17  ? 1.757   12.473  -8.103  1.00 10.07 ? 16  LYS A O   1 
ATOM   130  C  CB  . LYS A 1 17  ? 3.639   14.037  -5.960  1.00 12.14 ? 16  LYS A CB  1 
ATOM   131  C  CG  . LYS A 1 17  ? 4.131   15.275  -5.311  1.00 15.15 ? 16  LYS A CG  1 
ATOM   132  C  CD  . LYS A 1 17  ? 3.867   16.500  -6.123  1.00 17.65 ? 16  LYS A CD  1 
ATOM   133  C  CE  . LYS A 1 17  ? 3.760   17.745  -5.323  1.00 20.75 ? 16  LYS A CE  1 
ATOM   134  N  NZ  . LYS A 1 17  ? 2.876   18.683  -6.090  1.00 25.96 ? 16  LYS A NZ  1 
ATOM   135  N  N   . VAL A 1 18  ? 1.738   11.527  -6.043  1.00 8.83  ? 17  VAL A N   1 
ATOM   136  C  CA  . VAL A 1 18  ? 1.258   10.246  -6.462  1.00 9.50  ? 17  VAL A CA  1 
ATOM   137  C  C   . VAL A 1 18  ? 0.025   10.399  -7.330  1.00 8.84  ? 17  VAL A C   1 
ATOM   138  O  O   . VAL A 1 18  ? -0.091  9.771   -8.405  1.00 10.45 ? 17  VAL A O   1 
ATOM   139  C  CB  . VAL A 1 18  ? 0.869   9.289   -5.231  1.00 9.34  ? 17  VAL A CB  1 
ATOM   140  C  CG1 . VAL A 1 18  ? 0.183   7.965   -5.693  1.00 10.92 ? 17  VAL A CG1 1 
ATOM   141  C  CG2 . VAL A 1 18  ? 2.117   9.026   -4.453  1.00 10.24 ? 17  VAL A CG2 1 
ATOM   142  N  N   . GLU A 1 19  ? -0.889  11.219  -6.849  1.00 9.49  ? 18  GLU A N   1 
ATOM   143  C  CA  . GLU A 1 19  ? -2.174  11.428  -7.576  1.00 10.24 ? 18  GLU A CA  1 
ATOM   144  C  C   . GLU A 1 19  ? -2.083  12.086  -8.940  1.00 9.13  ? 18  GLU A C   1 
ATOM   145  O  O   . GLU A 1 19  ? -3.083  12.079  -9.702  1.00 8.73  ? 18  GLU A O   1 
ATOM   146  C  CB  . GLU A 1 19  ? -3.207  12.120  -6.681  1.00 11.40 ? 18  GLU A CB  1 
ATOM   147  C  CG  . GLU A 1 19  ? -3.696  11.213  -5.598  1.00 11.79 ? 18  GLU A CG  1 
ATOM   148  C  CD  . GLU A 1 19  ? -4.590  11.909  -4.596  1.00 13.14 ? 18  GLU A CD  1 
ATOM   149  O  OE1 . GLU A 1 19  ? -4.541  13.130  -4.542  1.00 11.96 ? 18  GLU A OE1 1 
ATOM   150  O  OE2 . GLU A 1 19  ? -5.324  11.208  -3.862  1.00 11.46 ? 18  GLU A OE2 1 
ATOM   151  N  N   . ALA A 1 20  ? -0.946  12.676  -9.303  1.00 9.32  ? 19  ALA A N   1 
ATOM   152  C  CA  . ALA A 1 20  ? -0.738  13.110  -10.691 1.00 10.29 ? 19  ALA A CA  1 
ATOM   153  C  C   . ALA A 1 20  ? -0.877  11.938  -11.602 1.00 9.84  ? 19  ALA A C   1 
ATOM   154  O  O   . ALA A 1 20  ? -1.247  12.082  -12.750 1.00 9.36  ? 19  ALA A O   1 
ATOM   155  C  CB  . ALA A 1 20  ? 0.653   13.777  -10.936 1.00 10.77 ? 19  ALA A CB  1 
ATOM   156  N  N   . ASP A 1 21  ? -0.490  10.730  -11.133 1.00 10.73 ? 20  ASP A N   1 
ATOM   157  C  CA  . ASP A 1 21  ? -0.512  9.576   -12.001 1.00 11.03 ? 20  ASP A CA  1 
ATOM   158  C  C   . ASP A 1 21  ? -0.632  8.313   -11.148 1.00 10.07 ? 20  ASP A C   1 
ATOM   159  O  O   . ASP A 1 21  ? 0.323   7.584   -10.990 1.00 9.34  ? 20  ASP A O   1 
ATOM   160  C  CB  . ASP A 1 21  ? 0.794   9.538   -12.885 1.00 11.86 ? 20  ASP A CB  1 
ATOM   161  C  CG  . ASP A 1 21  ? 0.861   8.293   -13.844 1.00 12.51 ? 20  ASP A CG  1 
ATOM   162  O  OD1 . ASP A 1 21  ? -0.120  7.547   -14.082 1.00 11.11 ? 20  ASP A OD1 1 
ATOM   163  O  OD2 . ASP A 1 21  ? 1.935   8.038   -14.440 1.00 14.77 ? 20  ASP A OD2 1 
ATOM   164  N  N   . VAL A 1 22  ? -1.814  8.066   -10.572 1.00 8.57  ? 21  VAL A N   1 
ATOM   165  C  CA  . VAL A 1 22  ? -1.872  6.937   -9.663  1.00 8.77  ? 21  VAL A CA  1 
ATOM   166  C  C   . VAL A 1 22  ? -1.576  5.613   -10.376 1.00 9.17  ? 21  VAL A C   1 
ATOM   167  O  O   . VAL A 1 22  ? -0.928  4.739   -9.806  1.00 7.87  ? 21  VAL A O   1 
ATOM   168  C  CB  . VAL A 1 22  ? -3.186  6.912   -8.848  1.00 9.89  ? 21  VAL A CB  1 
ATOM   169  C  CG1 . VAL A 1 22  ? -4.394  6.572   -9.692  1.00 10.93 ? 21  VAL A CG1 1 
ATOM   170  C  CG2 . VAL A 1 22  ? -3.087  5.923   -7.686  1.00 10.18 ? 21  VAL A CG2 1 
ATOM   171  N  N   . ALA A 1 23  ? -1.985  5.446   -11.633 1.00 8.01  ? 22  ALA A N   1 
ATOM   172  C  CA  . ALA A 1 23  ? -1.748  4.171   -12.308 1.00 8.87  ? 22  ALA A CA  1 
ATOM   173  C  C   . ALA A 1 23  ? -0.239  3.857   -12.487 1.00 9.39  ? 22  ALA A C   1 
ATOM   174  O  O   . ALA A 1 23  ? 0.178   2.784   -12.179 1.00 9.71  ? 22  ALA A O   1 
ATOM   175  C  CB  . ALA A 1 23  ? -2.421  4.219   -13.647 1.00 9.00  ? 22  ALA A CB  1 
ATOM   176  N  N   . GLY A 1 24  ? 0.547   4.857   -12.894 1.00 9.79  ? 23  GLY A N   1 
ATOM   177  C  CA  . GLY A 1 24  ? 2.020   4.737   -12.990 1.00 8.72  ? 23  GLY A CA  1 
ATOM   178  C  C   . GLY A 1 24  ? 2.721   4.365   -11.665 1.00 7.98  ? 23  GLY A C   1 
ATOM   179  O  O   . GLY A 1 24  ? 3.609   3.465   -11.608 1.00 8.47  ? 23  GLY A O   1 
ATOM   180  N  N   . HIS A 1 25  ? 2.346   5.058   -10.608 1.00 7.56  ? 24  HIS A N   1 
ATOM   181  C  CA  . HIS A 1 25  ? 2.868   4.813   -9.266  1.00 7.71  ? 24  HIS A CA  1 
ATOM   182  C  C   . HIS A 1 25  ? 2.445   3.379   -8.860  1.00 8.12  ? 24  HIS A C   1 
ATOM   183  O  O   . HIS A 1 25  ? 3.228   2.637   -8.246  1.00 8.65  ? 24  HIS A O   1 
ATOM   184  C  CB  . HIS A 1 25  ? 2.338   5.881   -8.279  1.00 7.73  ? 24  HIS A CB  1 
ATOM   185  C  CG  . HIS A 1 25  ? 2.961   7.270   -8.454  1.00 7.63  ? 24  HIS A CG  1 
ATOM   186  N  ND1 . HIS A 1 25  ? 2.601   8.178   -9.436  1.00 7.61  ? 24  HIS A ND1 1 
ATOM   187  C  CD2 . HIS A 1 25  ? 3.945   7.861   -7.735  1.00 8.60  ? 24  HIS A CD2 1 
ATOM   188  C  CE1 . HIS A 1 25  ? 3.307   9.290   -9.268  1.00 8.47  ? 24  HIS A CE1 1 
ATOM   189  N  NE2 . HIS A 1 25  ? 4.167   9.103   -8.282  1.00 8.40  ? 24  HIS A NE2 1 
ATOM   190  N  N   . GLY A 1 26  ? 1.188   2.993   -9.128  1.00 7.29  ? 25  GLY A N   1 
ATOM   191  C  CA  . GLY A 1 26  ? 0.747   1.618   -8.703  1.00 7.63  ? 25  GLY A CA  1 
ATOM   192  C  C   . GLY A 1 26  ? 1.476   0.506   -9.451  1.00 7.65  ? 25  GLY A C   1 
ATOM   193  O  O   . GLY A 1 26  ? 1.804   -0.497  -8.895  1.00 8.09  ? 25  GLY A O   1 
ATOM   194  N  N   . GLN A 1 27  ? 1.803   0.688   -10.722 1.00 8.17  ? 26  GLN A N   1 
ATOM   195  C  CA  . GLN A 1 27  ? 2.639   -0.213  -11.470 1.00 8.42  ? 26  GLN A CA  1 
ATOM   196  C  C   . GLN A 1 27  ? 3.983   -0.309  -10.805 1.00 8.89  ? 26  GLN A C   1 
ATOM   197  O  O   . GLN A 1 27  ? 4.441   -1.423  -10.528 1.00 8.52  ? 26  GLN A O   1 
ATOM   198  C  CB  . GLN A 1 27  ? 2.849   0.176   -12.959 1.00 9.54  ? 26  GLN A CB  1 
ATOM   199  C  CG  . GLN A 1 27  ? 1.550   0.057   -13.736 1.00 11.18 ? 26  GLN A CG  1 
ATOM   200  C  CD  . GLN A 1 27  ? 1.697   0.605   -15.097 1.00 13.04 ? 26  GLN A CD  1 
ATOM   201  O  OE1 . GLN A 1 27  ? 2.006   1.804   -15.228 1.00 14.50 ? 26  GLN A OE1 1 
ATOM   202  N  NE2 . GLN A 1 27  ? 1.466   -0.200  -16.093 1.00 14.05 ? 26  GLN A NE2 1 
ATOM   203  N  N   . ASP A 1 28  ? 4.599   0.808   -10.515 1.00 8.71  ? 27  ASP A N   1 
ATOM   204  C  CA  . ASP A 1 28  ? 5.986   0.740   -9.953  1.00 8.66  ? 27  ASP A CA  1 
ATOM   205  C  C   . ASP A 1 28  ? 5.998   0.034   -8.606  1.00 9.02  ? 27  ASP A C   1 
ATOM   206  O  O   . ASP A 1 28  ? 6.907   -0.771  -8.304  1.00 8.75  ? 27  ASP A O   1 
ATOM   207  C  CB  . ASP A 1 28  ? 6.575   2.116   -9.762  1.00 9.02  ? 27  ASP A CB  1 
ATOM   208  C  CG  . ASP A 1 28  ? 7.018   2.811   -11.052 1.00 10.05 ? 27  ASP A CG  1 
ATOM   209  O  OD1 . ASP A 1 28  ? 6.862   2.221   -12.137 1.00 10.23 ? 27  ASP A OD1 1 
ATOM   210  O  OD2 . ASP A 1 28  ? 7.507   3.980   -10.913 1.00 10.87 ? 27  ASP A OD2 1 
ATOM   211  N  N   . ILE A 1 29  ? 5.011   0.398   -7.763  1.00 8.21  ? 28  ILE A N   1 
ATOM   212  C  CA  . ILE A 1 29  ? 4.885   -0.166  -6.451  1.00 9.00  ? 28  ILE A CA  1 
ATOM   213  C  C   . ILE A 1 29  ? 4.570   -1.685  -6.462  1.00 8.95  ? 28  ILE A C   1 
ATOM   214  O  O   . ILE A 1 29  ? 5.285   -2.466  -5.751  1.00 9.23  ? 28  ILE A O   1 
ATOM   215  C  CB  . ILE A 1 29  ? 3.887   0.663   -5.597  1.00 8.66  ? 28  ILE A CB  1 
ATOM   216  C  CG1 . ILE A 1 29  ? 4.545   1.943   -5.129  1.00 8.41  ? 28  ILE A CG1 1 
ATOM   217  C  CG2 . ILE A 1 29  ? 3.446   -0.062  -4.331  1.00 8.49  ? 28  ILE A CG2 1 
ATOM   218  C  CD1 . ILE A 1 29  ? 3.565   2.996   -4.771  1.00 9.14  ? 28  ILE A CD1 1 
ATOM   219  N  N   . LEU A 1 30  ? 3.614   -2.148  -7.247  1.00 8.22  ? 29  LEU A N   1 
ATOM   220  C  CA  . LEU A 1 30  ? 3.426   -3.557  -7.290  1.00 9.24  ? 29  LEU A CA  1 
ATOM   221  C  C   . LEU A 1 30  ? 4.625   -4.299  -7.880  1.00 10.58 ? 29  LEU A C   1 
ATOM   222  O  O   . LEU A 1 30  ? 4.934   -5.410  -7.452  1.00 13.29 ? 29  LEU A O   1 
ATOM   223  C  CB  . LEU A 1 30  ? 2.112   -3.947  -8.013  1.00 8.67  ? 29  LEU A CB  1 
ATOM   224  C  CG  . LEU A 1 30  ? 0.816   -3.499  -7.293  1.00 9.06  ? 29  LEU A CG  1 
ATOM   225  C  CD1 . LEU A 1 30  ? -0.367  -3.914  -8.118  1.00 9.81  ? 29  LEU A CD1 1 
ATOM   226  C  CD2 . LEU A 1 30  ? 0.750   -4.026  -5.867  1.00 9.31  ? 29  LEU A CD2 1 
ATOM   227  N  N   . ILE A 1 31  ? 5.232   -3.772  -8.934  1.00 11.27 ? 30  ILE A N   1 
ATOM   228  C  CA  . ILE A 1 31  ? 6.376   -4.445  -9.513  1.00 11.02 ? 30  ILE A CA  1 
ATOM   229  C  C   . ILE A 1 31  ? 7.477   -4.594  -8.511  1.00 11.90 ? 30  ILE A C   1 
ATOM   230  O  O   . ILE A 1 31  ? 8.139   -5.644  -8.439  1.00 10.00 ? 30  ILE A O   1 
ATOM   231  C  CB  . ILE A 1 31  ? 6.797   -3.737  -10.812 1.00 11.39 ? 30  ILE A CB  1 
ATOM   232  C  CG1 . ILE A 1 31  ? 5.740   -4.052  -11.873 1.00 12.29 ? 30  ILE A CG1 1 
ATOM   233  C  CG2 . ILE A 1 31  ? 8.171   -4.173  -11.286 1.00 11.59 ? 30  ILE A CG2 1 
ATOM   234  C  CD1 . ILE A 1 31  ? 5.892   -3.193  -13.157 1.00 13.09 ? 30  ILE A CD1 1 
ATOM   235  N  N   . ARG A 1 32  ? 7.694   -3.537  -7.749  1.00 10.65 ? 31  ARG A N   1 
ATOM   236  C  CA  . ARG A 1 32  ? 8.751   -3.566  -6.708  1.00 11.77 ? 31  ARG A CA  1 
ATOM   237  C  C   . ARG A 1 32  ? 8.421   -4.606  -5.678  1.00 11.94 ? 31  ARG A C   1 
ATOM   238  O  O   . ARG A 1 32  ? 9.289   -5.356  -5.201  1.00 12.81 ? 31  ARG A O   1 
ATOM   239  C  CB  . ARG A 1 32  ? 8.823   -2.196  -6.076  1.00 12.12 ? 31  ARG A CB  1 
ATOM   240  C  CG  . ARG A 1 32  ? 9.775   -2.056  -4.880  1.00 12.79 ? 31  ARG A CG  1 
ATOM   241  C  CD  . ARG A 1 32  ? 11.223  -2.350  -5.327  1.00 15.25 ? 31  ARG A CD  1 
ATOM   242  N  NE  . ARG A 1 32  ? 12.061  -2.439  -4.149  1.00 16.45 ? 31  ARG A NE  1 
ATOM   243  C  CZ  . ARG A 1 32  ? 13.378  -2.555  -4.152  1.00 16.51 ? 31  ARG A CZ  1 
ATOM   244  N  NH1 . ARG A 1 32  ? 14.063  -2.552  -5.269  1.00 16.96 ? 31  ARG A NH1 1 
ATOM   245  N  NH2 . ARG A 1 32  ? 13.992  -2.667  -3.003  1.00 18.69 ? 31  ARG A NH2 1 
ATOM   246  N  N   . LEU A 1 33  ? 7.151   -4.618  -5.272  1.00 11.63 ? 32  LEU A N   1 
ATOM   247  C  CA  . LEU A 1 33  ? 6.709   -5.680  -4.318  1.00 11.39 ? 32  LEU A CA  1 
ATOM   248  C  C   . LEU A 1 33  ? 6.993   -7.075  -4.856  1.00 11.86 ? 32  LEU A C   1 
ATOM   249  O  O   . LEU A 1 33  ? 7.558   -7.930  -4.158  1.00 12.50 ? 32  LEU A O   1 
ATOM   250  C  CB  . LEU A 1 33  ? 5.213   -5.554  -4.072  1.00 11.30 ? 32  LEU A CB  1 
ATOM   251  C  CG  . LEU A 1 33  ? 4.571   -6.652  -3.208  1.00 11.16 ? 32  LEU A CG  1 
ATOM   252  C  CD1 . LEU A 1 33  ? 5.141   -6.661  -1.797  1.00 11.75 ? 32  LEU A CD1 1 
ATOM   253  C  CD2 . LEU A 1 33  ? 3.087   -6.423  -3.110  1.00 11.36 ? 32  LEU A CD2 1 
ATOM   254  N  N   . PHE A 1 34  ? 6.535   -7.322  -6.084  1.00 11.68 ? 33  PHE A N   1 
ATOM   255  C  CA  . PHE A 1 34  ? 6.689   -8.683  -6.689  1.00 13.24 ? 33  PHE A CA  1 
ATOM   256  C  C   . PHE A 1 34  ? 8.154   -9.081  -6.913  1.00 17.10 ? 33  PHE A C   1 
ATOM   257  O  O   . PHE A 1 34  ? 8.532   -10.296 -6.836  1.00 16.02 ? 33  PHE A O   1 
ATOM   258  C  CB  . PHE A 1 34  ? 5.895   -8.786  -7.935  1.00 12.35 ? 33  PHE A CB  1 
ATOM   259  C  CG  . PHE A 1 34  ? 4.442   -8.561  -7.739  1.00 13.21 ? 33  PHE A CG  1 
ATOM   260  C  CD1 . PHE A 1 34  ? 3.807   -8.977  -6.574  1.00 12.86 ? 33  PHE A CD1 1 
ATOM   261  C  CD2 . PHE A 1 34  ? 3.666   -7.949  -8.755  1.00 13.88 ? 33  PHE A CD2 1 
ATOM   262  C  CE1 . PHE A 1 34  ? 2.468   -8.756  -6.418  1.00 14.28 ? 33  PHE A CE1 1 
ATOM   263  C  CE2 . PHE A 1 34  ? 2.317   -7.762  -8.580  1.00 15.56 ? 33  PHE A CE2 1 
ATOM   264  C  CZ  . PHE A 1 34  ? 1.715   -8.147  -7.391  1.00 15.86 ? 33  PHE A CZ  1 
ATOM   265  N  N   . LYS A 1 35  ? 8.991   -8.064  -7.158  1.00 16.61 ? 34  LYS A N   1 
ATOM   266  C  CA  . LYS A 1 35  ? 10.399  -8.304  -7.423  1.00 20.44 ? 34  LYS A CA  1 
ATOM   267  C  C   . LYS A 1 35  ? 11.058  -8.632  -6.110  1.00 21.04 ? 34  LYS A C   1 
ATOM   268  O  O   . LYS A 1 35  ? 11.772  -9.610  -6.020  1.00 19.28 ? 34  LYS A O   1 
ATOM   269  C  CB  . LYS A 1 35  ? 11.028  -7.057  -8.052  1.00 25.22 ? 34  LYS A CB  1 
ATOM   270  C  CG  . LYS A 1 35  ? 12.444  -7.195  -8.554  1.00 31.62 ? 34  LYS A CG  1 
ATOM   271  C  CD  . LYS A 1 35  ? 13.022  -5.796  -8.812  1.00 36.36 ? 34  LYS A CD  1 
ATOM   272  C  CE  . LYS A 1 35  ? 13.512  -5.165  -7.491  1.00 35.25 ? 34  LYS A CE  1 
ATOM   273  N  NZ  . LYS A 1 35  ? 14.997  -5.298  -7.299  1.00 41.04 ? 34  LYS A NZ  1 
ATOM   274  N  N   . SER A 1 36  ? 10.759  -7.857  -5.081  1.00 17.86 ? 35  SER A N   1 
ATOM   275  C  CA  . SER A 1 36  ? 11.371  -7.959  -3.773  1.00 17.74 ? 35  SER A CA  1 
ATOM   276  C  C   . SER A 1 36  ? 10.891  -9.168  -2.971  1.00 19.59 ? 35  SER A C   1 
ATOM   277  O  O   . SER A 1 36  ? 11.717  -9.774  -2.258  1.00 21.78 ? 35  SER A O   1 
ATOM   278  C  CB  . SER A 1 36  ? 11.132  -6.676  -2.958  1.00 20.76 ? 35  SER A CB  1 
ATOM   279  O  OG  . SER A 1 36  ? 11.767  -5.608  -3.640  1.00 20.11 ? 35  SER A OG  1 
ATOM   280  N  N   . HIS A 1 37  ? 9.603   -9.526  -3.107  1.00 16.93 ? 36  HIS A N   1 
ATOM   281  C  CA  . HIS A 1 37  ? 8.957   -10.680 -2.408  1.00 17.09 ? 36  HIS A CA  1 
ATOM   282  C  C   . HIS A 1 37  ? 8.092   -11.432 -3.368  1.00 17.10 ? 36  HIS A C   1 
ATOM   283  O  O   . HIS A 1 37  ? 6.838   -11.303 -3.354  1.00 16.51 ? 36  HIS A O   1 
ATOM   284  C  CB  . HIS A 1 37  ? 8.167   -10.140 -1.196  1.00 16.45 ? 36  HIS A CB  1 
ATOM   285  C  CG  . HIS A 1 37  ? 9.005   -9.254  -0.325  1.00 17.28 ? 36  HIS A CG  1 
ATOM   286  N  ND1 . HIS A 1 37  ? 9.834   -9.759  0.647   1.00 18.93 ? 36  HIS A ND1 1 
ATOM   287  C  CD2 . HIS A 1 37  ? 9.207   -7.930  -0.331  1.00 17.36 ? 36  HIS A CD2 1 
ATOM   288  C  CE1 . HIS A 1 37  ? 10.484  -8.776  1.229   1.00 18.84 ? 36  HIS A CE1 1 
ATOM   289  N  NE2 . HIS A 1 37  ? 10.126  -7.652  0.654   1.00 17.76 ? 36  HIS A NE2 1 
ATOM   290  N  N   . PRO A 1 38  ? 8.716   -12.231 -4.269  1.00 16.74 ? 37  PRO A N   1 
ATOM   291  C  CA  . PRO A 1 38  ? 8.008   -12.982 -5.304  1.00 18.71 ? 37  PRO A CA  1 
ATOM   292  C  C   . PRO A 1 38  ? 6.802   -13.818 -4.813  1.00 16.79 ? 37  PRO A C   1 
ATOM   293  O  O   . PRO A 1 38  ? 5.820   -14.015 -5.512  1.00 18.41 ? 37  PRO A O   1 
ATOM   294  C  CB  . PRO A 1 38  ? 9.085   -13.891 -5.897  1.00 19.75 ? 37  PRO A CB  1 
ATOM   295  C  CG  . PRO A 1 38  ? 10.346  -13.343 -5.443  1.00 20.53 ? 37  PRO A CG  1 
ATOM   296  C  CD  . PRO A 1 38  ? 10.179  -12.379 -4.352  1.00 19.18 ? 37  PRO A CD  1 
ATOM   297  N  N   . GLU A 1 39  ? 6.918   -14.317 -3.601  1.00 19.89 ? 38  GLU A N   1 
ATOM   298  C  CA  . GLU A 1 39  ? 5.804   -15.040 -2.969  1.00 20.58 ? 38  GLU A CA  1 
ATOM   299  C  C   . GLU A 1 39  ? 4.484   -14.275 -2.877  1.00 18.99 ? 38  GLU A C   1 
ATOM   300  O  O   . GLU A 1 39  ? 3.392   -14.857 -2.989  1.00 18.08 ? 38  GLU A O   1 
ATOM   301  C  CB  . GLU A 1 39  ? 6.284   -15.569 -1.592  1.00 22.09 ? 38  GLU A CB  1 
ATOM   302  C  CG  . GLU A 1 39  ? 6.414   -14.498 -0.544  1.00 23.65 ? 38  GLU A CG  1 
ATOM   303  C  CD  . GLU A 1 39  ? 7.800   -13.958 -0.323  1.00 25.41 ? 38  GLU A CD  1 
ATOM   304  O  OE1 . GLU A 1 39  ? 8.655   -13.826 -1.268  1.00 25.75 ? 38  GLU A OE1 1 
ATOM   305  O  OE2 . GLU A 1 39  ? 8.007   -13.705 0.875   1.00 29.90 ? 38  GLU A OE2 1 
ATOM   306  N  N   . THR A 1 40  ? 4.549   -12.951 -2.772  1.00 18.35 ? 39  THR A N   1 
ATOM   307  C  CA  . THR A 1 40  ? 3.314   -12.155 -2.804  1.00 16.96 ? 39  THR A CA  1 
ATOM   308  C  C   . THR A 1 40  ? 2.531   -12.265 -4.113  1.00 17.36 ? 39  THR A C   1 
ATOM   309  O  O   . THR A 1 40  ? 1.339   -12.102 -4.135  1.00 17.03 ? 39  THR A O   1 
ATOM   310  C  CB  . THR A 1 40  ? 3.602   -10.669 -2.483  1.00 17.03 ? 39  THR A CB  1 
ATOM   311  O  OG1 . THR A 1 40  ? 4.519   -10.103 -3.416  1.00 14.54 ? 39  THR A OG1 1 
ATOM   312  C  CG2 . THR A 1 40  ? 4.222   -10.557 -1.102  1.00 16.43 ? 39  THR A CG2 1 
ATOM   313  N  N   . LEU A 1 41  ? 3.204   -12.446 -5.256  1.00 17.35 ? 40  LEU A N   1 
ATOM   314  C  CA  . LEU A 1 41  ? 2.472   -12.514 -6.527  1.00 18.22 ? 40  LEU A CA  1 
ATOM   315  C  C   . LEU A 1 41  ? 1.465   -13.673 -6.628  1.00 17.45 ? 40  LEU A C   1 
ATOM   316  O  O   . LEU A 1 41  ? 0.445   -13.588 -7.353  1.00 18.01 ? 40  LEU A O   1 
ATOM   317  C  CB  . LEU A 1 41  ? 3.467   -12.636 -7.678  1.00 20.19 ? 40  LEU A CB  1 
ATOM   318  C  CG  . LEU A 1 41  ? 3.005   -12.637 -9.116  1.00 21.24 ? 40  LEU A CG  1 
ATOM   319  C  CD1 . LEU A 1 41  ? 2.157   -11.445 -9.584  1.00 20.50 ? 40  LEU A CD1 1 
ATOM   320  C  CD2 . LEU A 1 41  ? 4.266   -12.798 -9.936  1.00 21.88 ? 40  LEU A CD2 1 
ATOM   321  N  N   . GLU A 1 42  ? 1.744   -14.724 -5.893  1.00 20.70 ? 41  GLU A N   1 
ATOM   322  C  CA  . GLU A 1 42  ? 0.873   -15.886 -5.876  1.00 25.64 ? 41  GLU A CA  1 
ATOM   323  C  C   . GLU A 1 42  ? -0.580  -15.587 -5.434  1.00 27.61 ? 41  GLU A C   1 
ATOM   324  O  O   . GLU A 1 42  ? -1.524  -16.366 -5.691  1.00 24.62 ? 41  GLU A O   1 
ATOM   325  C  CB  . GLU A 1 42  ? 1.462   -16.893 -4.951  1.00 28.39 ? 41  GLU A CB  1 
ATOM   326  C  CG  . GLU A 1 42  ? 2.774   -17.459 -5.408  1.00 33.54 ? 41  GLU A CG  1 
ATOM   327  C  CD  . GLU A 1 42  ? 3.341   -18.453 -4.403  1.00 39.29 ? 41  GLU A CD  1 
ATOM   328  O  OE1 . GLU A 1 42  ? 2.566   -19.179 -3.762  1.00 46.31 ? 41  GLU A OE1 1 
ATOM   329  O  OE2 . GLU A 1 42  ? 4.563   -18.513 -4.239  1.00 47.09 ? 41  GLU A OE2 1 
ATOM   330  N  N   . LYS A 1 43  ? -0.788  -14.449 -4.792  1.00 23.86 ? 42  LYS A N   1 
ATOM   331  C  CA  . LYS A 1 43  ? -2.123  -14.144 -4.270  1.00 23.65 ? 42  LYS A CA  1 
ATOM   332  C  C   . LYS A 1 43  ? -3.081  -13.627 -5.319  1.00 25.31 ? 42  LYS A C   1 
ATOM   333  O  O   . LYS A 1 43  ? -4.273  -13.420 -5.029  1.00 27.80 ? 42  LYS A O   1 
ATOM   334  C  CB  . LYS A 1 43  ? -1.948  -13.141 -3.101  1.00 23.84 ? 42  LYS A CB  1 
ATOM   335  C  CG  . LYS A 1 43  ? -1.220  -13.695 -1.886  1.00 21.48 ? 42  LYS A CG  1 
ATOM   336  C  CD  . LYS A 1 43  ? -2.056  -14.760 -1.184  1.00 22.35 ? 42  LYS A CD  1 
ATOM   337  C  CE  . LYS A 1 43  ? -1.364  -15.252 0.038   1.00 22.68 ? 42  LYS A CE  1 
ATOM   338  N  NZ  . LYS A 1 43  ? -2.267  -16.165 0.808   1.00 23.83 ? 42  LYS A NZ  1 
ATOM   339  N  N   . PHE A 1 44  ? -2.582  -13.403 -6.551  1.00 22.90 ? 43  PHE A N   1 
ATOM   340  C  CA  . PHE A 1 44  ? -3.276  -12.737 -7.566  1.00 25.59 ? 43  PHE A CA  1 
ATOM   341  C  C   . PHE A 1 44  ? -3.573  -13.682 -8.717  1.00 29.47 ? 43  PHE A C   1 
ATOM   342  O  O   . PHE A 1 44  ? -2.848  -13.731 -9.702  1.00 25.88 ? 43  PHE A O   1 
ATOM   343  C  CB  . PHE A 1 44  ? -2.418  -11.578 -8.012  1.00 25.42 ? 43  PHE A CB  1 
ATOM   344  C  CG  . PHE A 1 44  ? -2.230  -10.574 -6.921  1.00 23.58 ? 43  PHE A CG  1 
ATOM   345  C  CD1 . PHE A 1 44  ? -3.206  -9.651  -6.727  1.00 24.45 ? 43  PHE A CD1 1 
ATOM   346  C  CD2 . PHE A 1 44  ? -1.133  -10.596 -6.087  1.00 24.07 ? 43  PHE A CD2 1 
ATOM   347  C  CE1 . PHE A 1 44  ? -3.084  -8.736  -5.722  1.00 24.28 ? 43  PHE A CE1 1 
ATOM   348  C  CE2 . PHE A 1 44  ? -0.985  -9.651  -5.072  1.00 22.31 ? 43  PHE A CE2 1 
ATOM   349  C  CZ  . PHE A 1 44  ? -1.980  -8.729  -4.905  1.00 21.93 ? 43  PHE A CZ  1 
ATOM   350  N  N   . ASP A 1 45  ? -4.657  -14.426 -8.588  1.00 32.12 ? 44  ASP A N   1 
ATOM   351  C  CA  . ASP A 1 45  ? -4.933  -15.459 -9.579  1.00 30.79 ? 44  ASP A CA  1 
ATOM   352  C  C   . ASP A 1 45  ? -4.993  -14.936 -10.972 1.00 28.41 ? 44  ASP A C   1 
ATOM   353  O  O   . ASP A 1 45  ? -4.631  -15.656 -11.888 1.00 24.00 ? 44  ASP A O   1 
ATOM   354  C  CB  . ASP A 1 45  ? -6.226  -16.210 -9.244  1.00 33.85 ? 44  ASP A CB  1 
ATOM   355  C  CG  . ASP A 1 45  ? -6.098  -17.027 -7.977  1.00 40.06 ? 44  ASP A CG  1 
ATOM   356  O  OD1 . ASP A 1 45  ? -4.952  -17.224 -7.447  1.00 40.62 ? 44  ASP A OD1 1 
ATOM   357  O  OD2 . ASP A 1 45  ? -7.168  -17.444 -7.515  1.00 45.29 ? 44  ASP A OD2 1 
ATOM   358  N  N   . ARG A 1 46  ? -5.449  -13.700 -11.160 1.00 27.65 ? 45  ARG A N   1 
ATOM   359  C  CA  . ARG A 1 46  ? -5.577  -13.171 -12.514 1.00 32.63 ? 45  ARG A CA  1 
ATOM   360  C  C   . ARG A 1 46  ? -4.275  -12.915 -13.222 1.00 28.00 ? 45  ARG A C   1 
ATOM   361  O  O   . ARG A 1 46  ? -4.265  -12.979 -14.440 1.00 32.36 ? 45  ARG A O   1 
ATOM   362  C  CB  . ARG A 1 46  ? -6.479  -11.937 -12.607 1.00 36.42 ? 45  ARG A CB  1 
ATOM   363  C  CG  . ARG A 1 46  ? -7.948  -12.345 -12.814 1.00 44.37 ? 45  ARG A CG  1 
ATOM   364  C  CD  . ARG A 1 46  ? -8.967  -11.258 -12.485 1.00 49.22 ? 45  ARG A CD  1 
ATOM   365  N  NE  . ARG A 1 46  ? -8.411  -10.528 -11.363 1.00 54.99 ? 45  ARG A NE  1 
ATOM   366  C  CZ  . ARG A 1 46  ? -7.897  -9.305  -11.401 1.00 62.52 ? 45  ARG A CZ  1 
ATOM   367  N  NH1 . ARG A 1 46  ? -7.943  -8.566  -12.520 1.00 72.10 ? 45  ARG A NH1 1 
ATOM   368  N  NH2 . ARG A 1 46  ? -7.346  -8.806  -10.292 1.00 58.49 ? 45  ARG A NH2 1 
ATOM   369  N  N   . PHE A 1 47  ? -3.209  -12.638 -12.488 1.00 23.37 ? 46  PHE A N   1 
ATOM   370  C  CA  . PHE A 1 47  ? -1.879  -12.363 -13.098 1.00 24.60 ? 46  PHE A CA  1 
ATOM   371  C  C   . PHE A 1 47  ? -0.657  -12.991 -12.394 1.00 22.28 ? 46  PHE A C   1 
ATOM   372  O  O   . PHE A 1 47  ? 0.471   -12.640 -12.704 1.00 25.27 ? 46  PHE A O   1 
ATOM   373  C  CB  . PHE A 1 47  ? -1.633  -10.836 -13.274 1.00 24.54 ? 46  PHE A CB  1 
ATOM   374  C  CG  . PHE A 1 47  ? -1.893  -9.993  -12.022 1.00 20.11 ? 46  PHE A CG  1 
ATOM   375  C  CD1 . PHE A 1 47  ? -3.128  -9.341  -11.833 1.00 21.28 ? 46  PHE A CD1 1 
ATOM   376  C  CD2 . PHE A 1 47  ? -0.876  -9.738  -11.123 1.00 23.56 ? 46  PHE A CD2 1 
ATOM   377  C  CE1 . PHE A 1 47  ? -3.401  -8.583  -10.699 1.00 19.69 ? 46  PHE A CE1 1 
ATOM   378  C  CE2 . PHE A 1 47  ? -1.120  -8.927  -9.992  1.00 23.15 ? 46  PHE A CE2 1 
ATOM   379  C  CZ  . PHE A 1 47  ? -2.388  -8.369  -9.795  1.00 21.02 ? 46  PHE A CZ  1 
ATOM   380  N  N   . LYS A 1 48  ? -0.834  -13.943 -11.487 1.00 21.28 ? 47  LYS A N   1 
ATOM   381  C  CA  . LYS A 1 48  ? 0.291   -14.632 -10.882 1.00 20.54 ? 47  LYS A CA  1 
ATOM   382  C  C   . LYS A 1 48  ? 1.204   -15.436 -11.824 1.00 18.97 ? 47  LYS A C   1 
ATOM   383  O  O   . LYS A 1 48  ? 2.264   -15.845 -11.449 1.00 19.41 ? 47  LYS A O   1 
ATOM   384  C  CB  . LYS A 1 48  ? -0.149  -15.614 -9.792  1.00 24.77 ? 47  LYS A CB  1 
ATOM   385  C  CG  . LYS A 1 48  ? -1.034  -16.780 -10.272 1.00 27.04 ? 47  LYS A CG  1 
ATOM   386  C  CD  . LYS A 1 48  ? -1.531  -17.618 -9.123  1.00 33.10 ? 47  LYS A CD  1 
ATOM   387  C  CE  . LYS A 1 48  ? -2.491  -18.668 -9.646  1.00 37.69 ? 47  LYS A CE  1 
ATOM   388  N  NZ  . LYS A 1 48  ? -2.619  -19.753 -8.635  1.00 42.67 ? 47  LYS A NZ  1 
ATOM   389  N  N   . HIS A 1 49  ? 0.733   -15.734 -13.011 1.00 17.78 ? 48  HIS A N   1 
ATOM   390  C  CA  . HIS A 1 49  ? 1.568   -16.298 -14.087 1.00 17.04 ? 48  HIS A CA  1 
ATOM   391  C  C   . HIS A 1 49  ? 2.628   -15.380 -14.699 1.00 18.09 ? 48  HIS A C   1 
ATOM   392  O  O   . HIS A 1 49  ? 3.551   -15.859 -15.379 1.00 18.16 ? 48  HIS A O   1 
ATOM   393  C  CB  . HIS A 1 49  ? 0.678   -16.806 -15.220 1.00 17.10 ? 48  HIS A CB  1 
ATOM   394  C  CG  . HIS A 1 49  ? -0.056  -15.725 -15.925 1.00 19.28 ? 48  HIS A CG  1 
ATOM   395  N  ND1 . HIS A 1 49  ? -1.173  -15.114 -15.395 1.00 22.08 ? 48  HIS A ND1 1 
ATOM   396  C  CD2 . HIS A 1 49  ? 0.150   -15.154 -17.138 1.00 20.65 ? 48  HIS A CD2 1 
ATOM   397  C  CE1 . HIS A 1 49  ? -1.581  -14.166 -16.220 1.00 20.57 ? 48  HIS A CE1 1 
ATOM   398  N  NE2 . HIS A 1 49  ? -0.814  -14.194 -17.300 1.00 22.37 ? 48  HIS A NE2 1 
ATOM   399  N  N   . LEU A 1 50  ? 2.552   -14.065 -14.467 1.00 16.24 ? 49  LEU A N   1 
ATOM   400  C  CA  . LEU A 1 50  ? 3.490   -13.183 -15.107 1.00 16.34 ? 49  LEU A CA  1 
ATOM   401  C  C   . LEU A 1 50  ? 4.939   -13.510 -14.663 1.00 15.60 ? 49  LEU A C   1 
ATOM   402  O  O   . LEU A 1 50  ? 5.236   -13.752 -13.517 1.00 14.52 ? 49  LEU A O   1 
ATOM   403  C  CB  . LEU A 1 50  ? 3.164   -11.682 -14.831 1.00 19.17 ? 49  LEU A CB  1 
ATOM   404  C  CG  . LEU A 1 50  ? 1.801   -11.162 -15.376 1.00 20.40 ? 49  LEU A CG  1 
ATOM   405  C  CD1 . LEU A 1 50  ? 1.484   -9.777  -14.807 1.00 21.35 ? 49  LEU A CD1 1 
ATOM   406  C  CD2 . LEU A 1 50  ? 1.620   -11.224 -16.885 1.00 22.29 ? 49  LEU A CD2 1 
ATOM   407  N  N   . LYS A 1 51  ? 5.837   -13.551 -15.641 1.00 14.19 ? 50  LYS A N   1 
ATOM   408  C  CA  . LYS A 1 51  ? 7.192   -14.037 -15.445 1.00 14.73 ? 50  LYS A CA  1 
ATOM   409  C  C   . LYS A 1 51  ? 8.289   -12.961 -15.379 1.00 16.30 ? 50  LYS A C   1 
ATOM   410  O  O   . LYS A 1 51  ? 9.376   -13.204 -14.847 1.00 17.55 ? 50  LYS A O   1 
ATOM   411  C  CB  . LYS A 1 51  ? 7.507   -15.003 -16.608 1.00 15.45 ? 50  LYS A CB  1 
ATOM   412  C  CG  . LYS A 1 51  ? 6.690   -16.256 -16.693 1.00 14.82 ? 50  LYS A CG  1 
ATOM   413  C  CD  . LYS A 1 51  ? 7.164   -17.133 -17.879 1.00 14.65 ? 50  LYS A CD  1 
ATOM   414  C  CE  . LYS A 1 51  ? 6.329   -18.386 -18.075 1.00 15.13 ? 50  LYS A CE  1 
ATOM   415  N  NZ  . LYS A 1 51  ? 6.457   -19.343 -16.955 1.00 14.67 ? 50  LYS A NZ  1 
ATOM   416  N  N   . THR A 1 52  ? 8.021   -11.783 -15.929 1.00 14.96 ? 51  THR A N   1 
ATOM   417  C  CA  . THR A 1 52  ? 9.053   -10.759 -16.095 1.00 15.49 ? 51  THR A CA  1 
ATOM   418  C  C   . THR A 1 52  ? 8.488   -9.408  -15.781 1.00 14.06 ? 51  THR A C   1 
ATOM   419  O  O   . THR A 1 52  ? 7.263   -9.251  -15.782 1.00 13.85 ? 51  THR A O   1 
ATOM   420  C  CB  . THR A 1 52  ? 9.534   -10.727 -17.576 1.00 14.49 ? 51  THR A CB  1 
ATOM   421  O  OG1 . THR A 1 52  ? 8.482   -10.335 -18.443 1.00 13.98 ? 51  THR A OG1 1 
ATOM   422  C  CG2 . THR A 1 52  ? 10.045  -12.073 -18.000 1.00 14.54 ? 51  THR A CG2 1 
ATOM   423  N  N   . GLU A 1 53  ? 9.361   -8.433  -15.505 1.00 16.49 ? 52  GLU A N   1 
ATOM   424  C  CA  . GLU A 1 53  ? 8.917   -7.038  -15.333 1.00 15.70 ? 52  GLU A CA  1 
ATOM   425  C  C   . GLU A 1 53  ? 8.248   -6.467  -16.608 1.00 15.27 ? 52  GLU A C   1 
ATOM   426  O  O   . GLU A 1 53  ? 7.338   -5.716  -16.496 1.00 12.29 ? 52  GLU A O   1 
ATOM   427  C  CB  . GLU A 1 53  ? 10.065  -6.151  -14.814 1.00 17.53 ? 52  GLU A CB  1 
ATOM   428  C  CG  . GLU A 1 53  ? 9.772   -4.647  -14.857 1.00 20.44 ? 52  GLU A CG  1 
ATOM   429  C  CD  . GLU A 1 53  ? 10.876  -3.835  -14.139 1.00 23.86 ? 52  GLU A CD  1 
ATOM   430  O  OE1 . GLU A 1 53  ? 11.910  -4.471  -13.911 1.00 26.45 ? 52  GLU A OE1 1 
ATOM   431  O  OE2 . GLU A 1 53  ? 10.677  -2.649  -13.766 1.00 21.25 ? 52  GLU A OE2 1 
ATOM   432  N  N   . ALA A 1 54  ? 8.717   -6.844  -17.806 1.00 14.44 ? 53  ALA A N   1 
ATOM   433  C  CA  . ALA A 1 54  ? 8.102   -6.400  -18.997 1.00 14.49 ? 53  ALA A CA  1 
ATOM   434  C  C   . ALA A 1 54  ? 6.659   -6.871  -19.053 1.00 13.20 ? 53  ALA A C   1 
ATOM   435  O  O   . ALA A 1 54  ? 5.758   -6.123  -19.406 1.00 14.52 ? 53  ALA A O   1 
ATOM   436  C  CB  . ALA A 1 54  ? 8.900   -6.904  -20.210 1.00 14.54 ? 53  ALA A CB  1 
ATOM   437  N  N   . GLU A 1 55  ? 6.440   -8.122  -18.723 1.00 13.66 ? 54  GLU A N   1 
ATOM   438  C  CA  . GLU A 1 55  ? 5.092   -8.657  -18.689 1.00 13.10 ? 54  GLU A CA  1 
ATOM   439  C  C   . GLU A 1 55  ? 4.198   -7.905  -17.708 1.00 12.91 ? 54  GLU A C   1 
ATOM   440  O  O   . GLU A 1 55  ? 3.006   -7.583  -17.982 1.00 10.44 ? 54  GLU A O   1 
ATOM   441  C  CB  . GLU A 1 55  ? 5.139   -10.152 -18.332 1.00 13.89 ? 54  GLU A CB  1 
ATOM   442  C  CG  . GLU A 1 55  ? 5.464   -10.967 -19.539 1.00 15.15 ? 54  GLU A CG  1 
ATOM   443  C  CD  . GLU A 1 55  ? 5.464   -12.431 -19.334 1.00 15.52 ? 54  GLU A CD  1 
ATOM   444  O  OE1 . GLU A 1 55  ? 5.221   -12.897 -18.211 1.00 15.79 ? 54  GLU A OE1 1 
ATOM   445  O  OE2 . GLU A 1 55  ? 5.710   -13.092 -20.383 1.00 17.95 ? 54  GLU A OE2 1 
ATOM   446  N  N   . MET A 1 56  ? 4.779   -7.698  -16.509 1.00 12.61 ? 55  MET A N   1 
ATOM   447  C  CA  . MET A 1 56  ? 4.090   -6.945  -15.489 1.00 12.92 ? 55  MET A CA  1 
ATOM   448  C  C   . MET A 1 56  ? 3.699   -5.537  -15.979 1.00 12.65 ? 55  MET A C   1 
ATOM   449  O  O   . MET A 1 56  ? 2.586   -5.069  -15.736 1.00 12.14 ? 55  MET A O   1 
ATOM   450  C  CB  . MET A 1 56  ? 4.943   -6.819  -14.274 1.00 13.92 ? 55  MET A CB  1 
ATOM   451  C  CG  . MET A 1 56  ? 5.114   -8.133  -13.585 1.00 14.13 ? 55  MET A CG  1 
ATOM   452  S  SD  . MET A 1 56  ? 6.131   -8.059  -12.133 1.00 15.95 ? 55  MET A SD  1 
ATOM   453  C  CE  . MET A 1 56  ? 6.269   -9.808  -11.768 1.00 17.19 ? 55  MET A CE  1 
ATOM   454  N  N   . LYS A 1 57  ? 4.616   -4.844  -16.671 1.00 14.34 ? 56  LYS A N   1 
ATOM   455  C  CA  . LYS A 1 57  ? 4.378   -3.468  -17.109 1.00 15.81 ? 56  LYS A CA  1 
ATOM   456  C  C   . LYS A 1 57  ? 3.338   -3.367  -18.189 1.00 15.27 ? 56  LYS A C   1 
ATOM   457  O  O   . LYS A 1 57  ? 2.660   -2.351  -18.292 1.00 15.04 ? 56  LYS A O   1 
ATOM   458  C  CB  . LYS A 1 57  ? 5.687   -2.796  -17.607 1.00 18.14 ? 56  LYS A CB  1 
ATOM   459  C  CG  . LYS A 1 57  ? 6.716   -2.516  -16.549 1.00 21.64 ? 56  LYS A CG  1 
ATOM   460  C  CD  . LYS A 1 57  ? 7.836   -1.686  -17.124 1.00 24.11 ? 56  LYS A CD  1 
ATOM   461  C  CE  . LYS A 1 57  ? 8.722   -1.056  -16.088 1.00 27.09 ? 56  LYS A CE  1 
ATOM   462  N  NZ  . LYS A 1 57  ? 10.092  -1.014  -16.691 1.00 33.72 ? 56  LYS A NZ  1 
ATOM   463  N  N   . ALA A 1 58  ? 3.162   -4.469  -18.959 1.00 16.34 ? 57  ALA A N   1 
ATOM   464  C  CA  . ALA A 1 58  ? 2.172   -4.610  -20.020 1.00 16.09 ? 57  ALA A CA  1 
ATOM   465  C  C   . ALA A 1 58  ? 0.802   -5.129  -19.589 1.00 15.68 ? 57  ALA A C   1 
ATOM   466  O  O   . ALA A 1 58  ? -0.133  -5.096  -20.396 1.00 17.89 ? 57  ALA A O   1 
ATOM   467  C  CB  . ALA A 1 58  ? 2.717   -5.487  -21.169 1.00 16.12 ? 57  ALA A CB  1 
ATOM   468  N  N   . SER A 1 59  ? 0.626   -5.468  -18.305 1.00 14.33 ? 58  SER A N   1 
ATOM   469  C  CA  . SER A 1 59  ? -0.596  -6.154  -17.816 1.00 13.97 ? 58  SER A CA  1 
ATOM   470  C  C   . SER A 1 59  ? -1.624  -5.106  -17.435 1.00 13.19 ? 58  SER A C   1 
ATOM   471  O  O   . SER A 1 59  ? -1.443  -4.334  -16.478 1.00 11.85 ? 58  SER A O   1 
ATOM   472  C  CB  . SER A 1 59  ? -0.293  -7.031  -16.629 1.00 14.90 ? 58  SER A CB  1 
ATOM   473  O  OG  . SER A 1 59  ? -1.495  -7.388  -15.968 1.00 12.07 ? 58  SER A OG  1 
ATOM   474  N  N   . GLU A 1 60  ? -2.718  -5.091  -18.143 1.00 12.05 ? 59  GLU A N   1 
ATOM   475  C  CA  . GLU A 1 60  ? -3.779  -4.138  -17.804 1.00 16.01 ? 59  GLU A CA  1 
ATOM   476  C  C   . GLU A 1 60  ? -4.391  -4.477  -16.458 1.00 13.23 ? 59  GLU A C   1 
ATOM   477  O  O   . GLU A 1 60  ? -4.704  -3.586  -15.661 1.00 11.94 ? 59  GLU A O   1 
ATOM   478  C  CB  . GLU A 1 60  ? -4.900  -4.072  -18.883 1.00 19.44 ? 59  GLU A CB  1 
ATOM   479  C  CG  . GLU A 1 60  ? -4.491  -3.401  -20.209 1.00 26.13 ? 59  GLU A CG  1 
ATOM   480  C  CD  . GLU A 1 60  ? -3.609  -2.165  -19.956 1.00 31.89 ? 59  GLU A CD  1 
ATOM   481  O  OE1 . GLU A 1 60  ? -2.378  -2.225  -20.258 1.00 34.53 ? 59  GLU A OE1 1 
ATOM   482  O  OE2 . GLU A 1 60  ? -4.145  -1.213  -19.331 1.00 32.09 ? 59  GLU A OE2 1 
ATOM   483  N  N   . ASP A 1 61  ? -4.483  -5.761  -16.158 1.00 12.34 ? 60  ASP A N   1 
ATOM   484  C  CA  . ASP A 1 61  ? -5.017  -6.210  -14.867 1.00 13.30 ? 60  ASP A CA  1 
ATOM   485  C  C   . ASP A 1 61  ? -4.142  -5.789  -13.655 1.00 12.05 ? 60  ASP A C   1 
ATOM   486  O  O   . ASP A 1 61  ? -4.702  -5.361  -12.640 1.00 12.57 ? 60  ASP A O   1 
ATOM   487  C  CB  . ASP A 1 61  ? -5.192  -7.749  -14.840 1.00 15.14 ? 60  ASP A CB  1 
ATOM   488  C  CG  . ASP A 1 61  ? -6.442  -8.225  -15.580 1.00 20.37 ? 60  ASP A CG  1 
ATOM   489  O  OD1 . ASP A 1 61  ? -7.287  -7.399  -15.899 1.00 22.17 ? 60  ASP A OD1 1 
ATOM   490  O  OD2 . ASP A 1 61  ? -6.559  -9.438  -15.786 1.00 22.87 ? 60  ASP A OD2 1 
ATOM   491  N  N   . LEU A 1 62  ? -2.831  -5.896  -13.770 1.00 11.18 ? 61  LEU A N   1 
ATOM   492  C  CA  . LEU A 1 62  ? -1.845  -5.415  -12.744 1.00 11.32 ? 61  LEU A CA  1 
ATOM   493  C  C   . LEU A 1 62  ? -1.986  -3.873  -12.599 1.00 10.89 ? 61  LEU A C   1 
ATOM   494  O  O   . LEU A 1 62  ? -2.021  -3.338  -11.450 1.00 10.96 ? 61  LEU A O   1 
ATOM   495  C  CB  . LEU A 1 62  ? -0.396  -5.751  -13.118 1.00 11.98 ? 61  LEU A CB  1 
ATOM   496  C  CG  . LEU A 1 62  ? 0.634   -5.458  -12.004 1.00 12.82 ? 61  LEU A CG  1 
ATOM   497  C  CD1 . LEU A 1 62  ? 1.728   -6.503  -12.049 1.00 13.14 ? 61  LEU A CD1 1 
ATOM   498  C  CD2 . LEU A 1 62  ? 1.268   -4.065  -12.108 1.00 13.94 ? 61  LEU A CD2 1 
ATOM   499  N  N   . LYS A 1 63  ? -2.175  -3.162  -13.722 1.00 11.20 ? 62  LYS A N   1 
ATOM   500  C  CA  . LYS A 1 63  ? -2.364  -1.733  -13.647 1.00 11.45 ? 62  LYS A CA  1 
ATOM   501  C  C   . LYS A 1 63  ? -3.635  -1.362  -12.893 1.00 11.08 ? 62  LYS A C   1 
ATOM   502  O  O   . LYS A 1 63  ? -3.659  -0.417  -12.061 1.00 10.02 ? 62  LYS A O   1 
ATOM   503  C  CB  . LYS A 1 63  ? -2.369  -1.089  -15.049 1.00 12.35 ? 62  LYS A CB  1 
ATOM   504  C  CG  . LYS A 1 63  ? -2.403  0.406   -15.015 1.00 13.62 ? 62  LYS A CG  1 
ATOM   505  C  CD  . LYS A 1 63  ? -2.825  0.984   -16.381 1.00 19.06 ? 62  LYS A CD  1 
ATOM   506  C  CE  . LYS A 1 63  ? -1.798  0.801   -17.449 1.00 22.23 ? 62  LYS A CE  1 
ATOM   507  N  NZ  . LYS A 1 63  ? -2.033  1.859   -18.518 1.00 26.01 ? 62  LYS A NZ  1 
ATOM   508  N  N   . LYS A 1 64  ? -4.710  -2.078  -13.148 1.00 10.54 ? 63  LYS A N   1 
ATOM   509  C  CA  . LYS A 1 64  ? -5.926  -1.818  -12.415 1.00 11.86 ? 63  LYS A CA  1 
ATOM   510  C  C   . LYS A 1 64  ? -5.728  -2.066  -10.913 1.00 10.63 ? 63  LYS A C   1 
ATOM   511  O  O   . LYS A 1 64  ? -6.296  -1.363  -10.078 1.00 11.18 ? 63  LYS A O   1 
ATOM   512  C  CB  . LYS A 1 64  ? -7.039  -2.711  -12.942 1.00 13.70 ? 63  LYS A CB  1 
ATOM   513  C  CG  . LYS A 1 64  ? -7.578  -2.278  -14.267 1.00 16.92 ? 63  LYS A CG  1 
ATOM   514  C  CD  . LYS A 1 64  ? -8.605  -3.355  -14.752 1.00 22.73 ? 63  LYS A CD  1 
ATOM   515  C  CE  . LYS A 1 64  ? -8.552  -3.584  -16.227 1.00 27.92 ? 63  LYS A CE  1 
ATOM   516  N  NZ  . LYS A 1 64  ? -8.999  -2.381  -16.928 1.00 30.81 ? 63  LYS A NZ  1 
ATOM   517  N  N   . ALA A 1 65  ? -5.041  -3.125  -10.582 1.00 9.57  ? 64  ALA A N   1 
ATOM   518  C  CA  . ALA A 1 65  ? -4.817  -3.460  -9.178  1.00 9.86  ? 64  ALA A CA  1 
ATOM   519  C  C   . ALA A 1 65  ? -4.032  -2.336  -8.496  1.00 9.17  ? 64  ALA A C   1 
ATOM   520  O  O   . ALA A 1 65  ? -4.198  -2.110  -7.287  1.00 9.69  ? 64  ALA A O   1 
ATOM   521  C  CB  . ALA A 1 65  ? -4.075  -4.770  -9.083  1.00 9.55  ? 64  ALA A CB  1 
ATOM   522  N  N   . GLY A 1 66  ? -3.037  -1.787  -9.224  1.00 8.86  ? 65  GLY A N   1 
ATOM   523  C  CA  . GLY A 1 66  ? -2.224  -0.729  -8.698  1.00 8.36  ? 65  GLY A CA  1 
ATOM   524  C  C   . GLY A 1 66  ? -3.082  0.489   -8.357  1.00 8.37  ? 65  GLY A C   1 
ATOM   525  O  O   . GLY A 1 66  ? -2.879  1.151   -7.348  1.00 8.31  ? 65  GLY A O   1 
ATOM   526  N  N   . VAL A 1 67  ? -3.988  0.797   -9.237  1.00 7.46  ? 66  VAL A N   1 
ATOM   527  C  CA  . VAL A 1 67  ? -4.904  1.946   -9.069  1.00 9.01  ? 66  VAL A CA  1 
ATOM   528  C  C   . VAL A 1 67  ? -5.799  1.691   -7.832  1.00 9.10  ? 66  VAL A C   1 
ATOM   529  O  O   . VAL A 1 67  ? -6.036  2.593   -7.009  1.00 9.35  ? 66  VAL A O   1 
ATOM   530  C  CB  . VAL A 1 67  ? -5.747  2.152   -10.305 1.00 9.78  ? 66  VAL A CB  1 
ATOM   531  C  CG1 . VAL A 1 67  ? -6.834  3.181   -10.063 1.00 10.50 ? 66  VAL A CG1 1 
ATOM   532  C  CG2 . VAL A 1 67  ? -4.891  2.669   -11.418 1.00 10.88 ? 66  VAL A CG2 1 
ATOM   533  N  N   . THR A 1 68  ? -6.309  0.482   -7.771  1.00 9.87  ? 67  THR A N   1 
ATOM   534  C  CA  . THR A 1 68  ? -7.144  0.044   -6.616  1.00 11.07 ? 67  THR A CA  1 
ATOM   535  C  C   . THR A 1 68  ? -6.451  0.220   -5.268  1.00 10.66 ? 67  THR A C   1 
ATOM   536  O  O   . THR A 1 68  ? -7.070  0.760   -4.287  1.00 9.53  ? 67  THR A O   1 
ATOM   537  C  CB  . THR A 1 68  ? -7.670  -1.398  -6.810  1.00 12.77 ? 67  THR A CB  1 
ATOM   538  O  OG1 . THR A 1 68  ? -8.515  -1.440  -7.970  1.00 14.44 ? 67  THR A OG1 1 
ATOM   539  C  CG2 . THR A 1 68  ? -8.443  -1.912  -5.600  1.00 13.78 ? 67  THR A CG2 1 
ATOM   540  N  N   . VAL A 1 69  ? -5.227  -0.350  -5.129  1.00 9.58  ? 68  VAL A N   1 
ATOM   541  C  CA  . VAL A 1 69  ? -4.536  -0.296  -3.865  1.00 9.13  ? 68  VAL A CA  1 
ATOM   542  C  C   . VAL A 1 69  ? -4.219  1.150   -3.494  1.00 9.07  ? 68  VAL A C   1 
ATOM   543  O  O   . VAL A 1 69  ? -4.478  1.553   -2.382  1.00 9.33  ? 68  VAL A O   1 
ATOM   544  C  CB  . VAL A 1 69  ? -3.229  -1.185  -3.801  1.00 8.64  ? 68  VAL A CB  1 
ATOM   545  C  CG1 . VAL A 1 69  ? -2.150  -0.750  -4.804  1.00 9.05  ? 68  VAL A CG1 1 
ATOM   546  C  CG2 . VAL A 1 69  ? -2.685  -1.183  -2.448  1.00 9.39  ? 68  VAL A CG2 1 
ATOM   547  N  N   . LEU A 1 70  ? -3.705  1.944   -4.448  1.00 8.86  ? 69  LEU A N   1 
ATOM   548  C  CA  . LEU A 1 70  ? -3.289  3.287   -4.047  1.00 8.58  ? 69  LEU A CA  1 
ATOM   549  C  C   . LEU A 1 70  ? -4.483  4.211   -3.774  1.00 7.92  ? 69  LEU A C   1 
ATOM   550  O  O   . LEU A 1 70  ? -4.394  5.107   -2.924  1.00 7.05  ? 69  LEU A O   1 
ATOM   551  C  CB  . LEU A 1 70  ? -2.366  3.851   -5.119  1.00 9.25  ? 69  LEU A CB  1 
ATOM   552  C  CG  . LEU A 1 70  ? -1.000  3.165   -5.264  1.00 9.08  ? 69  LEU A CG  1 
ATOM   553  C  CD1 . LEU A 1 70  ? -0.182  4.038   -6.212  1.00 8.84  ? 69  LEU A CD1 1 
ATOM   554  C  CD2 . LEU A 1 70  ? -0.295  2.983   -3.937  1.00 9.38  ? 69  LEU A CD2 1 
ATOM   555  N  N   . THR A 1 71  ? -5.607  3.979   -4.495  1.00 8.66  ? 70  THR A N   1 
ATOM   556  C  CA  . THR A 1 71  ? -6.830  4.766   -4.265  1.00 9.45  ? 70  THR A CA  1 
ATOM   557  C  C   . THR A 1 71  ? -7.402  4.456   -2.893  1.00 9.28  ? 70  THR A C   1 
ATOM   558  O  O   . THR A 1 71  ? -7.758  5.362   -2.144  1.00 8.81  ? 70  THR A O   1 
ATOM   559  C  CB  . THR A 1 71  ? -7.815  4.652   -5.460  1.00 11.07 ? 70  THR A CB  1 
ATOM   560  O  OG1 . THR A 1 71  ? -7.124  5.040   -6.682  1.00 11.34 ? 70  THR A OG1 1 
ATOM   561  C  CG2 . THR A 1 71  ? -9.210  5.419   -5.196  1.00 12.50 ? 70  THR A CG2 1 
ATOM   562  N  N   . ALA A 1 72  ? -7.504  3.166   -2.560  1.00 9.05  ? 71  ALA A N   1 
ATOM   563  C  CA  . ALA A 1 72  ? -8.020  2.751   -1.234  1.00 8.25  ? 71  ALA A CA  1 
ATOM   564  C  C   . ALA A 1 72  ? -7.122  3.281   -0.081  1.00 8.45  ? 71  ALA A C   1 
ATOM   565  O  O   . ALA A 1 72  ? -7.602  3.828   0.901   1.00 7.67  ? 71  ALA A O   1 
ATOM   566  C  CB  . ALA A 1 72  ? -8.173  1.264   -1.186  1.00 8.02  ? 71  ALA A CB  1 
ATOM   567  N  N   . LEU A 1 73  ? -5.804  3.133   -0.281  1.00 7.74  ? 72  LEU A N   1 
ATOM   568  C  CA  . LEU A 1 73  ? -4.856  3.668   0.675   1.00 8.68  ? 72  LEU A CA  1 
ATOM   569  C  C   . LEU A 1 73  ? -4.905  5.177   0.818   1.00 8.59  ? 72  LEU A C   1 
ATOM   570  O  O   . LEU A 1 73  ? -4.921  5.746   1.928   1.00 9.22  ? 72  LEU A O   1 
ATOM   571  C  CB  . LEU A 1 73  ? -3.485  3.232   0.314   1.00 8.33  ? 72  LEU A CB  1 
ATOM   572  C  CG  . LEU A 1 73  ? -2.398  3.671   1.253   1.00 9.30  ? 72  LEU A CG  1 
ATOM   573  C  CD1 . LEU A 1 73  ? -2.675  3.197   2.696   1.00 9.11  ? 72  LEU A CD1 1 
ATOM   574  C  CD2 . LEU A 1 73  ? -0.923  3.279   0.851   1.00 10.05 ? 72  LEU A CD2 1 
ATOM   575  N  N   . GLY A 1 74  ? -4.987  5.844   -0.334  1.00 9.64  ? 73  GLY A N   1 
ATOM   576  C  CA  . GLY A 1 74  ? -5.204  7.308   -0.359  1.00 10.52 ? 73  GLY A CA  1 
ATOM   577  C  C   . GLY A 1 74  ? -6.393  7.751   0.495   1.00 9.91  ? 73  GLY A C   1 
ATOM   578  O  O   . GLY A 1 74  ? -6.292  8.714   1.287   1.00 9.80  ? 73  GLY A O   1 
ATOM   579  N  N   . ALA A 1 75  ? -7.519  7.071   0.343   1.00 10.52 ? 74  ALA A N   1 
ATOM   580  C  CA  . ALA A 1 75  ? -8.758  7.428   1.040   1.00 10.07 ? 74  ALA A CA  1 
ATOM   581  C  C   . ALA A 1 75  ? -8.479  7.252   2.560   1.00 10.84 ? 74  ALA A C   1 
ATOM   582  O  O   . ALA A 1 75  ? -8.972  8.071   3.374   1.00 11.40 ? 74  ALA A O   1 
ATOM   583  C  CB  . ALA A 1 75  ? -9.934  6.537   0.561   1.00 11.45 ? 74  ALA A CB  1 
ATOM   584  N  N   . ILE A 1 76  ? -7.753  6.193   2.926   1.00 8.11  ? 75  ILE A N   1 
ATOM   585  C  CA  . ILE A 1 76  ? -7.423  5.915   4.323   1.00 8.98  ? 75  ILE A CA  1 
ATOM   586  C  C   . ILE A 1 76  ? -6.539  7.078   4.855   1.00 9.35  ? 75  ILE A C   1 
ATOM   587  O  O   . ILE A 1 76  ? -6.821  7.630   5.917   1.00 9.43  ? 75  ILE A O   1 
ATOM   588  C  CB  . ILE A 1 76  ? -6.726  4.537   4.488   1.00 9.32  ? 75  ILE A CB  1 
ATOM   589  C  CG1 . ILE A 1 76  ? -7.767  3.395   4.294   1.00 9.93  ? 75  ILE A CG1 1 
ATOM   590  C  CG2 . ILE A 1 76  ? -6.002  4.442   5.817   1.00 9.47  ? 75  ILE A CG2 1 
ATOM   591  C  CD1 . ILE A 1 76  ? -7.100  2.095   3.891   1.00 10.60 ? 75  ILE A CD1 1 
ATOM   592  N  N   . LEU A 1 77  ? -5.456  7.396   4.121   1.00 10.23 ? 76  LEU A N   1 
ATOM   593  C  CA  . LEU A 1 77  ? -4.514  8.414   4.583   1.00 9.79  ? 76  LEU A CA  1 
ATOM   594  C  C   . LEU A 1 77  ? -5.233  9.748   4.797   1.00 9.19  ? 76  LEU A C   1 
ATOM   595  O  O   . LEU A 1 77  ? -5.001  10.483  5.818   1.00 10.56 ? 76  LEU A O   1 
ATOM   596  C  CB  . LEU A 1 77  ? -3.355  8.516   3.576   1.00 9.21  ? 76  LEU A CB  1 
ATOM   597  C  CG  . LEU A 1 77  ? -2.434  7.281   3.549   1.00 9.87  ? 76  LEU A CG  1 
ATOM   598  C  CD1 . LEU A 1 77  ? -1.373  7.418   2.433   1.00 10.18 ? 76  LEU A CD1 1 
ATOM   599  C  CD2 . LEU A 1 77  ? -1.766  6.904   4.823   1.00 10.47 ? 76  LEU A CD2 1 
ATOM   600  N  N   . LYS A 1 78  ? -6.161  10.047  3.906   1.00 8.80  ? 77  LYS A N   1 
ATOM   601  C  CA  . LYS A 1 78  ? -6.887  11.317  3.979   1.00 9.81  ? 77  LYS A CA  1 
ATOM   602  C  C   . LYS A 1 78  ? -7.785  11.442  5.196   1.00 10.31 ? 77  LYS A C   1 
ATOM   603  O  O   . LYS A 1 78  ? -8.171  12.561  5.600   1.00 10.14 ? 77  LYS A O   1 
ATOM   604  C  CB  . LYS A 1 78  ? -7.638  11.538  2.674   1.00 10.96 ? 77  LYS A CB  1 
ATOM   605  C  CG  . LYS A 1 78  ? -6.752  11.912  1.495   1.00 11.15 ? 77  LYS A CG  1 
ATOM   606  C  CD  . LYS A 1 78  ? -7.516  11.750  0.216   1.00 12.13 ? 77  LYS A CD  1 
ATOM   607  C  CE  . LYS A 1 78  ? -6.548  11.795  -0.986  1.00 12.73 ? 77  LYS A CE  1 
ATOM   608  N  NZ  . LYS A 1 78  ? -7.284  12.047  -2.251  1.00 12.96 ? 77  LYS A NZ  1 
ATOM   609  N  N   . LYS A 1 79  ? -8.127  10.292  5.787   1.00 11.04 ? 78  LYS A N   1 
ATOM   610  C  CA  . LYS A 1 79  ? -8.890  10.235  7.066   1.00 12.06 ? 78  LYS A CA  1 
ATOM   611  C  C   . LYS A 1 79  ? -7.983  10.593  8.275   1.00 10.54 ? 78  LYS A C   1 
ATOM   612  O  O   . LYS A 1 79  ? -8.503  10.905  9.369   1.00 10.60 ? 78  LYS A O   1 
ATOM   613  C  CB  . LYS A 1 79  ? -9.576  8.918   7.280   1.00 13.91 ? 78  LYS A CB  1 
ATOM   614  C  CG  . LYS A 1 79  ? -10.805 8.692   6.360   1.00 15.68 ? 78  LYS A CG  1 
ATOM   615  C  CD  . LYS A 1 79  ? -11.796 9.818   6.488   1.00 18.44 ? 78  LYS A CD  1 
ATOM   616  C  CE  . LYS A 1 79  ? -13.113 9.595   5.741   1.00 22.56 ? 78  LYS A CE  1 
ATOM   617  N  NZ  . LYS A 1 79  ? -14.058 8.892   6.637   1.00 27.71 ? 78  LYS A NZ  1 
ATOM   618  N  N   . LYS A 1 80  ? -6.662  10.578  8.095   1.00 9.82  ? 79  LYS A N   1 
ATOM   619  C  CA  . LYS A 1 80  ? -5.708  11.049  9.140   1.00 10.43 ? 79  LYS A CA  1 
ATOM   620  C  C   . LYS A 1 80  ? -5.904  10.328  10.431  1.00 10.49 ? 79  LYS A C   1 
ATOM   621  O  O   . LYS A 1 80  ? -5.967  10.910  11.526  1.00 11.01 ? 79  LYS A O   1 
ATOM   622  C  CB  . LYS A 1 80  ? -5.758  12.568  9.362   1.00 11.45 ? 79  LYS A CB  1 
ATOM   623  C  CG  . LYS A 1 80  ? -5.391  13.317  8.093   1.00 13.08 ? 79  LYS A CG  1 
ATOM   624  C  CD  . LYS A 1 80  ? -5.183  14.843  8.213   1.00 16.13 ? 79  LYS A CD  1 
ATOM   625  C  CE  . LYS A 1 80  ? -6.341  15.602  8.765   1.00 19.53 ? 79  LYS A CE  1 
ATOM   626  N  NZ  . LYS A 1 80  ? -6.024  17.085  8.571   1.00 18.34 ? 79  LYS A NZ  1 
ATOM   627  N  N   . GLY A 1 81  ? -6.079  9.009   10.300  1.00 9.30  ? 80  GLY A N   1 
ATOM   628  C  CA  . GLY A 1 81  ? -6.242  8.118   11.458  1.00 10.31 ? 80  GLY A CA  1 
ATOM   629  C  C   . GLY A 1 81  ? -7.693  7.746   11.776  1.00 10.33 ? 80  GLY A C   1 
ATOM   630  O  O   . GLY A 1 81  ? -7.931  6.766   12.527  1.00 11.83 ? 80  GLY A O   1 
ATOM   631  N  N   . HIS A 1 82  ? -8.646  8.515   11.283  1.00 9.76  ? 81  HIS A N   1 
ATOM   632  C  CA  . HIS A 1 82  ? -10.078 8.252   11.515  1.00 11.67 ? 81  HIS A CA  1 
ATOM   633  C  C   . HIS A 1 82  ? -10.699 7.385   10.402  1.00 11.90 ? 81  HIS A C   1 
ATOM   634  O  O   . HIS A 1 82  ? -11.664 7.798   9.681   1.00 13.12 ? 81  HIS A O   1 
ATOM   635  C  CB  . HIS A 1 82  ? -10.823 9.552   11.583  1.00 12.10 ? 81  HIS A CB  1 
ATOM   636  C  CG  . HIS A 1 82  ? -10.357 10.475  12.668  1.00 13.05 ? 81  HIS A CG  1 
ATOM   637  N  ND1 . HIS A 1 82  ? -10.856 10.399  13.951  1.00 15.94 ? 81  HIS A ND1 1 
ATOM   638  C  CD2 . HIS A 1 82  ? -9.542  11.549  12.641  1.00 14.53 ? 81  HIS A CD2 1 
ATOM   639  C  CE1 . HIS A 1 82  ? -10.317 11.379  14.676  1.00 16.48 ? 81  HIS A CE1 1 
ATOM   640  N  NE2 . HIS A 1 82  ? -9.535  12.101  13.904  1.00 15.84 ? 81  HIS A NE2 1 
ATOM   641  N  N   . HIS A 1 83  ? -10.136 6.209   10.298  1.00 11.57 ? 82  HIS A N   1 
ATOM   642  C  CA  . HIS A 1 83  ? -10.274 5.268   9.193   1.00 11.67 ? 82  HIS A CA  1 
ATOM   643  C  C   . HIS A 1 83  ? -10.948 3.933   9.558   1.00 12.99 ? 82  HIS A C   1 
ATOM   644  O  O   . HIS A 1 83  ? -10.860 3.008   8.780   1.00 12.12 ? 82  HIS A O   1 
ATOM   645  C  CB  . HIS A 1 83  ? -8.882  4.949   8.572   1.00 11.17 ? 82  HIS A CB  1 
ATOM   646  C  CG  . HIS A 1 83  ? -7.829  4.460   9.543   1.00 11.20 ? 82  HIS A CG  1 
ATOM   647  N  ND1 . HIS A 1 83  ? -6.510  4.895   9.465   1.00 11.14 ? 82  HIS A ND1 1 
ATOM   648  C  CD2 . HIS A 1 83  ? -7.881  3.617   10.601  1.00 11.23 ? 82  HIS A CD2 1 
ATOM   649  C  CE1 . HIS A 1 83  ? -5.811  4.276   10.404  1.00 12.18 ? 82  HIS A CE1 1 
ATOM   650  N  NE2 . HIS A 1 83  ? -6.622  3.492   11.104  1.00 11.45 ? 82  HIS A NE2 1 
ATOM   651  N  N   . GLU A 1 84  ? -11.669 3.904   10.675  1.00 14.40 ? 83  GLU A N   1 
ATOM   652  C  CA  . GLU A 1 84  ? -12.353 2.697   11.173  1.00 17.53 ? 83  GLU A CA  1 
ATOM   653  C  C   . GLU A 1 84  ? -13.291 2.178   10.032  1.00 16.34 ? 83  GLU A C   1 
ATOM   654  O  O   . GLU A 1 84  ? -13.319 0.971   9.737   1.00 15.51 ? 83  GLU A O   1 
ATOM   655  C  CB  . GLU A 1 84  ? -13.157 3.077   12.424  1.00 21.38 ? 83  GLU A CB  1 
ATOM   656  C  CG  . GLU A 1 84  ? -12.314 3.696   13.572  1.00 25.49 ? 83  GLU A CG  1 
ATOM   657  C  CD  . GLU A 1 84  ? -12.061 5.303   13.592  1.00 31.21 ? 83  GLU A CD  1 
ATOM   658  O  OE1 . GLU A 1 84  ? -12.463 6.222   12.730  1.00 19.66 ? 83  GLU A OE1 1 
ATOM   659  O  OE2 . GLU A 1 84  ? -11.417 5.669   14.614  1.00 39.61 ? 83  GLU A OE2 1 
ATOM   660  N  N   . ALA A 1 85  ? -14.046 3.079   9.415   1.00 14.81 ? 84  ALA A N   1 
ATOM   661  C  CA  . ALA A 1 85  ? -15.064 2.642   8.408   1.00 17.55 ? 84  ALA A CA  1 
ATOM   662  C  C   . ALA A 1 85  ? -14.409 1.972   7.205   1.00 17.80 ? 84  ALA A C   1 
ATOM   663  O  O   . ALA A 1 85  ? -14.901 0.891   6.700   1.00 15.25 ? 84  ALA A O   1 
ATOM   664  C  CB  . ALA A 1 85  ? -15.964 3.786   7.947   1.00 19.73 ? 84  ALA A CB  1 
ATOM   665  N  N   . GLU A 1 86  ? -13.292 2.595   6.779   1.00 15.38 ? 85  GLU A N   1 
ATOM   666  C  CA  . GLU A 1 86  ? -12.533 2.166   5.568   1.00 14.57 ? 85  GLU A CA  1 
ATOM   667  C  C   . GLU A 1 86  ? -11.808 0.834   5.831   1.00 13.25 ? 85  GLU A C   1 
ATOM   668  O  O   . GLU A 1 86  ? -11.644 -0.009  4.928   1.00 12.70 ? 85  GLU A O   1 
ATOM   669  C  CB  . GLU A 1 86  ? -11.468 3.217   5.224   1.00 14.46 ? 85  GLU A CB  1 
ATOM   670  C  CG  . GLU A 1 86  ? -12.022 4.491   4.620   1.00 15.41 ? 85  GLU A CG  1 
ATOM   671  C  CD  . GLU A 1 86  ? -12.671 5.426   5.626   1.00 15.95 ? 85  GLU A CD  1 
ATOM   672  O  OE1 . GLU A 1 86  ? -12.478 5.285   6.873   1.00 15.79 ? 85  GLU A OE1 1 
ATOM   673  O  OE2 . GLU A 1 86  ? -13.369 6.366   5.191   1.00 17.52 ? 85  GLU A OE2 1 
ATOM   674  N  N   . LEU A 1 87  ? -11.347 0.625   7.061   1.00 12.31 ? 86  LEU A N   1 
ATOM   675  C  CA  . LEU A 1 87  ? -10.640 -0.594  7.361   1.00 12.40 ? 86  LEU A CA  1 
ATOM   676  C  C   . LEU A 1 87  ? -11.518 -1.844  7.587   1.00 13.43 ? 86  LEU A C   1 
ATOM   677  O  O   . LEU A 1 87  ? -11.025 -2.990  7.425   1.00 11.07 ? 86  LEU A O   1 
ATOM   678  C  CB  . LEU A 1 87  ? -9.677  -0.443  8.544   1.00 13.39 ? 86  LEU A CB  1 
ATOM   679  C  CG  . LEU A 1 87  ? -8.572  0.600   8.510   1.00 14.66 ? 86  LEU A CG  1 
ATOM   680  C  CD1 . LEU A 1 87  ? -7.567  0.306   9.617   1.00 13.98 ? 86  LEU A CD1 1 
ATOM   681  C  CD2 . LEU A 1 87  ? -7.913  0.734   7.212   1.00 15.65 ? 86  LEU A CD2 1 
ATOM   682  N  N   . LYS A 1 88  ? -12.809 -1.652  7.889   1.00 14.63 ? 87  LYS A N   1 
ATOM   683  C  CA  . LYS A 1 88  ? -13.680 -2.804  8.143   1.00 15.25 ? 87  LYS A CA  1 
ATOM   684  C  C   . LYS A 1 88  ? -13.767 -3.766  6.981   1.00 14.58 ? 87  LYS A C   1 
ATOM   685  O  O   . LYS A 1 88  ? -13.400 -4.929  7.157   1.00 14.30 ? 87  LYS A O   1 
ATOM   686  C  CB  . LYS A 1 88  ? -15.101 -2.393  8.530   1.00 18.90 ? 87  LYS A CB  1 
ATOM   687  C  CG  . LYS A 1 88  ? -15.315 -2.130  9.966   1.00 22.55 ? 87  LYS A CG  1 
ATOM   688  C  CD  . LYS A 1 88  ? -16.792 -1.794  10.252  1.00 26.17 ? 87  LYS A CD  1 
ATOM   689  C  CE  . LYS A 1 88  ? -16.883 -1.025  11.583  1.00 32.61 ? 87  LYS A CE  1 
ATOM   690  N  NZ  . LYS A 1 88  ? -18.134 -1.281  12.346  1.00 35.33 ? 87  LYS A NZ  1 
ATOM   691  N  N   . PRO A 1 89  ? -14.291 -3.319  5.793   1.00 13.59 ? 88  PRO A N   1 
ATOM   692  C  CA  . PRO A 1 89  ? -14.351 -4.140  4.579   1.00 13.36 ? 88  PRO A CA  1 
ATOM   693  C  C   . PRO A 1 89  ? -13.041 -4.676  4.128   1.00 12.97 ? 88  PRO A C   1 
ATOM   694  O  O   . PRO A 1 89  ? -12.947 -5.878  3.709   1.00 12.89 ? 88  PRO A O   1 
ATOM   695  C  CB  . PRO A 1 89  ? -15.058 -3.259  3.557   1.00 14.57 ? 88  PRO A CB  1 
ATOM   696  C  CG  . PRO A 1 89  ? -14.882 -1.867  4.072   1.00 15.34 ? 88  PRO A CG  1 
ATOM   697  C  CD  . PRO A 1 89  ? -14.834 -1.974  5.559   1.00 13.96 ? 88  PRO A CD  1 
ATOM   698  N  N   . LEU A 1 90  ? -11.991 -3.848  4.297   1.00 12.83 ? 89  LEU A N   1 
ATOM   699  C  CA  . LEU A 1 90  ? -10.659 -4.191  3.821   1.00 13.56 ? 89  LEU A CA  1 
ATOM   700  C  C   . LEU A 1 90  ? -10.054 -5.304  4.631   1.00 12.01 ? 89  LEU A C   1 
ATOM   701  O  O   . LEU A 1 90  ? -9.516  -6.257  4.062   1.00 12.25 ? 89  LEU A O   1 
ATOM   702  C  CB  . LEU A 1 90  ? -9.783  -2.926  3.795   1.00 14.65 ? 89  LEU A CB  1 
ATOM   703  C  CG  . LEU A 1 90  ? -8.372  -3.058  3.255   1.00 17.62 ? 89  LEU A CG  1 
ATOM   704  C  CD1 . LEU A 1 90  ? -8.428  -3.328  1.763   1.00 20.67 ? 89  LEU A CD1 1 
ATOM   705  C  CD2 . LEU A 1 90  ? -7.537  -1.827  3.625   1.00 17.57 ? 89  LEU A CD2 1 
ATOM   706  N  N   . ALA A 1 91  ? -10.135 -5.186  5.966   1.00 11.00 ? 90  ALA A N   1 
ATOM   707  C  CA  . ALA A 1 91  ? -9.653  -6.223  6.856   1.00 11.36 ? 90  ALA A CA  1 
ATOM   708  C  C   . ALA A 1 91  ? -10.412 -7.488  6.589   1.00 11.71 ? 90  ALA A C   1 
ATOM   709  O  O   . ALA A 1 91  ? -9.818  -8.570  6.508   1.00 10.88 ? 90  ALA A O   1 
ATOM   710  C  CB  . ALA A 1 91  ? -9.827  -5.847  8.334   1.00 12.46 ? 90  ALA A CB  1 
ATOM   711  N  N   . GLN A 1 92  ? -11.715 -7.369  6.442   1.00 11.58 ? 91  GLN A N   1 
ATOM   712  C  CA  . GLN A 1 92  ? -12.498 -8.613  6.217   1.00 11.50 ? 91  GLN A CA  1 
ATOM   713  C  C   . GLN A 1 92  ? -12.077 -9.316  4.918   1.00 12.53 ? 91  GLN A C   1 
ATOM   714  O  O   . GLN A 1 92  ? -11.755 -10.518 4.923   1.00 14.66 ? 91  GLN A O   1 
ATOM   715  C  CB  . GLN A 1 92  ? -14.005 -8.422  6.293   1.00 10.83 ? 91  GLN A CB  1 
ATOM   716  C  CG  . GLN A 1 92  ? -14.709 -9.779  6.071   1.00 11.75 ? 91  GLN A CG  1 
ATOM   717  C  CD  . GLN A 1 92  ? -16.197 -9.719  6.162   1.00 12.36 ? 91  GLN A CD  1 
ATOM   718  O  OE1 . GLN A 1 92  ? -16.813 -8.822  5.622   1.00 14.64 ? 91  GLN A OE1 1 
ATOM   719  N  NE2 . GLN A 1 92  ? -16.796 -10.679 6.869   1.00 10.69 ? 91  GLN A NE2 1 
ATOM   720  N  N   . SER A 1 93  ? -12.041 -8.604  3.809   1.00 10.64 ? 92  SER A N   1 
ATOM   721  C  CA  . SER A 1 93  ? -11.651 -9.281  2.566   1.00 10.78 ? 92  SER A CA  1 
ATOM   722  C  C   . SER A 1 93  ? -10.248 -9.848  2.649   1.00 10.38 ? 92  SER A C   1 
ATOM   723  O  O   . SER A 1 93  ? -10.014 -10.928 2.140   1.00 10.32 ? 92  SER A O   1 
ATOM   724  C  CB  . SER A 1 93  ? -11.814 -8.398  1.342   1.00 12.38 ? 92  SER A CB  1 
ATOM   725  O  OG  . SER A 1 93  ? -10.938 -7.304  1.363   1.00 13.75 ? 92  SER A OG  1 
ATOM   726  N  N   . HIS A 1 94  ? -9.273  -9.081  3.207   1.00 9.87  ? 93  HIS A N   1 
ATOM   727  C  CA  . HIS A 1 94  ? -7.865  -9.481  3.145   1.00 10.66 ? 93  HIS A CA  1 
ATOM   728  C  C   . HIS A 1 94  ? -7.568  -10.568 4.138   1.00 11.52 ? 93  HIS A C   1 
ATOM   729  O  O   . HIS A 1 94  ? -6.722  -11.407 3.875   1.00 12.86 ? 93  HIS A O   1 
ATOM   730  C  CB  . HIS A 1 94  ? -6.891  -8.314  3.302   1.00 11.02 ? 93  HIS A CB  1 
ATOM   731  C  CG  . HIS A 1 94  ? -6.855  -7.434  2.073   1.00 12.66 ? 93  HIS A CG  1 
ATOM   732  N  ND1 . HIS A 1 94  ? -7.985  -6.860  1.555   1.00 12.80 ? 93  HIS A ND1 1 
ATOM   733  C  CD2 . HIS A 1 94  ? -5.871  -7.223  1.165   1.00 14.57 ? 93  HIS A CD2 1 
ATOM   734  C  CE1 . HIS A 1 94  ? -7.669  -6.274  0.398   1.00 14.24 ? 93  HIS A CE1 1 
ATOM   735  N  NE2 . HIS A 1 94  ? -6.382  -6.464  0.148   1.00 11.40 ? 93  HIS A NE2 1 
ATOM   736  N  N   . ALA A 1 95  ? -8.288  -10.581 5.257   1.00 11.71 ? 94  ALA A N   1 
ATOM   737  C  CA  . ALA A 1 95  ? -8.176  -11.682 6.207   1.00 12.89 ? 94  ALA A CA  1 
ATOM   738  C  C   . ALA A 1 95  ? -8.791  -12.985 5.653   1.00 13.67 ? 94  ALA A C   1 
ATOM   739  O  O   . ALA A 1 95  ? -8.227  -14.044 5.746   1.00 15.24 ? 94  ALA A O   1 
ATOM   740  C  CB  . ALA A 1 95  ? -8.900  -11.329 7.502   1.00 13.72 ? 94  ALA A CB  1 
ATOM   741  N  N   . THR A 1 96  ? -10.002 -12.875 5.149   1.00 14.71 ? 95  THR A N   1 
ATOM   742  C  CA  . THR A 1 96  ? -10.882 -14.048 4.968   1.00 14.51 ? 95  THR A CA  1 
ATOM   743  C  C   . THR A 1 96  ? -10.919 -14.563 3.535   1.00 16.85 ? 95  THR A C   1 
ATOM   744  O  O   . THR A 1 96  ? -11.025 -15.802 3.335   1.00 20.88 ? 95  THR A O   1 
ATOM   745  C  CB  . THR A 1 96  ? -12.321 -13.695 5.428   1.00 15.14 ? 95  THR A CB  1 
ATOM   746  O  OG1 . THR A 1 96  ? -12.323 -13.071 6.701   1.00 16.18 ? 95  THR A OG1 1 
ATOM   747  C  CG2 . THR A 1 96  ? -13.170 -14.912 5.527   1.00 14.19 ? 95  THR A CG2 1 
ATOM   748  N  N   . LYS A 1 97  ? -10.909 -13.692 2.539   1.00 17.02 ? 96  LYS A N   1 
ATOM   749  C  CA  . LYS A 1 97  ? -10.940 -14.150 1.141   1.00 18.69 ? 96  LYS A CA  1 
ATOM   750  C  C   . LYS A 1 97  ? -9.505  -14.221 0.613   1.00 20.09 ? 96  LYS A C   1 
ATOM   751  O  O   . LYS A 1 97  ? -8.926  -15.313 0.291   1.00 19.04 ? 96  LYS A O   1 
ATOM   752  C  CB  . LYS A 1 97  ? -11.802 -13.178 0.332   1.00 21.96 ? 96  LYS A CB  1 
ATOM   753  C  CG  . LYS A 1 97  ? -11.927 -13.506 -1.176  1.00 24.93 ? 96  LYS A CG  1 
ATOM   754  C  CD  . LYS A 1 97  ? -13.182 -12.877 -1.756  1.00 30.14 ? 96  LYS A CD  1 
ATOM   755  C  CE  . LYS A 1 97  ? -13.018 -12.382 -3.187  1.00 36.30 ? 96  LYS A CE  1 
ATOM   756  N  NZ  . LYS A 1 97  ? -12.362 -13.380 -4.062  1.00 38.66 ? 96  LYS A NZ  1 
ATOM   757  N  N   . HIS A 1 98  ? -8.835  -13.056 0.567   1.00 18.54 ? 97  HIS A N   1 
ATOM   758  C  CA  . HIS A 1 98  ? -7.537  -13.026 -0.066  1.00 18.45 ? 97  HIS A CA  1 
ATOM   759  C  C   . HIS A 1 98  ? -6.431  -13.740 0.748   1.00 18.97 ? 97  HIS A C   1 
ATOM   760  O  O   . HIS A 1 98  ? -5.464  -14.205 0.185   1.00 18.93 ? 97  HIS A O   1 
ATOM   761  C  CB  . HIS A 1 98  ? -7.177  -11.565 -0.349  1.00 16.91 ? 97  HIS A CB  1 
ATOM   762  C  CG  . HIS A 1 98  ? -8.256  -10.788 -1.032  1.00 17.19 ? 97  HIS A CG  1 
ATOM   763  N  ND1 . HIS A 1 98  ? -9.014  -11.307 -2.067  1.00 17.24 ? 97  HIS A ND1 1 
ATOM   764  C  CD2 . HIS A 1 98  ? -8.682  -9.507  -0.858  1.00 16.97 ? 97  HIS A CD2 1 
ATOM   765  C  CE1 . HIS A 1 98  ? -9.836  -10.372 -2.507  1.00 16.35 ? 97  HIS A CE1 1 
ATOM   766  N  NE2 . HIS A 1 98  ? -9.696  -9.284  -1.758  1.00 17.48 ? 97  HIS A NE2 1 
ATOM   767  N  N   . LYS A 1 99  ? -6.525  -13.765 2.085   1.00 19.18 ? 98  LYS A N   1 
ATOM   768  C  CA  . LYS A 1 99  ? -5.543  -14.417 2.993   1.00 21.23 ? 98  LYS A CA  1 
ATOM   769  C  C   . LYS A 1 99  ? -4.144  -13.755 2.974   1.00 20.95 ? 98  LYS A C   1 
ATOM   770  O  O   . LYS A 1 99  ? -3.111  -14.373 2.773   1.00 17.01 ? 98  LYS A O   1 
ATOM   771  C  CB  . LYS A 1 99  ? -5.489  -15.960 2.770   1.00 28.74 ? 98  LYS A CB  1 
ATOM   772  C  CG  . LYS A 1 99  ? -6.807  -16.684 3.086   1.00 31.65 ? 98  LYS A CG  1 
ATOM   773  C  CD  . LYS A 1 99  ? -6.973  -16.667 4.587   1.00 38.65 ? 98  LYS A CD  1 
ATOM   774  C  CE  . LYS A 1 99  ? -8.277  -17.239 5.130   1.00 42.00 ? 98  LYS A CE  1 
ATOM   775  N  NZ  . LYS A 1 99  ? -8.433  -16.828 6.566   1.00 41.41 ? 98  LYS A NZ  1 
ATOM   776  N  N   . ILE A 1 100 ? -4.150  -12.446 3.232   1.00 18.81 ? 99  ILE A N   1 
ATOM   777  C  CA  . ILE A 1 100 ? -2.899  -11.652 3.310   1.00 17.61 ? 99  ILE A CA  1 
ATOM   778  C  C   . ILE A 1 100 ? -2.332  -11.474 4.675   1.00 19.11 ? 99  ILE A C   1 
ATOM   779  O  O   . ILE A 1 100 ? -2.898  -10.684 5.499   1.00 19.52 ? 99  ILE A O   1 
ATOM   780  C  CB  . ILE A 1 100 ? -3.151  -10.255 2.684   1.00 15.35 ? 99  ILE A CB  1 
ATOM   781  C  CG1 . ILE A 1 100 ? -3.854  -10.424 1.351   1.00 14.59 ? 99  ILE A CG1 1 
ATOM   782  C  CG2 . ILE A 1 100 ? -1.846  -9.483  2.564   1.00 14.59 ? 99  ILE A CG2 1 
ATOM   783  C  CD1 . ILE A 1 100 ? -3.190  -11.386 0.363   1.00 15.34 ? 99  ILE A CD1 1 
ATOM   784  N  N   . PRO A 1 101 ? -1.216  -12.175 4.980   1.00 18.31 ? 100 PRO A N   1 
ATOM   785  C  CA  . PRO A 1 101 ? -0.607  -11.913 6.249   1.00 20.17 ? 100 PRO A CA  1 
ATOM   786  C  C   . PRO A 1 101 ? -0.102  -10.431 6.431   1.00 22.55 ? 100 PRO A C   1 
ATOM   787  O  O   . PRO A 1 101 ? 0.199   -9.743  5.473   1.00 19.54 ? 100 PRO A O   1 
ATOM   788  C  CB  . PRO A 1 101 ? 0.558   -12.923 6.310   1.00 23.66 ? 100 PRO A CB  1 
ATOM   789  C  CG  . PRO A 1 101 ? 0.783   -13.403 4.910   1.00 21.12 ? 100 PRO A CG  1 
ATOM   790  C  CD  . PRO A 1 101 ? -0.485  -13.192 4.189   1.00 20.56 ? 100 PRO A CD  1 
ATOM   791  N  N   . ILE A 1 102 ? -0.031  -9.984  7.667   1.00 22.37 ? 101 ILE A N   1 
ATOM   792  C  CA  . ILE A 1 102 ? 0.480   -8.655  8.033   1.00 22.40 ? 101 ILE A CA  1 
ATOM   793  C  C   . ILE A 1 102 ? 1.881   -8.498  7.483   1.00 22.49 ? 101 ILE A C   1 
ATOM   794  O  O   . ILE A 1 102 ? 2.252   -7.388  7.046   1.00 17.66 ? 101 ILE A O   1 
ATOM   795  C  CB  . ILE A 1 102 ? 0.549   -8.455  9.571   1.00 24.05 ? 101 ILE A CB  1 
ATOM   796  C  CG1 . ILE A 1 102 ? -0.877  -8.547  10.198  1.00 23.69 ? 101 ILE A CG1 1 
ATOM   797  C  CG2 . ILE A 1 102 ? 1.232   -7.133  9.919   1.00 23.79 ? 101 ILE A CG2 1 
ATOM   798  C  CD1 . ILE A 1 102 ? -1.902  -7.630  9.578   1.00 25.16 ? 101 ILE A CD1 1 
ATOM   799  N  N   . LYS A 1 103 ? 2.671   -9.581  7.469   1.00 18.42 ? 102 LYS A N   1 
ATOM   800  C  CA  . LYS A 1 103 ? 4.001   -9.473  6.916   1.00 18.44 ? 102 LYS A CA  1 
ATOM   801  C  C   . LYS A 1 103 ? 3.945   -9.062  5.472   1.00 15.95 ? 102 LYS A C   1 
ATOM   802  O  O   . LYS A 1 103 ? 4.855   -8.329  5.008   1.00 18.22 ? 102 LYS A O   1 
ATOM   803  C  CB  . LYS A 1 103 ? 4.848   -10.760 7.060   1.00 23.85 ? 102 LYS A CB  1 
ATOM   804  C  CG  . LYS A 1 103 ? 5.003   -11.245 8.503   1.00 29.88 ? 102 LYS A CG  1 
ATOM   805  C  CD  . LYS A 1 103 ? 6.172   -10.658 9.286   1.00 36.80 ? 102 LYS A CD  1 
ATOM   806  C  CE  . LYS A 1 103 ? 5.797   -10.438 10.762  1.00 41.02 ? 102 LYS A CE  1 
ATOM   807  N  NZ  . LYS A 1 103 ? 6.876   -9.695  11.476  1.00 44.80 ? 102 LYS A NZ  1 
ATOM   808  N  N   . TYR A 1 104 ? 2.899   -9.435  4.752   1.00 14.05 ? 103 TYR A N   1 
ATOM   809  C  CA  . TYR A 1 104 ? 2.809   -8.959  3.340   1.00 14.25 ? 103 TYR A CA  1 
ATOM   810  C  C   . TYR A 1 104 ? 2.395   -7.515  3.288   1.00 13.68 ? 103 TYR A C   1 
ATOM   811  O  O   . TYR A 1 104 ? 2.794   -6.827  2.345   1.00 10.34 ? 103 TYR A O   1 
ATOM   812  C  CB  . TYR A 1 104 ? 1.871   -9.762  2.507   1.00 16.49 ? 103 TYR A CB  1 
ATOM   813  C  CG  . TYR A 1 104 ? 2.338   -11.196 2.128   1.00 15.76 ? 103 TYR A CG  1 
ATOM   814  C  CD1 . TYR A 1 104 ? 3.474   -11.768 2.634   1.00 17.98 ? 103 TYR A CD1 1 
ATOM   815  C  CD2 . TYR A 1 104 ? 1.577   -11.902 1.226   1.00 19.29 ? 103 TYR A CD2 1 
ATOM   816  C  CE1 . TYR A 1 104 ? 3.847   -13.102 2.293   1.00 19.28 ? 103 TYR A CE1 1 
ATOM   817  C  CE2 . TYR A 1 104 ? 1.918   -13.187 0.853   1.00 19.20 ? 103 TYR A CE2 1 
ATOM   818  C  CZ  . TYR A 1 104 ? 3.025   -13.780 1.390   1.00 19.65 ? 103 TYR A CZ  1 
ATOM   819  O  OH  . TYR A 1 104 ? 3.304   -15.032 0.978   1.00 22.76 ? 103 TYR A OH  1 
ATOM   820  N  N   . LEU A 1 105 ? 1.618   -7.051  4.285   1.00 11.95 ? 104 LEU A N   1 
ATOM   821  C  CA  . LEU A 1 105 ? 1.304   -5.616  4.367   1.00 11.58 ? 104 LEU A CA  1 
ATOM   822  C  C   . LEU A 1 105 ? 2.596   -4.821  4.672   1.00 11.91 ? 104 LEU A C   1 
ATOM   823  O  O   . LEU A 1 105 ? 2.770   -3.681  4.202   1.00 10.91 ? 104 LEU A O   1 
ATOM   824  C  CB  . LEU A 1 105 ? 0.185   -5.365  5.376   1.00 11.83 ? 104 LEU A CB  1 
ATOM   825  C  CG  . LEU A 1 105 ? -1.135  -6.059  5.063   1.00 11.84 ? 104 LEU A CG  1 
ATOM   826  C  CD1 . LEU A 1 105 ? -2.188  -5.633  6.077   1.00 12.34 ? 104 LEU A CD1 1 
ATOM   827  C  CD2 . LEU A 1 105 ? -1.668  -5.730  3.669   1.00 12.86 ? 104 LEU A CD2 1 
ATOM   828  N  N   . GLU A 1 106 ? 3.497   -5.391  5.452   1.00 11.01 ? 105 GLU A N   1 
ATOM   829  C  CA  . GLU A 1 106 ? 4.809   -4.789  5.696   1.00 12.56 ? 105 GLU A CA  1 
ATOM   830  C  C   . GLU A 1 106 ? 5.623   -4.717  4.404   1.00 12.05 ? 105 GLU A C   1 
ATOM   831  O  O   . GLU A 1 106 ? 6.232   -3.646  4.133   1.00 10.52 ? 105 GLU A O   1 
ATOM   832  C  CB  . GLU A 1 106 ? 5.601   -5.488  6.751   1.00 16.05 ? 105 GLU A CB  1 
ATOM   833  C  CG  . GLU A 1 106 ? 4.999   -5.410  8.153   1.00 17.40 ? 105 GLU A CG  1 
ATOM   834  C  CD  . GLU A 1 106 ? 5.535   -6.456  9.136   1.00 20.73 ? 105 GLU A CD  1 
ATOM   835  O  OE1 . GLU A 1 106 ? 6.325   -7.366  8.751   1.00 21.02 ? 105 GLU A OE1 1 
ATOM   836  O  OE2 . GLU A 1 106 ? 5.123   -6.329  10.301  1.00 18.16 ? 105 GLU A OE2 1 
ATOM   837  N  N   . PHE A 1 107 ? 5.603   -5.813  3.614   1.00 10.21 ? 106 PHE A N   1 
ATOM   838  C  CA  . PHE A 1 107 ? 6.247   -5.837  2.281   1.00 9.78  ? 106 PHE A CA  1 
ATOM   839  C  C   . PHE A 1 107 ? 5.726   -4.748  1.337   1.00 9.16  ? 106 PHE A C   1 
ATOM   840  O  O   . PHE A 1 107 ? 6.534   -4.020  0.674   1.00 8.76  ? 106 PHE A O   1 
ATOM   841  C  CB  . PHE A 1 107 ? 6.111   -7.173  1.630   1.00 10.81 ? 106 PHE A CB  1 
ATOM   842  C  CG  . PHE A 1 107 ? 6.801   -8.327  2.408   1.00 12.93 ? 106 PHE A CG  1 
ATOM   843  C  CD1 . PHE A 1 107 ? 7.843   -8.080  3.315   1.00 14.23 ? 106 PHE A CD1 1 
ATOM   844  C  CD2 . PHE A 1 107 ? 6.395   -9.619  2.170   1.00 14.71 ? 106 PHE A CD2 1 
ATOM   845  C  CE1 . PHE A 1 107 ? 8.507   -9.160  3.962   1.00 15.04 ? 106 PHE A CE1 1 
ATOM   846  C  CE2 . PHE A 1 107 ? 7.019   -10.695 2.823   1.00 14.94 ? 106 PHE A CE2 1 
ATOM   847  C  CZ  . PHE A 1 107 ? 8.074   -10.459 3.660   1.00 15.41 ? 106 PHE A CZ  1 
ATOM   848  N  N   . ILE A 1 108 ? 4.421   -4.568  1.273   1.00 8.51  ? 107 ILE A N   1 
ATOM   849  C  CA  . ILE A 1 108 ? 3.928   -3.484  0.333   1.00 8.52  ? 107 ILE A CA  1 
ATOM   850  C  C   . ILE A 1 108 ? 4.254   -2.069  0.873   1.00 7.88  ? 107 ILE A C   1 
ATOM   851  O  O   . ILE A 1 108 ? 4.513   -1.163  0.074   1.00 7.52  ? 107 ILE A O   1 
ATOM   852  C  CB  . ILE A 1 108 ? 2.447   -3.641  -0.070  1.00 9.41  ? 107 ILE A CB  1 
ATOM   853  C  CG1 . ILE A 1 108 ? 2.107   -2.903  -1.393  1.00 8.74  ? 107 ILE A CG1 1 
ATOM   854  C  CG2 . ILE A 1 108 ? 1.531   -3.133  1.046   1.00 8.65  ? 107 ILE A CG2 1 
ATOM   855  C  CD1 . ILE A 1 108 ? 0.698   -3.234  -1.926  1.00 9.70  ? 107 ILE A CD1 1 
ATOM   856  N  N   . SER A 1 109 ? 4.243   -1.878  2.184   1.00 8.13  ? 108 SER A N   1 
ATOM   857  C  CA  . SER A 1 109 ? 4.643   -0.640  2.831   1.00 8.39  ? 108 SER A CA  1 
ATOM   858  C  C   . SER A 1 109 ? 6.088   -0.287  2.439   1.00 8.19  ? 108 SER A C   1 
ATOM   859  O  O   . SER A 1 109 ? 6.371   0.868   2.082   1.00 9.04  ? 108 SER A O   1 
ATOM   860  C  CB  . SER A 1 109 ? 4.527   -0.712  4.351   1.00 8.61  ? 108 SER A CB  1 
ATOM   861  O  OG  . SER A 1 109 ? 3.126   -0.838  4.743   1.00 10.06 ? 108 SER A OG  1 
ATOM   862  N  N   . GLU A 1 110 ? 6.945   -1.293  2.442   1.00 8.87  ? 109 GLU A N   1 
ATOM   863  C  CA  . GLU A 1 110 ? 8.374   -1.174  2.013   1.00 10.28 ? 109 GLU A CA  1 
ATOM   864  C  C   . GLU A 1 110 ? 8.514   -0.723  0.563   1.00 8.91  ? 109 GLU A C   1 
ATOM   865  O  O   . GLU A 1 110 ? 9.315   0.188   0.274   1.00 8.98  ? 109 GLU A O   1 
ATOM   866  C  CB  . GLU A 1 110 ? 9.123   -2.506  2.274   1.00 13.70 ? 109 GLU A CB  1 
ATOM   867  C  CG  . GLU A 1 110 ? 9.279   -2.663  3.782   1.00 16.84 ? 109 GLU A CG  1 
ATOM   868  C  CD  . GLU A 1 110 ? 9.588   -4.076  4.323   1.00 21.95 ? 109 GLU A CD  1 
ATOM   869  O  OE1 . GLU A 1 110 ? 9.922   -4.989  3.535   1.00 26.65 ? 109 GLU A OE1 1 
ATOM   870  O  OE2 . GLU A 1 110 ? 9.467   -4.252  5.583   1.00 28.17 ? 109 GLU A OE2 1 
ATOM   871  N  N   . ALA A 1 111 ? 7.668   -1.269  -0.295  1.00 9.60  ? 110 ALA A N   1 
ATOM   872  C  CA  . ALA A 1 111 ? 7.674   -0.972  -1.733  1.00 9.20  ? 110 ALA A CA  1 
ATOM   873  C  C   . ALA A 1 111 ? 7.151   0.449   -1.941  1.00 8.24  ? 110 ALA A C   1 
ATOM   874  O  O   . ALA A 1 111 ? 7.650   1.152   -2.809  1.00 8.06  ? 110 ALA A O   1 
ATOM   875  C  CB  . ALA A 1 111 ? 6.844   -1.954  -2.475  1.00 9.05  ? 110 ALA A CB  1 
ATOM   876  N  N   . ILE A 1 112 ? 6.117   0.812   -1.193  1.00 7.72  ? 111 ILE A N   1 
ATOM   877  C  CA  . ILE A 1 112 ? 5.603   2.189   -1.221  1.00 8.26  ? 111 ILE A CA  1 
ATOM   878  C  C   . ILE A 1 112 ? 6.642   3.206   -0.863  1.00 8.40  ? 111 ILE A C   1 
ATOM   879  O  O   . ILE A 1 112 ? 6.867   4.179   -1.616  1.00 7.31  ? 111 ILE A O   1 
ATOM   880  C  CB  . ILE A 1 112 ? 4.327   2.360   -0.358  1.00 8.46  ? 111 ILE A CB  1 
ATOM   881  C  CG1 . ILE A 1 112 ? 3.174   1.604   -0.965  1.00 9.07  ? 111 ILE A CG1 1 
ATOM   882  C  CG2 . ILE A 1 112 ? 3.950   3.832   -0.261  1.00 9.12  ? 111 ILE A CG2 1 
ATOM   883  C  CD1 . ILE A 1 112 ? 2.035   1.344   0.004   1.00 9.31  ? 111 ILE A CD1 1 
ATOM   884  N  N   . ILE A 1 113 ? 7.355   2.935   0.194   1.00 8.19  ? 112 ILE A N   1 
ATOM   885  C  CA  . ILE A 1 113 ? 8.405   3.857   0.642   1.00 8.93  ? 112 ILE A CA  1 
ATOM   886  C  C   . ILE A 1 113 ? 9.563   3.914   -0.346  1.00 10.13 ? 112 ILE A C   1 
ATOM   887  O  O   . ILE A 1 113 ? 10.099  5.005   -0.651  1.00 10.04 ? 112 ILE A O   1 
ATOM   888  C  CB  . ILE A 1 113 ? 8.869   3.504   2.052   1.00 8.86  ? 112 ILE A CB  1 
ATOM   889  C  CG1 . ILE A 1 113 ? 7.863   3.927   3.084   1.00 9.26  ? 112 ILE A CG1 1 
ATOM   890  C  CG2 . ILE A 1 113 ? 10.252  4.199   2.391   1.00 9.56  ? 112 ILE A CG2 1 
ATOM   891  C  CD1 . ILE A 1 113 ? 8.016   3.192   4.427   1.00 9.93  ? 112 ILE A CD1 1 
ATOM   892  N  N   . HIS A 1 114 ? 9.962   2.744   -0.841  1.00 9.71  ? 113 HIS A N   1 
ATOM   893  C  CA  . HIS A 1 114 ? 10.988  2.706   -1.879  1.00 10.81 ? 113 HIS A CA  1 
ATOM   894  C  C   . HIS A 1 114 ? 10.631  3.549   -3.120  1.00 10.44 ? 113 HIS A C   1 
ATOM   895  O  O   . HIS A 1 114 ? 11.487  4.270   -3.605  1.00 11.15 ? 113 HIS A O   1 
ATOM   896  C  CB  . HIS A 1 114 ? 11.292  1.259   -2.248  1.00 12.80 ? 113 HIS A CB  1 
ATOM   897  C  CG  . HIS A 1 114 ? 12.273  1.112   -3.350  1.00 13.71 ? 113 HIS A CG  1 
ATOM   898  N  ND1 . HIS A 1 114 ? 13.602  0.843   -3.129  1.00 20.04 ? 113 HIS A ND1 1 
ATOM   899  C  CD2 . HIS A 1 114 ? 12.088  1.071   -4.676  1.00 17.08 ? 113 HIS A CD2 1 
ATOM   900  C  CE1 . HIS A 1 114 ? 14.208  0.708   -4.293  1.00 18.65 ? 113 HIS A CE1 1 
ATOM   901  N  NE2 . HIS A 1 114 ? 13.309  0.869   -5.248  1.00 18.26 ? 113 HIS A NE2 1 
ATOM   902  N  N   . VAL A 1 115 ? 9.448   3.397   -3.665  1.00 9.54  ? 114 VAL A N   1 
ATOM   903  C  CA  . VAL A 1 115 ? 9.060   4.074   -4.904  1.00 9.89  ? 114 VAL A CA  1 
ATOM   904  C  C   . VAL A 1 115 ? 8.944   5.603   -4.654  1.00 9.61  ? 114 VAL A C   1 
ATOM   905  O  O   . VAL A 1 115 ? 9.384   6.427   -5.495  1.00 9.05  ? 114 VAL A O   1 
ATOM   906  C  CB  . VAL A 1 115 ? 7.764   3.431   -5.468  1.00 9.93  ? 114 VAL A CB  1 
ATOM   907  C  CG1 . VAL A 1 115 ? 7.151   4.258   -6.528  1.00 10.51 ? 114 VAL A CG1 1 
ATOM   908  C  CG2 . VAL A 1 115 ? 8.115   2.040   -6.031  1.00 9.84  ? 114 VAL A CG2 1 
ATOM   909  N  N   . LEU A 1 116 ? 8.292   5.964   -3.519  1.00 9.03  ? 115 LEU A N   1 
ATOM   910  C  CA  . LEU A 1 116 ? 8.190   7.423   -3.195  1.00 9.54  ? 115 LEU A CA  1 
ATOM   911  C  C   . LEU A 1 116 ? 9.600   8.024   -3.050  1.00 9.51  ? 115 LEU A C   1 
ATOM   912  O  O   . LEU A 1 116 ? 9.852   9.125   -3.562  1.00 9.00  ? 115 LEU A O   1 
ATOM   913  C  CB  . LEU A 1 116 ? 7.333   7.719   -1.953  1.00 10.78 ? 115 LEU A CB  1 
ATOM   914  C  CG  . LEU A 1 116 ? 5.883   7.212   -2.121  1.00 11.67 ? 115 LEU A CG  1 
ATOM   915  C  CD1 . LEU A 1 116 ? 5.017   7.568   -0.917  1.00 11.29 ? 115 LEU A CD1 1 
ATOM   916  C  CD2 . LEU A 1 116 ? 5.227   7.568   -3.384  1.00 14.31 ? 115 LEU A CD2 1 
ATOM   917  N  N   . HIS A 1 117 ? 10.514  7.278   -2.415  1.00 10.76 ? 116 HIS A N   1 
ATOM   918  C  CA  . HIS A 1 117 ? 11.849  7.823   -2.181  1.00 10.33 ? 116 HIS A CA  1 
ATOM   919  C  C   . HIS A 1 117 ? 12.563  8.078   -3.517  1.00 10.33 ? 116 HIS A C   1 
ATOM   920  O  O   . HIS A 1 117 ? 13.214  9.158   -3.724  1.00 11.40 ? 116 HIS A O   1 
ATOM   921  C  CB  . HIS A 1 117 ? 12.653  6.857   -1.374  1.00 11.04 ? 116 HIS A CB  1 
ATOM   922  C  CG  . HIS A 1 117 ? 14.087  7.277   -1.221  1.00 11.26 ? 116 HIS A CG  1 
ATOM   923  N  ND1 . HIS A 1 117 ? 15.090  6.799   -2.037  1.00 12.77 ? 116 HIS A ND1 1 
ATOM   924  C  CD2 . HIS A 1 117 ? 14.667  8.101   -0.338  1.00 12.56 ? 116 HIS A CD2 1 
ATOM   925  C  CE1 . HIS A 1 117 ? 16.238  7.337   -1.652  1.00 13.15 ? 116 HIS A CE1 1 
ATOM   926  N  NE2 . HIS A 1 117 ? 16.000  8.164   -0.651  1.00 12.01 ? 116 HIS A NE2 1 
ATOM   927  N  N   . SER A 1 118 ? 12.331  7.151   -4.445  1.00 10.30 ? 117 SER A N   1 
ATOM   928  C  CA  . SER A 1 118 ? 12.916  7.236   -5.785  1.00 11.00 ? 117 SER A CA  1 
ATOM   929  C  C   . SER A 1 118 ? 12.294  8.325   -6.677  1.00 10.93 ? 117 SER A C   1 
ATOM   930  O  O   . SER A 1 118 ? 13.042  9.068   -7.312  1.00 9.69  ? 117 SER A O   1 
ATOM   931  C  CB  . SER A 1 118 ? 12.839  5.892   -6.460  1.00 11.80 ? 117 SER A CB  1 
ATOM   932  O  OG  . SER A 1 118 ? 13.266  5.906   -7.781  1.00 15.74 ? 117 SER A OG  1 
ATOM   933  N  N   . ARG A 1 119 ? 10.966  8.378   -6.693  1.00 9.13  ? 118 ARG A N   1 
ATOM   934  C  CA  . ARG A 1 119 ? 10.178  9.291   -7.528  1.00 9.74  ? 118 ARG A CA  1 
ATOM   935  C  C   . ARG A 1 119 ? 10.138  10.750  -7.046  1.00 8.93  ? 118 ARG A C   1 
ATOM   936  O  O   . ARG A 1 119 ? 10.013  11.644  -7.900  1.00 7.44  ? 118 ARG A O   1 
ATOM   937  C  CB  . ARG A 1 119 ? 8.766   8.745   -7.767  1.00 10.38 ? 118 ARG A CB  1 
ATOM   938  C  CG  . ARG A 1 119 ? 8.707   7.539   -8.691  1.00 12.17 ? 118 ARG A CG  1 
ATOM   939  C  CD  . ARG A 1 119 ? 7.354   6.844   -9.086  1.00 13.36 ? 118 ARG A CD  1 
ATOM   940  N  NE  . ARG A 1 119 ? 6.706   7.709   -10.003 1.00 16.45 ? 118 ARG A NE  1 
ATOM   941  C  CZ  . ARG A 1 119 ? 6.021   7.418   -11.104 1.00 14.24 ? 118 ARG A CZ  1 
ATOM   942  N  NH1 . ARG A 1 119 ? 5.848   6.229   -11.640 1.00 16.32 ? 118 ARG A NH1 1 
ATOM   943  N  NH2 . ARG A 1 119 ? 5.485   8.427   -11.686 1.00 15.86 ? 118 ARG A NH2 1 
ATOM   944  N  N   . HIS A 1 120 ? 10.148  10.956  -5.713  1.00 7.71  ? 119 HIS A N   1 
ATOM   945  C  CA  . HIS A 1 120 ? 9.738   12.174  -5.062  1.00 9.14  ? 119 HIS A CA  1 
ATOM   946  C  C   . HIS A 1 120 ? 10.732  12.668  -4.036  1.00 9.35  ? 119 HIS A C   1 
ATOM   947  O  O   . HIS A 1 120 ? 10.357  12.981  -2.911  1.00 9.84  ? 119 HIS A O   1 
ATOM   948  C  CB  . HIS A 1 120 ? 8.319   12.025  -4.451  1.00 9.24  ? 119 HIS A CB  1 
ATOM   949  C  CG  . HIS A 1 120 ? 7.288   11.772  -5.496  1.00 9.24  ? 119 HIS A CG  1 
ATOM   950  N  ND1 . HIS A 1 120 ? 6.999   12.688  -6.479  1.00 10.69 ? 119 HIS A ND1 1 
ATOM   951  C  CD2 . HIS A 1 120 ? 6.559   10.667  -5.793  1.00 9.89  ? 119 HIS A CD2 1 
ATOM   952  C  CE1 . HIS A 1 120 ? 6.153   12.165  -7.337  1.00 10.43 ? 119 HIS A CE1 1 
ATOM   953  N  NE2 . HIS A 1 120 ? 5.851   10.949  -6.945  1.00 9.77  ? 119 HIS A NE2 1 
ATOM   954  N  N   . PRO A 1 121 ? 11.983  12.873  -4.475  1.00 9.30  ? 120 PRO A N   1 
ATOM   955  C  CA  . PRO A 1 121 ? 12.939  13.472  -3.550  1.00 11.20 ? 120 PRO A CA  1 
ATOM   956  C  C   . PRO A 1 121 ? 12.579  14.899  -3.133  1.00 10.98 ? 120 PRO A C   1 
ATOM   957  O  O   . PRO A 1 121 ? 12.923  15.290  -2.019  1.00 11.87 ? 120 PRO A O   1 
ATOM   958  C  CB  . PRO A 1 121 ? 14.264  13.482  -4.348  1.00 10.88 ? 120 PRO A CB  1 
ATOM   959  C  CG  . PRO A 1 121 ? 13.884  13.474  -5.758  1.00 10.08 ? 120 PRO A CG  1 
ATOM   960  C  CD  . PRO A 1 121 ? 12.629  12.593  -5.769  1.00 9.45  ? 120 PRO A CD  1 
ATOM   961  N  N   . GLY A 1 122 ? 11.738  15.567  -3.930  1.00 13.33 ? 121 GLY A N   1 
ATOM   962  C  CA  . GLY A 1 122 ? 11.089  16.861  -3.639  1.00 12.09 ? 121 GLY A CA  1 
ATOM   963  C  C   . GLY A 1 122 ? 10.143  16.950  -2.440  1.00 12.54 ? 121 GLY A C   1 
ATOM   964  O  O   . GLY A 1 122 ? 9.985   18.059  -1.755  1.00 14.46 ? 121 GLY A O   1 
ATOM   965  N  N   . ASN A 1 123 ? 9.475   15.835  -2.182  1.00 12.83 ? 122 ASN A N   1 
ATOM   966  C  CA  . ASN A 1 123 ? 8.480   15.737  -1.152  1.00 11.60 ? 122 ASN A CA  1 
ATOM   967  C  C   . ASN A 1 123 ? 8.647   14.511  -0.247  1.00 11.94 ? 122 ASN A C   1 
ATOM   968  O  O   . ASN A 1 123 ? 7.723   14.192  0.505   1.00 11.73 ? 122 ASN A O   1 
ATOM   969  C  CB  . ASN A 1 123 ? 7.127   15.745  -1.767  1.00 13.20 ? 122 ASN A CB  1 
ATOM   970  C  CG  . ASN A 1 123 ? 6.749   17.108  -2.352  1.00 14.42 ? 122 ASN A CG  1 
ATOM   971  O  OD1 . ASN A 1 123 ? 6.303   17.997  -1.600  1.00 14.18 ? 122 ASN A OD1 1 
ATOM   972  N  ND2 . ASN A 1 123 ? 6.945   17.281  -3.706  1.00 13.42 ? 122 ASN A ND2 1 
ATOM   973  N  N   . PHE A 1 124 ? 9.800   13.823  -0.343  1.00 11.16 ? 123 PHE A N   1 
ATOM   974  C  CA  . PHE A 1 124 ? 10.014  12.615  0.367   1.00 11.41 ? 123 PHE A CA  1 
ATOM   975  C  C   . PHE A 1 124 ? 11.404  12.591  0.935   1.00 11.89 ? 123 PHE A C   1 
ATOM   976  O  O   . PHE A 1 124 ? 12.137  11.597  0.827   1.00 11.60 ? 123 PHE A O   1 
ATOM   977  C  CB  . PHE A 1 124 ? 9.670   11.389  -0.462  1.00 10.40 ? 123 PHE A CB  1 
ATOM   978  C  CG  . PHE A 1 124 ? 9.164   10.203  0.361   1.00 10.26 ? 123 PHE A CG  1 
ATOM   979  C  CD1 . PHE A 1 124 ? 7.889   10.252  0.974   1.00 10.12 ? 123 PHE A CD1 1 
ATOM   980  C  CD2 . PHE A 1 124 ? 9.899   9.031   0.467   1.00 10.24 ? 123 PHE A CD2 1 
ATOM   981  C  CE1 . PHE A 1 124 ? 7.425   9.135   1.673   1.00 10.40 ? 123 PHE A CE1 1 
ATOM   982  C  CE2 . PHE A 1 124 ? 9.450   7.945   1.193   1.00 8.89  ? 123 PHE A CE2 1 
ATOM   983  C  CZ  . PHE A 1 124 ? 8.194   7.995   1.799   1.00 9.39  ? 123 PHE A CZ  1 
ATOM   984  N  N   . GLY A 1 125 ? 11.721  13.689  1.653   1.00 13.47 ? 124 GLY A N   1 
ATOM   985  C  CA  . GLY A 1 125 ? 12.945  13.734  2.445   1.00 13.31 ? 124 GLY A CA  1 
ATOM   986  C  C   . GLY A 1 125 ? 12.787  12.941  3.734   1.00 13.99 ? 124 GLY A C   1 
ATOM   987  O  O   . GLY A 1 125 ? 11.791  12.248  3.937   1.00 11.65 ? 124 GLY A O   1 
ATOM   988  N  N   . ALA A 1 126 ? 13.787  12.988  4.609   1.00 14.15 ? 125 ALA A N   1 
ATOM   989  C  CA  . ALA A 1 126 ? 13.763  12.108  5.779   1.00 15.12 ? 125 ALA A CA  1 
ATOM   990  C  C   . ALA A 1 126 ? 12.540  12.319  6.689   1.00 14.19 ? 125 ALA A C   1 
ATOM   991  O  O   . ALA A 1 126 ? 11.937  11.351  7.119   1.00 12.62 ? 125 ALA A O   1 
ATOM   992  C  CB  . ALA A 1 126 ? 15.022  12.213  6.607   1.00 17.33 ? 125 ALA A CB  1 
ATOM   993  N  N   . ASP A 1 127 ? 12.222  13.577  7.021   1.00 14.46 ? 126 ASP A N   1 
ATOM   994  C  CA  . ASP A 1 127 ? 11.040  13.858  7.778   1.00 14.39 ? 126 ASP A CA  1 
ATOM   995  C  C   . ASP A 1 127 ? 9.709   13.322  7.141   1.00 12.19 ? 126 ASP A C   1 
ATOM   996  O  O   . ASP A 1 127 ? 8.844   12.714  7.855   1.00 9.88  ? 126 ASP A O   1 
ATOM   997  C  CB  . ASP A 1 127 ? 10.964  15.321  8.047   1.00 16.56 ? 126 ASP A CB  1 
ATOM   998  C  CG  . ASP A 1 127 ? 11.997  15.790  9.099   1.00 16.38 ? 126 ASP A CG  1 
ATOM   999  O  OD1 . ASP A 1 127 ? 12.646  15.009  9.864   1.00 20.01 ? 126 ASP A OD1 1 
ATOM   1000 O  OD2 . ASP A 1 127 ? 12.137  17.002  9.109   1.00 23.42 ? 126 ASP A OD2 1 
ATOM   1001 N  N   . ALA A 1 128 ? 9.536   13.550  5.851   1.00 11.93 ? 127 ALA A N   1 
ATOM   1002 C  CA  . ALA A 1 128 ? 8.346   13.038  5.161   1.00 11.12 ? 127 ALA A CA  1 
ATOM   1003 C  C   . ALA A 1 128 ? 8.290   11.505  5.180   1.00 10.39 ? 127 ALA A C   1 
ATOM   1004 O  O   . ALA A 1 128 ? 7.196   10.890  5.298   1.00 10.53 ? 127 ALA A O   1 
ATOM   1005 C  CB  . ALA A 1 128 ? 8.375   13.512  3.701   1.00 11.27 ? 127 ALA A CB  1 
ATOM   1006 N  N   . GLN A 1 129 ? 9.439   10.894  4.951   1.00 9.32  ? 128 GLN A N   1 
ATOM   1007 C  CA  . GLN A 1 129 ? 9.504   9.386   4.961   1.00 10.06 ? 128 GLN A CA  1 
ATOM   1008 C  C   . GLN A 1 129 ? 9.170   8.821   6.359   1.00 10.34 ? 128 GLN A C   1 
ATOM   1009 O  O   . GLN A 1 129 ? 8.467   7.817   6.495   1.00 9.51  ? 128 GLN A O   1 
ATOM   1010 C  CB  . GLN A 1 129 ? 10.882  8.879   4.541   1.00 10.43 ? 128 GLN A CB  1 
ATOM   1011 C  CG  . GLN A 1 129 ? 10.976  7.351   4.504   1.00 10.91 ? 128 GLN A CG  1 
ATOM   1012 C  CD  . GLN A 1 129 ? 12.249  6.782   3.903   1.00 11.70 ? 128 GLN A CD  1 
ATOM   1013 O  OE1 . GLN A 1 129 ? 12.816  7.331   2.957   1.00 11.94 ? 128 GLN A OE1 1 
ATOM   1014 N  NE2 . GLN A 1 129 ? 12.608  5.617   4.354   1.00 11.26 ? 128 GLN A NE2 1 
ATOM   1015 N  N   . GLY A 1 130 ? 9.699   9.466   7.380   1.00 10.99 ? 129 GLY A N   1 
ATOM   1016 C  CA  . GLY A 1 130 ? 9.307   9.157   8.778   1.00 11.03 ? 129 GLY A CA  1 
ATOM   1017 C  C   . GLY A 1 130 ? 7.803   9.301   9.011   1.00 11.00 ? 129 GLY A C   1 
ATOM   1018 O  O   . GLY A 1 130 ? 7.148   8.405   9.624   1.00 13.02 ? 129 GLY A O   1 
ATOM   1019 N  N   . ALA A 1 131 ? 7.219   10.401  8.510   1.00 10.13 ? 130 ALA A N   1 
ATOM   1020 C  CA  . ALA A 1 131 ? 5.789   10.586  8.656   1.00 9.96  ? 130 ALA A CA  1 
ATOM   1021 C  C   . ALA A 1 131 ? 5.028   9.493   7.904   1.00 8.84  ? 130 ALA A C   1 
ATOM   1022 O  O   . ALA A 1 131 ? 4.060   8.943   8.392   1.00 8.59  ? 130 ALA A O   1 
ATOM   1023 C  CB  . ALA A 1 131 ? 5.358   11.956  8.150   1.00 10.49 ? 130 ALA A CB  1 
ATOM   1024 N  N   . MET A 1 132 ? 5.434   9.207   6.676   1.00 8.67  ? 131 MET A N   1 
ATOM   1025 C  CA  . MET A 1 132 ? 4.747   8.104   5.914   1.00 8.74  ? 131 MET A CA  1 
ATOM   1026 C  C   . MET A 1 132 ? 4.922   6.741   6.597   1.00 9.31  ? 131 MET A C   1 
ATOM   1027 O  O   . MET A 1 132 ? 3.928   5.986   6.724   1.00 8.51  ? 131 MET A O   1 
ATOM   1028 C  CB  . MET A 1 132 ? 5.255   8.039   4.475   1.00 8.85  ? 131 MET A CB  1 
ATOM   1029 C  CG  . MET A 1 132 ? 4.677   6.910   3.646   1.00 8.68  ? 131 MET A CG  1 
ATOM   1030 S  SD  . MET A 1 132 ? 2.908   7.201   3.350   1.00 9.88  ? 131 MET A SD  1 
ATOM   1031 C  CE  . MET A 1 132 ? 2.994   8.559   2.127   1.00 10.64 ? 131 MET A CE  1 
ATOM   1032 N  N   . ASN A 1 133 ? 6.120   6.462   7.130   1.00 8.96  ? 132 ASN A N   1 
ATOM   1033 C  CA  . ASN A 1 133 ? 6.305   5.208   7.847   1.00 9.63  ? 132 ASN A CA  1 
ATOM   1034 C  C   . ASN A 1 133 ? 5.335   5.153   9.067   1.00 9.80  ? 132 ASN A C   1 
ATOM   1035 O  O   . ASN A 1 133 ? 4.696   4.097   9.315   1.00 9.94  ? 132 ASN A O   1 
ATOM   1036 C  CB  . ASN A 1 133 ? 7.733   4.985   8.327   1.00 10.92 ? 132 ASN A CB  1 
ATOM   1037 C  CG  . ASN A 1 133 ? 7.859   3.751   9.170   1.00 10.00 ? 132 ASN A CG  1 
ATOM   1038 O  OD1 . ASN A 1 133 ? 7.521   2.652   8.727   1.00 13.06 ? 132 ASN A OD1 1 
ATOM   1039 N  ND2 . ASN A 1 133 ? 8.398   3.915   10.363  1.00 11.07 ? 132 ASN A ND2 1 
ATOM   1040 N  N   . LYS A 1 134 ? 5.220   6.252   9.792   1.00 9.94  ? 133 LYS A N   1 
ATOM   1041 C  CA  . LYS A 1 134 ? 4.262   6.319   10.920  1.00 11.68 ? 133 LYS A CA  1 
ATOM   1042 C  C   . LYS A 1 134 ? 2.800   5.999   10.507  1.00 10.60 ? 133 LYS A C   1 
ATOM   1043 O  O   . LYS A 1 134 ? 2.085   5.199   11.191  1.00 10.63 ? 133 LYS A O   1 
ATOM   1044 C  CB  . LYS A 1 134 ? 4.278   7.649   11.612  1.00 14.61 ? 133 LYS A CB  1 
ATOM   1045 C  CG  . LYS A 1 134 ? 4.939   7.717   12.937  1.00 18.28 ? 133 LYS A CG  1 
ATOM   1046 C  CD  . LYS A 1 134 ? 4.850   9.115   13.557  1.00 19.54 ? 133 LYS A CD  1 
ATOM   1047 C  CE  . LYS A 1 134 ? 3.815   9.225   14.659  1.00 20.63 ? 133 LYS A CE  1 
ATOM   1048 N  NZ  . LYS A 1 134 ? 4.085   10.387  15.591  1.00 22.17 ? 133 LYS A NZ  1 
ATOM   1049 N  N   . ALA A 1 135 ? 2.404   6.582   9.406   1.00 9.55  ? 134 ALA A N   1 
ATOM   1050 C  CA  . ALA A 1 135 ? 1.037   6.419   8.888   1.00 9.28  ? 134 ALA A CA  1 
ATOM   1051 C  C   . ALA A 1 135 ? 0.816   4.992   8.471   1.00 8.75  ? 134 ALA A C   1 
ATOM   1052 O  O   . ALA A 1 135 ? -0.251  4.406   8.738   1.00 8.39  ? 134 ALA A O   1 
ATOM   1053 C  CB  . ALA A 1 135 ? 0.839   7.338   7.708   1.00 8.85  ? 134 ALA A CB  1 
ATOM   1054 N  N   . LEU A 1 136 ? 1.821   4.395   7.816   1.00 8.54  ? 135 LEU A N   1 
ATOM   1055 C  CA  . LEU A 1 136 ? 1.701   3.004   7.398   1.00 9.50  ? 135 LEU A CA  1 
ATOM   1056 C  C   . LEU A 1 136 ? 1.747   2.034   8.562   1.00 9.40  ? 135 LEU A C   1 
ATOM   1057 O  O   . LEU A 1 136 ? 1.035   1.060   8.544   1.00 9.76  ? 135 LEU A O   1 
ATOM   1058 C  CB  . LEU A 1 136 ? 2.751   2.611   6.351   1.00 10.31 ? 135 LEU A CB  1 
ATOM   1059 C  CG  . LEU A 1 136 ? 2.525   3.406   5.045   1.00 11.31 ? 135 LEU A CG  1 
ATOM   1060 C  CD1 . LEU A 1 136 ? 3.710   3.167   4.060   1.00 12.43 ? 135 LEU A CD1 1 
ATOM   1061 C  CD2 . LEU A 1 136 ? 1.266   3.081   4.362   1.00 13.98 ? 135 LEU A CD2 1 
ATOM   1062 N  N   . GLU A 1 137 ? 2.536   2.332   9.605   1.00 10.16 ? 136 GLU A N   1 
ATOM   1063 C  CA  . GLU A 1 137 ? 2.562   1.507   10.826  1.00 11.26 ? 136 GLU A CA  1 
ATOM   1064 C  C   . GLU A 1 137 ? 1.232   1.548   11.507  1.00 10.64 ? 136 GLU A C   1 
ATOM   1065 O  O   . GLU A 1 137 ? 0.776   0.508   12.022  1.00 10.80 ? 136 GLU A O   1 
ATOM   1066 C  CB  . GLU A 1 137 ? 3.622   2.048   11.795  1.00 14.22 ? 136 GLU A CB  1 
ATOM   1067 C  CG  . GLU A 1 137 ? 5.018   1.737   11.393  1.00 18.65 ? 136 GLU A CG  1 
ATOM   1068 C  CD  . GLU A 1 137 ? 6.112   2.266   12.342  1.00 21.71 ? 136 GLU A CD  1 
ATOM   1069 O  OE1 . GLU A 1 137 ? 5.942   3.373   12.946  1.00 26.54 ? 136 GLU A OE1 1 
ATOM   1070 O  OE2 . GLU A 1 137 ? 7.198   1.644   12.316  1.00 30.42 ? 136 GLU A OE2 1 
ATOM   1071 N  N   . LEU A 1 138 ? 0.626   2.752   11.568  1.00 10.10 ? 137 LEU A N   1 
ATOM   1072 C  CA  . LEU A 1 138 ? -0.718  2.937   12.127  1.00 10.54 ? 137 LEU A CA  1 
ATOM   1073 C  C   . LEU A 1 138 ? -1.725  2.093   11.398  1.00 9.83  ? 137 LEU A C   1 
ATOM   1074 O  O   . LEU A 1 138 ? -2.540  1.371   12.005  1.00 11.52 ? 137 LEU A O   1 
ATOM   1075 C  CB  . LEU A 1 138 ? -1.120  4.446   12.114  1.00 10.58 ? 137 LEU A CB  1 
ATOM   1076 C  CG  . LEU A 1 138 ? -2.506  4.719   12.690  1.00 11.34 ? 137 LEU A CG  1 
ATOM   1077 C  CD1 . LEU A 1 138 ? -2.584  4.304   14.177  1.00 12.59 ? 137 LEU A CD1 1 
ATOM   1078 C  CD2 . LEU A 1 138 ? -2.875  6.155   12.467  1.00 11.28 ? 137 LEU A CD2 1 
ATOM   1079 N  N   . PHE A 1 139 ? -1.717  2.221   10.080  1.00 8.73  ? 138 PHE A N   1 
ATOM   1080 C  CA  . PHE A 1 139 ? -2.560  1.380   9.212   1.00 9.41  ? 138 PHE A CA  1 
ATOM   1081 C  C   . PHE A 1 139 ? -2.403  -0.072  9.530   1.00 9.59  ? 138 PHE A C   1 
ATOM   1082 O  O   . PHE A 1 139 ? -3.419  -0.754  9.701   1.00 10.60 ? 138 PHE A O   1 
ATOM   1083 C  CB  . PHE A 1 139 ? -2.272  1.724   7.726   1.00 9.39  ? 138 PHE A CB  1 
ATOM   1084 C  CG  . PHE A 1 139 ? -2.820  0.718   6.738   1.00 10.02 ? 138 PHE A CG  1 
ATOM   1085 C  CD1 . PHE A 1 139 ? -4.212  0.613   6.507   1.00 10.23 ? 138 PHE A CD1 1 
ATOM   1086 C  CD2 . PHE A 1 139 ? -1.980  -0.152  6.088   1.00 10.02 ? 138 PHE A CD2 1 
ATOM   1087 C  CE1 . PHE A 1 139 ? -4.695  -0.333  5.597   1.00 10.03 ? 138 PHE A CE1 1 
ATOM   1088 C  CE2 . PHE A 1 139 ? -2.472  -1.129  5.225   1.00 10.50 ? 138 PHE A CE2 1 
ATOM   1089 C  CZ  . PHE A 1 139 ? -3.836  -1.232  4.998   1.00 10.75 ? 138 PHE A CZ  1 
ATOM   1090 N  N   . ARG A 1 140 ? -1.159  -0.582  9.541   1.00 8.92  ? 139 ARG A N   1 
ATOM   1091 C  CA  . ARG A 1 140 ? -0.913  -2.000  9.781   1.00 10.38 ? 139 ARG A CA  1 
ATOM   1092 C  C   . ARG A 1 140 ? -1.302  -2.403  11.210  1.00 9.99  ? 139 ARG A C   1 
ATOM   1093 O  O   . ARG A 1 140 ? -1.753  -3.537  11.407  1.00 11.11 ? 139 ARG A O   1 
ATOM   1094 C  CB  . ARG A 1 140 ? 0.512   -2.382  9.503   1.00 9.61  ? 139 ARG A CB  1 
ATOM   1095 C  CG  . ARG A 1 140 ? 0.972   -2.176  8.075   1.00 10.44 ? 139 ARG A CG  1 
ATOM   1096 C  CD  . ARG A 1 140 ? 2.225   -2.893  7.771   1.00 10.56 ? 139 ARG A CD  1 
ATOM   1097 N  NE  . ARG A 1 140 ? 3.258   -2.530  8.731   1.00 11.36 ? 139 ARG A NE  1 
ATOM   1098 C  CZ  . ARG A 1 140 ? 4.085   -1.518  8.605   1.00 13.12 ? 139 ARG A CZ  1 
ATOM   1099 N  NH1 . ARG A 1 140 ? 4.055   -0.710  7.503   1.00 13.43 ? 139 ARG A NH1 1 
ATOM   1100 N  NH2 . ARG A 1 140 ? 4.953   -1.306  9.576   1.00 13.96 ? 139 ARG A NH2 1 
ATOM   1101 N  N   . LYS A 1 141 ? -1.114  -1.505  12.176  1.00 10.74 ? 140 LYS A N   1 
ATOM   1102 C  CA  . LYS A 1 141 ? -1.490  -1.799  13.579  1.00 11.28 ? 140 LYS A CA  1 
ATOM   1103 C  C   . LYS A 1 141 ? -2.996  -1.988  13.680  1.00 10.99 ? 140 LYS A C   1 
ATOM   1104 O  O   . LYS A 1 141 ? -3.475  -2.973  14.311  1.00 8.65  ? 140 LYS A O   1 
ATOM   1105 C  CB  . LYS A 1 141 ? -1.059  -0.662  14.502  1.00 12.29 ? 140 LYS A CB  1 
ATOM   1106 C  CG  . LYS A 1 141 ? -1.438  -0.753  15.980  1.00 15.66 ? 140 LYS A CG  1 
ATOM   1107 C  CD  . LYS A 1 141 ? -1.378  0.649   16.621  1.00 20.52 ? 140 LYS A CD  1 
ATOM   1108 C  CE  . LYS A 1 141 ? -2.021  0.782   18.001  1.00 26.22 ? 140 LYS A CE  1 
ATOM   1109 N  NZ  . LYS A 1 141 ? -1.353  -0.132  18.932  1.00 29.85 ? 140 LYS A NZ  1 
ATOM   1110 N  N   . ASP A 1 142 ? -3.748  -1.059  13.046  1.00 9.99  ? 141 ASP A N   1 
ATOM   1111 C  CA  . ASP A 1 142 ? -5.215  -1.114  13.154  1.00 11.97 ? 141 ASP A CA  1 
ATOM   1112 C  C   . ASP A 1 142 ? -5.755  -2.281  12.353  1.00 11.18 ? 141 ASP A C   1 
ATOM   1113 O  O   . ASP A 1 142 ? -6.620  -3.003  12.842  1.00 11.05 ? 141 ASP A O   1 
ATOM   1114 C  CB  . ASP A 1 142 ? -5.785  0.218   12.764  1.00 11.52 ? 141 ASP A CB  1 
ATOM   1115 C  CG  . ASP A 1 142 ? -5.564  1.283   13.806  1.00 13.63 ? 141 ASP A CG  1 
ATOM   1116 O  OD1 . ASP A 1 142 ? -5.015  1.013   14.917  1.00 15.05 ? 141 ASP A OD1 1 
ATOM   1117 O  OD2 . ASP A 1 142 ? -5.982  2.413   13.532  1.00 14.42 ? 141 ASP A OD2 1 
ATOM   1118 N  N   . ILE A 1 143 ? -5.198  -2.579  11.165  1.00 11.09 ? 142 ILE A N   1 
ATOM   1119 C  CA  . ILE A 1 143 ? -5.571  -3.806  10.435  1.00 12.27 ? 142 ILE A CA  1 
ATOM   1120 C  C   . ILE A 1 143 ? -5.308  -5.055  11.202  1.00 12.42 ? 142 ILE A C   1 
ATOM   1121 O  O   . ILE A 1 143 ? -6.149  -5.945  11.214  1.00 12.43 ? 142 ILE A O   1 
ATOM   1122 C  CB  . ILE A 1 143 ? -4.821  -3.962  9.034   1.00 14.68 ? 142 ILE A CB  1 
ATOM   1123 C  CG1 . ILE A 1 143 ? -5.421  -2.976  8.079   1.00 17.58 ? 142 ILE A CG1 1 
ATOM   1124 C  CG2 . ILE A 1 143 ? -4.927  -5.423  8.447   1.00 17.37 ? 142 ILE A CG2 1 
ATOM   1125 C  CD1 . ILE A 1 143 ? -6.768  -3.380  7.531   1.00 19.11 ? 142 ILE A CD1 1 
ATOM   1126 N  N   . ALA A 1 144 ? -4.124  -5.169  11.804  1.00 11.14 ? 143 ALA A N   1 
ATOM   1127 C  CA  . ALA A 1 144 ? -3.781  -6.321  12.596  1.00 12.20 ? 143 ALA A CA  1 
ATOM   1128 C  C   . ALA A 1 144 ? -4.791  -6.563  13.722  1.00 12.43 ? 143 ALA A C   1 
ATOM   1129 O  O   . ALA A 1 144 ? -5.181  -7.733  13.929  1.00 12.72 ? 143 ALA A O   1 
ATOM   1130 C  CB  . ALA A 1 144 ? -2.395  -6.192  13.157  1.00 13.19 ? 143 ALA A CB  1 
ATOM   1131 N  N   . ALA A 1 145 ? -5.190  -5.487  14.414  1.00 12.48 ? 144 ALA A N   1 
ATOM   1132 C  CA  . ALA A 1 145 ? -6.221  -5.579  15.522  1.00 13.01 ? 144 ALA A CA  1 
ATOM   1133 C  C   . ALA A 1 145 ? -7.547  -6.119  14.971  1.00 13.23 ? 144 ALA A C   1 
ATOM   1134 O  O   . ALA A 1 145 ? -8.202  -6.966  15.591  1.00 13.81 ? 144 ALA A O   1 
ATOM   1135 C  CB  . ALA A 1 145 ? -6.456  -4.264  16.240  1.00 13.41 ? 144 ALA A CB  1 
ATOM   1136 N  N   . LYS A 1 146 ? -7.905  -5.691  13.768  1.00 12.88 ? 145 LYS A N   1 
ATOM   1137 C  CA  . LYS A 1 146 ? -9.173  -6.121  13.137  1.00 13.62 ? 145 LYS A CA  1 
ATOM   1138 C  C   . LYS A 1 146 ? -9.072  -7.564  12.687  1.00 12.41 ? 145 LYS A C   1 
ATOM   1139 O  O   . LYS A 1 146 ? -10.012 -8.330  12.859  1.00 10.82 ? 145 LYS A O   1 
ATOM   1140 C  CB  . LYS A 1 146 ? -9.543  -5.225  11.946  1.00 17.59 ? 145 LYS A CB  1 
ATOM   1141 C  CG  . LYS A 1 146 ? -10.163 -3.940  12.316  1.00 24.96 ? 145 LYS A CG  1 
ATOM   1142 C  CD  . LYS A 1 146 ? -11.670 -4.234  12.414  1.00 31.07 ? 145 LYS A CD  1 
ATOM   1143 C  CE  . LYS A 1 146 ? -12.503 -3.029  12.818  1.00 33.10 ? 145 LYS A CE  1 
ATOM   1144 N  NZ  . LYS A 1 146 ? -13.672 -3.591  13.539  1.00 32.31 ? 145 LYS A NZ  1 
ATOM   1145 N  N   . TYR A 1 147 ? -7.920  -7.957  12.126  1.00 10.86 ? 146 TYR A N   1 
ATOM   1146 C  CA  . TYR A 1 147 ? -7.677  -9.373  11.765  1.00 11.85 ? 146 TYR A CA  1 
ATOM   1147 C  C   . TYR A 1 147 ? -7.939  -10.296 12.963  1.00 12.73 ? 146 TYR A C   1 
ATOM   1148 O  O   . TYR A 1 147 ? -8.615  -11.314 12.823  1.00 12.51 ? 146 TYR A O   1 
ATOM   1149 C  CB  . TYR A 1 147 ? -6.242  -9.566  11.370  1.00 12.44 ? 146 TYR A CB  1 
ATOM   1150 C  CG  . TYR A 1 147 ? -5.913  -9.356  9.884   1.00 13.13 ? 146 TYR A CG  1 
ATOM   1151 C  CD1 . TYR A 1 147 ? -6.704  -8.630  9.023   1.00 13.65 ? 146 TYR A CD1 1 
ATOM   1152 C  CD2 . TYR A 1 147 ? -4.710  -9.801  9.420   1.00 15.98 ? 146 TYR A CD2 1 
ATOM   1153 C  CE1 . TYR A 1 147 ? -6.373  -8.517  7.692   1.00 13.61 ? 146 TYR A CE1 1 
ATOM   1154 C  CE2 . TYR A 1 147 ? -4.363  -9.733  8.080   1.00 17.98 ? 146 TYR A CE2 1 
ATOM   1155 C  CZ  . TYR A 1 147 ? -5.193  -9.062  7.201   1.00 16.98 ? 146 TYR A CZ  1 
ATOM   1156 O  OH  . TYR A 1 147 ? -4.780  -8.945  5.869   1.00 15.66 ? 146 TYR A OH  1 
ATOM   1157 N  N   . LYS A 1 148 ? -7.423  -9.902  14.101  1.00 14.60 ? 147 LYS A N   1 
ATOM   1158 C  CA  . LYS A 1 148 ? -7.596  -10.680 15.363  1.00 17.07 ? 147 LYS A CA  1 
ATOM   1159 C  C   . LYS A 1 148 ? -9.060  -10.827 15.743  1.00 14.90 ? 147 LYS A C   1 
ATOM   1160 O  O   . LYS A 1 148 ? -9.514  -11.947 16.011  1.00 15.20 ? 147 LYS A O   1 
ATOM   1161 C  CB  . LYS A 1 148 ? -6.781  -10.035 16.473  1.00 19.86 ? 147 LYS A CB  1 
ATOM   1162 C  CG  . LYS A 1 148 ? -6.958  -10.684 17.816  1.00 27.42 ? 147 LYS A CG  1 
ATOM   1163 C  CD  . LYS A 1 148 ? -5.933  -10.224 18.850  1.00 30.31 ? 147 LYS A CD  1 
ATOM   1164 C  CE  . LYS A 1 148 ? -6.009  -11.145 20.087  1.00 34.70 ? 147 LYS A CE  1 
ATOM   1165 N  NZ  . LYS A 1 148 ? -4.896  -10.801 21.022  1.00 41.55 ? 147 LYS A NZ  1 
ATOM   1166 N  N   . GLU A 1 149 ? -9.771  -9.711  15.719  1.00 13.61 ? 148 GLU A N   1 
ATOM   1167 C  CA  . GLU A 1 149 ? -11.215 -9.656  15.893  1.00 13.57 ? 148 GLU A CA  1 
ATOM   1168 C  C   . GLU A 1 149 ? -11.933 -10.601 14.922  1.00 13.21 ? 148 GLU A C   1 
ATOM   1169 O  O   . GLU A 1 149 ? -12.920 -11.264 15.283  1.00 13.70 ? 148 GLU A O   1 
ATOM   1170 C  CB  . GLU A 1 149 ? -11.781 -8.237  15.773  1.00 14.97 ? 148 GLU A CB  1 
ATOM   1171 C  CG  . GLU A 1 149 ? -11.360 -7.266  16.844  1.00 16.28 ? 148 GLU A CG  1 
ATOM   1172 C  CD  . GLU A 1 149 ? -11.781 -5.849  16.538  1.00 19.58 ? 148 GLU A CD  1 
ATOM   1173 O  OE1 . GLU A 1 149 ? -12.585 -5.573  15.624  1.00 21.15 ? 148 GLU A OE1 1 
ATOM   1174 O  OE2 . GLU A 1 149 ? -11.341 -4.991  17.290  1.00 24.23 ? 148 GLU A OE2 1 
ATOM   1175 N  N   . LEU A 1 150 ? -11.458 -10.644 13.678  1.00 12.06 ? 149 LEU A N   1 
ATOM   1176 C  CA  . LEU A 1 150 ? -12.079 -11.476 12.637  1.00 12.43 ? 149 LEU A CA  1 
ATOM   1177 C  C   . LEU A 1 150 ? -11.698 -12.969 12.728  1.00 13.81 ? 149 LEU A C   1 
ATOM   1178 O  O   . LEU A 1 150 ? -12.216 -13.783 11.984  1.00 15.96 ? 149 LEU A O   1 
ATOM   1179 C  CB  . LEU A 1 150 ? -11.751 -10.957 11.249  1.00 13.07 ? 149 LEU A CB  1 
ATOM   1180 C  CG  . LEU A 1 150 ? -12.282 -9.579  10.953  1.00 14.21 ? 149 LEU A CG  1 
ATOM   1181 C  CD1 . LEU A 1 150 ? -11.429 -8.865  9.821   1.00 14.74 ? 149 LEU A CD1 1 
ATOM   1182 C  CD2 . LEU A 1 150 ? -13.738 -9.611  10.533  1.00 14.29 ? 149 LEU A CD2 1 
ATOM   1183 N  N   . GLY A 1 151 ? -10.717 -13.308 13.570  1.00 13.79 ? 150 GLY A N   1 
ATOM   1184 C  CA  . GLY A 1 151 ? -10.300 -14.678 13.763  1.00 14.06 ? 150 GLY A CA  1 
ATOM   1185 C  C   . GLY A 1 151 ? -9.110  -15.087 12.944  1.00 16.85 ? 150 GLY A C   1 
ATOM   1186 O  O   . GLY A 1 151 ? -8.919  -16.281 12.740  1.00 17.35 ? 150 GLY A O   1 
ATOM   1187 N  N   . TYR A 1 152 ? -8.397  -14.122 12.374  1.00 17.48 ? 151 TYR A N   1 
ATOM   1188 C  CA  . TYR A 1 152 ? -7.264  -14.413 11.508  1.00 20.14 ? 151 TYR A CA  1 
ATOM   1189 C  C   . TYR A 1 152 ? -5.976  -14.060 12.215  1.00 22.80 ? 151 TYR A C   1 
ATOM   1190 O  O   . TYR A 1 152 ? -5.797  -12.967 12.680  1.00 21.45 ? 151 TYR A O   1 
ATOM   1191 C  CB  . TYR A 1 152 ? -7.382  -13.681 10.169  1.00 21.51 ? 151 TYR A CB  1 
ATOM   1192 C  CG  . TYR A 1 152 ? -6.244  -13.879 9.154   1.00 25.01 ? 151 TYR A CG  1 
ATOM   1193 C  CD1 . TYR A 1 152 ? -5.755  -15.156 8.805   1.00 28.85 ? 151 TYR A CD1 1 
ATOM   1194 C  CD2 . TYR A 1 152 ? -5.734  -12.807 8.440   1.00 26.44 ? 151 TYR A CD2 1 
ATOM   1195 C  CE1 . TYR A 1 152 ? -4.735  -15.321 7.843   1.00 29.87 ? 151 TYR A CE1 1 
ATOM   1196 C  CE2 . TYR A 1 152 ? -4.714  -12.983 7.464   1.00 26.43 ? 151 TYR A CE2 1 
ATOM   1197 C  CZ  . TYR A 1 152 ? -4.227  -14.239 7.161   1.00 24.76 ? 151 TYR A CZ  1 
ATOM   1198 O  OH  . TYR A 1 152 ? -3.192  -14.376 6.205   1.00 25.80 ? 151 TYR A OH  1 
ATOM   1199 N  N   . GLN A 1 153 ? -5.074  -15.043 12.244  1.00 28.07 ? 152 GLN A N   1 
ATOM   1200 C  CA  . GLN A 1 153 ? -3.741  -14.919 12.847  1.00 36.28 ? 152 GLN A CA  1 
ATOM   1201 C  C   . GLN A 1 153 ? -2.910  -13.803 12.190  1.00 39.27 ? 152 GLN A C   1 
ATOM   1202 O  O   . GLN A 1 153 ? -2.234  -13.077 12.889  1.00 39.89 ? 152 GLN A O   1 
ATOM   1203 C  CB  . GLN A 1 153 ? -2.985  -16.287 12.822  1.00 40.09 ? 152 GLN A CB  1 
ATOM   1204 C  CG  . GLN A 1 153 ? -2.714  -16.906 11.425  1.00 45.87 ? 152 GLN A CG  1 
ATOM   1205 C  CD  . GLN A 1 153 ? -3.931  -17.624 10.790  1.00 47.44 ? 152 GLN A CD  1 
ATOM   1206 O  OE1 . GLN A 1 153 ? -5.030  -17.682 11.387  1.00 49.20 ? 152 GLN A OE1 1 
ATOM   1207 N  NE2 . GLN A 1 153 ? -3.743  -18.180 9.586   1.00 48.31 ? 152 GLN A NE2 1 
ATOM   1208 N  N   . GLY A 1 154 ? -3.021  -13.649 10.865  1.00 42.81 ? 153 GLY A N   1 
ATOM   1209 C  CA  . GLY A 1 154 ? -2.309  -12.581 10.112  1.00 40.68 ? 153 GLY A CA  1 
ATOM   1210 C  C   . GLY A 1 154 ? -0.864  -12.904 9.899   1.00 37.23 ? 153 GLY A C   1 
ATOM   1211 O  O   . GLY A 1 154 ? -0.471  -14.091 9.932   1.00 38.66 ? 153 GLY A O   1 
ATOM   1212 O  OXT . GLY A 1 154 ? -0.073  -11.990 9.709   1.00 28.96 ? 153 GLY A OXT 1 
HETATM 1213 C  CHA . HEM B 2 .   ? -8.143  -6.561  -3.454  1.00 13.50 ? 200 HEM A CHA 1 
HETATM 1214 C  CHB . HEM B 2 .   ? -6.855  -2.607  -0.895  1.00 11.80 ? 200 HEM A CHB 1 
HETATM 1215 C  CHC . HEM B 2 .   ? -2.699  -4.778  0.159   1.00 11.61 ? 200 HEM A CHC 1 
HETATM 1216 C  CHD . HEM B 2 .   ? -4.067  -8.808  -2.184  1.00 11.33 ? 200 HEM A CHD 1 
HETATM 1217 C  C1A . HEM B 2 .   ? -8.137  -5.315  -2.865  1.00 15.72 ? 200 HEM A C1A 1 
HETATM 1218 C  C2A . HEM B 2 .   ? -9.092  -4.425  -2.988  1.00 15.39 ? 200 HEM A C2A 1 
HETATM 1219 C  C3A . HEM B 2 .   ? -8.743  -3.330  -2.245  1.00 15.66 ? 200 HEM A C3A 1 
HETATM 1220 C  C4A . HEM B 2 .   ? -7.544  -3.552  -1.688  1.00 12.94 ? 200 HEM A C4A 1 
HETATM 1221 C  CMA . HEM B 2 .   ? -9.534  -2.057  -2.135  1.00 13.76 ? 200 HEM A CMA 1 
HETATM 1222 C  CAA . HEM B 2 .   ? -10.442 -4.546  -3.709  1.00 16.02 ? 200 HEM A CAA 1 
HETATM 1223 C  CBA . HEM B 2 .   ? -11.629 -4.650  -2.745  1.00 17.77 ? 200 HEM A CBA 1 
HETATM 1224 C  CGA . HEM B 2 .   ? -11.426 -5.868  -1.841  1.00 19.12 ? 200 HEM A CGA 1 
HETATM 1225 O  O1A . HEM B 2 .   ? -11.281 -5.674  -0.596  1.00 19.26 ? 200 HEM A O1A 1 
HETATM 1226 O  O2A . HEM B 2 .   ? -11.361 -6.978  -2.361  1.00 21.16 ? 200 HEM A O2A 1 
HETATM 1227 C  C1B . HEM B 2 .   ? -5.565  -2.854  -0.403  1.00 11.40 ? 200 HEM A C1B 1 
HETATM 1228 C  C2B . HEM B 2 .   ? -4.825  -1.954  0.436   1.00 11.50 ? 200 HEM A C2B 1 
HETATM 1229 C  C3B . HEM B 2 .   ? -3.646  -2.587  0.758   1.00 11.55 ? 200 HEM A C3B 1 
HETATM 1230 C  C4B . HEM B 2 .   ? -3.694  -3.842  0.060   1.00 11.11 ? 200 HEM A C4B 1 
HETATM 1231 C  CMB . HEM B 2 .   ? -5.289  -0.550  0.820   1.00 11.42 ? 200 HEM A CMB 1 
HETATM 1232 C  CAB . HEM B 2 .   ? -2.432  -2.075  1.427   1.00 11.89 ? 200 HEM A CAB 1 
HETATM 1233 C  CBB . HEM B 2 .   ? -2.122  -0.800  1.445   1.00 13.01 ? 200 HEM A CBB 1 
HETATM 1234 C  C1C . HEM B 2 .   ? -2.680  -6.072  -0.376  1.00 12.90 ? 200 HEM A C1C 1 
HETATM 1235 C  C2C . HEM B 2 .   ? -1.586  -6.920  -0.395  1.00 12.45 ? 200 HEM A C2C 1 
HETATM 1236 C  C3C . HEM B 2 .   ? -1.944  -8.071  -1.097  1.00 13.16 ? 200 HEM A C3C 1 
HETATM 1237 C  C4C . HEM B 2 .   ? -3.286  -7.896  -1.453  1.00 12.05 ? 200 HEM A C4C 1 
HETATM 1238 C  CMC . HEM B 2 .   ? -0.255  -6.691  0.212   1.00 13.01 ? 200 HEM A CMC 1 
HETATM 1239 C  CAC . HEM B 2 .   ? -1.159  -9.311  -1.414  1.00 12.51 ? 200 HEM A CAC 1 
HETATM 1240 C  CBC . HEM B 2 .   ? 0.127   -9.585  -1.190  1.00 12.76 ? 200 HEM A CBC 1 
HETATM 1241 C  C1D . HEM B 2 .   ? -5.275  -8.436  -2.707  1.00 11.93 ? 200 HEM A C1D 1 
HETATM 1242 C  C2D . HEM B 2 .   ? -6.063  -9.379  -3.595  1.00 14.21 ? 200 HEM A C2D 1 
HETATM 1243 C  C3D . HEM B 2 .   ? -7.130  -8.753  -3.958  1.00 15.77 ? 200 HEM A C3D 1 
HETATM 1244 C  C4D . HEM B 2 .   ? -7.094  -7.431  -3.284  1.00 13.53 ? 200 HEM A C4D 1 
HETATM 1245 C  CMD . HEM B 2 .   ? -5.649  -10.728 -4.010  1.00 15.32 ? 200 HEM A CMD 1 
HETATM 1246 C  CAD . HEM B 2 .   ? -8.247  -9.181  -4.889  1.00 22.24 ? 200 HEM A CAD 1 
HETATM 1247 C  CBD . HEM B 2 .   ? -7.968  -8.498  -6.274  1.00 26.72 ? 200 HEM A CBD 1 
HETATM 1248 C  CGD . HEM B 2 .   ? -8.816  -9.087  -7.399  1.00 34.29 ? 200 HEM A CGD 1 
HETATM 1249 O  O1D . HEM B 2 .   ? -9.232  -10.266 -7.352  1.00 40.39 ? 200 HEM A O1D 1 
HETATM 1250 O  O2D . HEM B 2 .   ? -9.106  -8.439  -8.420  1.00 29.96 ? 200 HEM A O2D 1 
HETATM 1251 N  NA  . HEM B 2 .   ? -7.074  -4.808  -2.027  1.00 13.60 ? 200 HEM A NA  1 
HETATM 1252 N  NB  . HEM B 2 .   ? -4.908  -3.956  -0.516  1.00 11.35 ? 200 HEM A NB  1 
HETATM 1253 N  NC  . HEM B 2 .   ? -3.752  -6.618  -1.128  1.00 13.29 ? 200 HEM A NC  1 
HETATM 1254 N  ND  . HEM B 2 .   ? -5.984  -7.309  -2.579  1.00 13.69 ? 200 HEM A ND  1 
HETATM 1255 FE FE  . HEM B 2 .   ? -5.479  -5.697  -1.579  1.00 14.97 ? 200 HEM A FE  1 
HETATM 1256 C  C1  . XEP C 3 .   ? -4.101  -6.103  -4.850  1.00 33.08 ? 201 XEP A C1  1 
HETATM 1257 C  C2  . XEP C 3 .   ? -3.493  -4.975  -4.083  1.00 27.03 ? 201 XEP A C2  1 
HETATM 1258 C  C3  . XEP C 3 .   ? -2.086  -5.242  -3.571  1.00 26.38 ? 201 XEP A C3  1 
HETATM 1259 N  N1  . XEP C 3 .   ? -4.509  -4.827  -3.057  1.00 19.42 ? 201 XEP A N1  1 
HETATM 1260 O  O1  . XEP C 3 .   ? -5.013  -3.687  -3.250  1.00 15.83 ? 201 XEP A O1  1 
HETATM 1261 S  S   . SO4 D 4 .   ? -1.113  19.056  16.348  1.00 28.39 ? 202 SO4 A S   1 
HETATM 1262 O  O1  . SO4 D 4 .   ? -2.187  19.805  15.488  1.00 18.97 ? 202 SO4 A O1  1 
HETATM 1263 O  O2  . SO4 D 4 .   ? -0.779  17.763  15.850  1.00 19.35 ? 202 SO4 A O2  1 
HETATM 1264 O  O3  . SO4 D 4 .   ? -1.531  18.759  17.784  1.00 22.41 ? 202 SO4 A O3  1 
HETATM 1265 O  O4  . SO4 D 4 .   ? 0.086   19.961  16.351  1.00 28.22 ? 202 SO4 A O4  1 
HETATM 1266 S  S   . SO4 E 4 .   ? 5.052   18.317  14.394  0.70 37.91 ? 203 SO4 A S   1 
HETATM 1267 O  O1  . SO4 E 4 .   ? 4.868   18.735  12.995  0.70 36.35 ? 203 SO4 A O1  1 
HETATM 1268 O  O2  . SO4 E 4 .   ? 4.880   16.858  14.471  0.70 33.50 ? 203 SO4 A O2  1 
HETATM 1269 O  O3  . SO4 E 4 .   ? 6.422   18.615  14.852  0.70 37.78 ? 203 SO4 A O3  1 
HETATM 1270 O  O4  . SO4 E 4 .   ? 4.130   19.076  15.230  0.70 34.51 ? 203 SO4 A O4  1 
HETATM 1271 S  S   . SO4 F 4 .   ? 14.109  16.740  5.202   0.70 28.91 ? 204 SO4 A S   1 
HETATM 1272 O  O1  . SO4 F 4 .   ? 14.920  16.122  4.120   0.70 24.80 ? 204 SO4 A O1  1 
HETATM 1273 O  O2  . SO4 F 4 .   ? 12.946  17.310  4.456   0.70 27.25 ? 204 SO4 A O2  1 
HETATM 1274 O  O3  . SO4 F 4 .   ? 14.895  17.751  5.973   0.70 27.27 ? 204 SO4 A O3  1 
HETATM 1275 O  O4  . SO4 F 4 .   ? 13.743  15.757  6.245   0.70 19.76 ? 204 SO4 A O4  1 
HETATM 1276 O  O   . HOH G 5 .   ? -0.279  16.597  17.459  1.00 29.08 ? 301 HOH A O   1 
HETATM 1277 O  O   . HOH G 5 .   ? 3.869   19.897  -1.542  1.00 34.76 ? 302 HOH A O   1 
HETATM 1278 O  O   . HOH G 5 .   ? 2.197   -11.876 9.176   1.00 23.40 ? 303 HOH A O   1 
HETATM 1279 O  O   . HOH G 5 .   ? 6.689   0.206   -13.403 1.00 29.64 ? 304 HOH A O   1 
HETATM 1280 O  O   . HOH G 5 .   ? -12.001 8.620   15.062  1.00 30.76 ? 305 HOH A O   1 
HETATM 1281 O  O   . HOH G 5 .   ? -9.243  6.395   15.342  1.00 29.85 ? 306 HOH A O   1 
HETATM 1282 O  O   . HOH G 5 .   ? 4.694   -12.734 -22.548 1.00 27.85 ? 307 HOH A O   1 
HETATM 1283 O  O   . HOH G 5 .   ? 11.117  15.712  4.474   1.00 15.64 ? 308 HOH A O   1 
HETATM 1284 O  O   . HOH G 5 .   ? -15.439 -4.881  12.390  1.00 29.03 ? 309 HOH A O   1 
HETATM 1285 O  O   . HOH G 5 .   ? 14.502  17.161  1.853   1.00 24.72 ? 310 HOH A O   1 
HETATM 1286 O  O   . HOH G 5 .   ? -17.378 0.321   6.808   1.00 19.66 ? 311 HOH A O   1 
HETATM 1287 O  O   . HOH G 5 .   ? 11.688  5.764   -9.782  1.00 28.15 ? 312 HOH A O   1 
HETATM 1288 O  O   . HOH G 5 .   ? 16.887  14.581  4.640   1.00 27.84 ? 313 HOH A O   1 
HETATM 1289 O  O   . HOH G 5 .   ? -6.826  -6.361  -11.569 1.00 20.86 ? 314 HOH A O   1 
HETATM 1290 O  O   . HOH G 5 .   ? -2.246  -9.593  -17.088 1.00 21.18 ? 315 HOH A O   1 
HETATM 1291 O  O   . HOH G 5 .   ? -2.743  21.698  8.683   1.00 25.19 ? 316 HOH A O   1 
HETATM 1292 O  O   . HOH G 5 .   ? -8.554  -3.784  -9.060  0.50 12.71 ? 317 HOH A O   1 
HETATM 1293 O  O   . HOH G 5 .   ? 4.238   -18.345 -15.109 1.00 16.09 ? 318 HOH A O   1 
HETATM 1294 O  O   . HOH G 5 .   ? -6.435  -13.787 -6.422  1.00 25.05 ? 319 HOH A O   1 
HETATM 1295 O  O   . HOH G 5 .   ? 2.220   -16.225 -1.115  1.00 27.68 ? 320 HOH A O   1 
HETATM 1296 O  O   . HOH G 5 .   ? -11.017 9.555   2.718   1.00 12.11 ? 321 HOH A O   1 
HETATM 1297 O  O   . HOH G 5 .   ? 15.188  14.675  -0.867  1.00 27.53 ? 322 HOH A O   1 
HETATM 1298 O  O   . HOH G 5 .   ? 15.568  9.736   -7.137  1.00 29.63 ? 323 HOH A O   1 
HETATM 1299 O  O   . HOH G 5 .   ? -2.697  -16.454 -13.467 1.00 23.45 ? 324 HOH A O   1 
HETATM 1300 O  O   . HOH G 5 .   ? 7.450   0.192   9.643   1.00 18.51 ? 325 HOH A O   1 
HETATM 1301 O  O   . HOH G 5 .   ? -10.192 -2.973  16.058  1.00 31.64 ? 326 HOH A O   1 
HETATM 1302 O  O   . HOH G 5 .   ? -2.498  -4.301  16.365  1.00 16.98 ? 327 HOH A O   1 
HETATM 1303 O  O   . HOH G 5 .   ? 8.955   13.938  -8.644  1.00 10.31 ? 328 HOH A O   1 
HETATM 1304 O  O   . HOH G 5 .   ? -1.234  0.766   -11.242 1.00 13.73 ? 329 HOH A O   1 
HETATM 1305 O  O   . HOH G 5 .   ? 5.582   -15.453 -7.708  1.00 24.46 ? 330 HOH A O   1 
HETATM 1306 O  O   . HOH G 5 .   ? -10.401 12.733  9.449   1.00 14.20 ? 331 HOH A O   1 
HETATM 1307 O  O   . HOH G 5 .   ? -5.883  -3.841  -5.740  0.50 19.71 ? 332 HOH A O   1 
HETATM 1308 O  O   . HOH G 5 .   ? 9.185   -0.714  -9.653  1.00 14.39 ? 333 HOH A O   1 
HETATM 1309 O  O   . HOH G 5 .   ? 4.185   9.340   -13.807 1.00 19.21 ? 334 HOH A O   1 
HETATM 1310 O  O   . HOH G 5 .   ? 1.496   -8.868  -19.751 1.00 26.44 ? 335 HOH A O   1 
HETATM 1311 O  O   . HOH G 5 .   ? -0.141  -1.816  -18.883 1.00 33.59 ? 336 HOH A O   1 
HETATM 1312 O  O   . HOH G 5 .   ? -4.857  16.194  12.412  1.00 17.84 ? 337 HOH A O   1 
HETATM 1313 O  O   . HOH G 5 .   ? 5.917   15.544  1.921   1.00 9.56  ? 338 HOH A O   1 
HETATM 1314 O  O   . HOH G 5 .   ? 9.695   4.090   -9.389  1.00 22.05 ? 339 HOH A O   1 
HETATM 1315 O  O   . HOH G 5 .   ? 9.402   -15.143 -13.014 1.00 31.19 ? 340 HOH A O   1 
HETATM 1316 O  O   . HOH G 5 .   ? 9.131   5.190   -12.657 1.00 23.64 ? 341 HOH A O   1 
HETATM 1317 O  O   . HOH G 5 .   ? -8.077  -7.127  18.257  1.00 21.26 ? 342 HOH A O   1 
HETATM 1318 O  O   . HOH G 5 .   ? 6.142   1.170   6.978   1.00 14.55 ? 343 HOH A O   1 
HETATM 1319 O  O   . HOH G 5 .   ? -5.278  6.993   8.339   1.00 9.00  ? 344 HOH A O   1 
HETATM 1320 O  O   . HOH G 5 .   ? -2.517  8.275   -15.057 1.00 14.79 ? 345 HOH A O   1 
HETATM 1321 O  O   . HOH G 5 .   ? -17.061 -6.396  4.488   1.00 22.70 ? 346 HOH A O   1 
HETATM 1322 O  O   . HOH G 5 .   ? -6.197  5.432   14.093  1.00 17.16 ? 347 HOH A O   1 
HETATM 1323 O  O   . HOH G 5 .   ? -5.372  8.518   -3.942  1.00 11.78 ? 348 HOH A O   1 
HETATM 1324 O  O   . HOH G 5 .   ? -12.441 -3.662  0.773   1.00 27.45 ? 349 HOH A O   1 
HETATM 1325 O  O   . HOH G 5 .   ? -15.207 -6.969  2.713   1.00 17.95 ? 350 HOH A O   1 
HETATM 1326 O  O   . HOH G 5 .   ? 5.344   11.394  3.389   1.00 16.54 ? 351 HOH A O   1 
HETATM 1327 O  O   . HOH G 5 .   ? 6.295   -4.152  -21.188 1.00 14.67 ? 352 HOH A O   1 
HETATM 1328 O  O   . HOH G 5 .   ? 15.824  9.786   -4.114  1.00 24.98 ? 353 HOH A O   1 
HETATM 1329 O  O   . HOH G 5 .   ? -7.546  15.023  4.636   1.00 21.48 ? 354 HOH A O   1 
HETATM 1330 O  O   . HOH G 5 .   ? 8.527   13.276  10.497  1.00 17.94 ? 355 HOH A O   1 
HETATM 1331 O  O   . HOH G 5 .   ? 7.719   -8.317  6.611   1.00 25.96 ? 356 HOH A O   1 
HETATM 1332 O  O   . HOH G 5 .   ? -8.529  -1.736  14.322  1.00 15.28 ? 357 HOH A O   1 
HETATM 1333 O  O   . HOH G 5 .   ? 18.123  9.749   0.001   1.00 15.85 ? 358 HOH A O   1 
HETATM 1334 O  O   . HOH G 5 .   ? -13.054 -9.099  -2.071  1.00 20.99 ? 359 HOH A O   1 
HETATM 1335 O  O   . HOH G 5 .   ? 4.087   19.416  7.622   1.00 15.20 ? 360 HOH A O   1 
HETATM 1336 O  O   . HOH G 5 .   ? 8.660   -4.717  -0.901  1.00 21.09 ? 361 HOH A O   1 
HETATM 1337 O  O   . HOH G 5 .   ? 3.236   -4.420  10.838  1.00 17.93 ? 362 HOH A O   1 
HETATM 1338 O  O   . HOH G 5 .   ? -10.303 13.724  6.865   1.00 24.45 ? 363 HOH A O   1 
HETATM 1339 O  O   . HOH G 5 .   ? -5.644  13.288  12.844  1.00 13.03 ? 364 HOH A O   1 
HETATM 1340 O  O   . HOH G 5 .   ? 2.857   6.282   -16.329 1.00 24.26 ? 365 HOH A O   1 
HETATM 1341 O  O   . HOH G 5 .   ? 0.736   -2.941  -15.556 1.00 13.88 ? 366 HOH A O   1 
HETATM 1342 O  O   . HOH G 5 .   ? 9.519   19.065  0.760   1.00 26.78 ? 367 HOH A O   1 
HETATM 1343 O  O   . HOH G 5 .   ? -3.674  12.007  14.236  1.00 10.34 ? 368 HOH A O   1 
HETATM 1344 O  O   . HOH G 5 .   ? 8.944   -0.879  -12.544 1.00 22.35 ? 369 HOH A O   1 
HETATM 1345 O  O   . HOH G 5 .   ? 12.486  17.282  -0.133  1.00 21.61 ? 370 HOH A O   1 
HETATM 1346 O  O   . HOH G 5 .   ? -3.141  -6.807  -20.288 1.00 24.26 ? 371 HOH A O   1 
HETATM 1347 O  O   . HOH G 5 .   ? -13.959 6.021   9.107   1.00 21.94 ? 372 HOH A O   1 
HETATM 1348 O  O   . HOH G 5 .   ? 13.636  11.020  -1.698  1.00 15.43 ? 373 HOH A O   1 
HETATM 1349 O  O   . HOH G 5 .   ? -2.966  10.984  -14.645 1.00 12.72 ? 374 HOH A O   1 
HETATM 1350 O  O   . HOH G 5 .   ? 5.044   -16.054 -11.948 1.00 28.39 ? 375 HOH A O   1 
HETATM 1351 O  O   . HOH G 5 .   ? 8.451   4.387   13.639  1.00 27.93 ? 376 HOH A O   1 
HETATM 1352 O  O   . HOH G 5 .   ? -9.784  1.363   -4.561  1.00 11.68 ? 377 HOH A O   1 
HETATM 1353 O  O   . HOH G 5 .   ? 10.936  11.552  -10.540 1.00 10.49 ? 378 HOH A O   1 
HETATM 1354 O  O   . HOH G 5 .   ? -13.077 7.765   2.782   1.00 18.35 ? 379 HOH A O   1 
HETATM 1355 O  O   . HOH G 5 .   ? 8.280   7.507   12.025  1.00 21.25 ? 380 HOH A O   1 
HETATM 1356 O  O   . HOH G 5 .   ? 14.296  4.287   -3.530  1.00 15.01 ? 381 HOH A O   1 
HETATM 1357 O  O   . HOH G 5 .   ? -11.207 -10.861 -5.434  1.00 27.10 ? 382 HOH A O   1 
HETATM 1358 O  O   . HOH G 5 .   ? 2.121   5.018   14.004  1.00 15.44 ? 383 HOH A O   1 
HETATM 1359 O  O   . HOH G 5 .   ? 1.574   19.369  14.024  1.00 16.51 ? 384 HOH A O   1 
HETATM 1360 O  O   . HOH G 5 .   ? 4.942   5.823   -14.286 1.00 28.98 ? 385 HOH A O   1 
HETATM 1361 O  O   . HOH G 5 .   ? -7.695  8.111   -2.799  1.00 11.99 ? 386 HOH A O   1 
HETATM 1362 O  O   . HOH G 5 .   ? -10.232 3.084   1.635   1.00 11.78 ? 387 HOH A O   1 
HETATM 1363 O  O   . HOH G 5 .   ? 13.176  9.907   -10.011 1.00 13.15 ? 388 HOH A O   1 
HETATM 1364 O  O   . HOH G 5 .   ? 10.595  16.298  1.749   1.00 16.23 ? 389 HOH A O   1 
HETATM 1365 O  O   . HOH G 5 .   ? -11.313 -7.998  -5.019  1.00 28.34 ? 390 HOH A O   1 
HETATM 1366 O  O   . HOH G 5 .   ? -8.660  -0.039  -10.961 1.00 14.41 ? 391 HOH A O   1 
HETATM 1367 O  O   . HOH G 5 .   ? -3.211  14.355  -0.394  1.00 23.28 ? 392 HOH A O   1 
HETATM 1368 O  O   . HOH G 5 .   ? -5.721  -14.264 -2.708  1.00 25.43 ? 393 HOH A O   1 
HETATM 1369 O  O   . HOH G 5 .   ? 13.379  -1.740  -7.935  1.00 29.30 ? 394 HOH A O   1 
HETATM 1370 O  O   . HOH G 5 .   ? 4.890   -2.539  12.166  1.00 28.89 ? 395 HOH A O   1 
HETATM 1371 O  O   . HOH G 5 .   ? -10.864 -17.840 11.314  1.00 38.80 ? 396 HOH A O   1 
HETATM 1372 O  O   . HOH G 5 .   ? 8.079   15.210  -5.347  1.00 11.28 ? 397 HOH A O   1 
HETATM 1373 O  O   . HOH G 5 .   ? 7.212   11.319  11.797  1.00 17.85 ? 398 HOH A O   1 
HETATM 1374 O  O   . HOH G 5 .   ? 3.254   -16.363 -8.794  1.00 25.53 ? 399 HOH A O   1 
HETATM 1375 O  O   . HOH G 5 .   ? 5.202   3.089   -14.335 1.00 25.11 ? 400 HOH A O   1 
HETATM 1376 O  O   . HOH G 5 .   ? 10.510  15.441  -6.552  1.00 13.50 ? 401 HOH A O   1 
HETATM 1377 O  O   . HOH G 5 .   ? -4.338  -7.980  -18.054 1.00 16.32 ? 402 HOH A O   1 
HETATM 1378 O  O   . HOH G 5 .   ? 0.224   13.352  -14.960 1.00 14.44 ? 403 HOH A O   1 
HETATM 1379 O  O   . HOH G 5 .   ? -5.867  -18.249 6.911   1.00 32.40 ? 404 HOH A O   1 
HETATM 1380 O  O   . HOH G 5 .   ? -5.793  7.675   -6.516  1.00 16.65 ? 405 HOH A O   1 
HETATM 1381 O  O   . HOH G 5 .   ? 10.757  -2.710  -1.466  1.00 16.99 ? 406 HOH A O   1 
HETATM 1382 O  O   . HOH G 5 .   ? -9.527  10.050  -2.263  1.00 15.52 ? 407 HOH A O   1 
HETATM 1383 O  O   . HOH G 5 .   ? -0.778  -7.922  -21.254 1.00 33.95 ? 408 HOH A O   1 
HETATM 1384 O  O   . HOH G 5 .   ? -2.984  9.323   13.981  1.00 12.73 ? 409 HOH A O   1 
HETATM 1385 O  O   . HOH G 5 .   ? -5.956  -11.310 -9.245  1.00 20.33 ? 410 HOH A O   1 
HETATM 1386 O  O   . HOH G 5 .   ? -3.226  5.097   8.828   1.00 16.80 ? 411 HOH A O   1 
HETATM 1387 O  O   . HOH G 5 .   ? -15.160 -7.196  15.350  1.00 23.66 ? 412 HOH A O   1 
HETATM 1388 O  O   . HOH G 5 .   ? -9.088  2.217   13.598  0.50 8.55  ? 413 HOH A O   1 
HETATM 1389 O  O   . HOH G 5 .   ? 13.030  -1.968  -0.066  1.00 26.71 ? 414 HOH A O   1 
HETATM 1390 O  O   . HOH G 5 .   ? 9.422   -20.198 -17.783 1.00 16.90 ? 415 HOH A O   1 
HETATM 1391 O  O   . HOH G 5 .   ? -13.360 -13.229 -7.140  1.00 33.10 ? 416 HOH A O   1 
HETATM 1392 O  O   . HOH G 5 .   ? -3.724  -2.481  18.349  1.00 23.93 ? 417 HOH A O   1 
HETATM 1393 O  O   . HOH G 5 .   ? -3.526  -6.505  17.236  1.00 25.26 ? 418 HOH A O   1 
HETATM 1394 O  O   . HOH G 5 .   ? -11.109 -19.001 13.690  1.00 30.28 ? 419 HOH A O   1 
HETATM 1395 O  O   . HOH G 5 .   ? 11.085  -2.750  -9.110  1.00 17.63 ? 420 HOH A O   1 
HETATM 1396 O  O   . HOH G 5 .   ? -11.321 12.105  3.635   1.00 25.03 ? 421 HOH A O   1 
HETATM 1397 O  O   . HOH G 5 .   ? 19.652  8.410   -1.602  1.00 24.91 ? 422 HOH A O   1 
HETATM 1398 O  O   . HOH G 5 .   ? 9.438   7.854   -12.794 1.00 21.40 ? 423 HOH A O   1 
HETATM 1399 O  O   . HOH G 5 .   ? 18.757  17.350  5.033   1.00 22.83 ? 424 HOH A O   1 
HETATM 1400 O  O   . HOH G 5 .   ? -9.733  0.548   12.727  0.50 6.60  ? 425 HOH A O   1 
HETATM 1401 O  O   . HOH G 5 .   ? 2.645   13.215  -14.229 0.33 24.74 ? 426 HOH A O   1 
HETATM 1402 O  O   . HOH G 5 .   ? 10.624  1.535   -9.070  1.00 25.56 ? 427 HOH A O   1 
HETATM 1403 O  O   . HOH G 5 .   ? -11.141 10.033  0.057   1.00 16.74 ? 428 HOH A O   1 
HETATM 1404 O  O   . HOH G 5 .   ? -5.515  -6.444  19.160  1.00 21.79 ? 429 HOH A O   1 
HETATM 1405 O  O   . HOH G 5 .   ? 15.397  19.538  1.214   1.00 24.20 ? 430 HOH A O   1 
HETATM 1406 O  O   . HOH G 5 .   ? -8.180  1.600   -13.046 1.00 19.81 ? 431 HOH A O   1 
HETATM 1407 O  O   . HOH G 5 .   ? -11.497 12.786  -0.411  1.00 24.42 ? 432 HOH A O   1 
# 
loop_
_pdbx_poly_seq_scheme.asym_id 
_pdbx_poly_seq_scheme.entity_id 
_pdbx_poly_seq_scheme.seq_id 
_pdbx_poly_seq_scheme.mon_id 
_pdbx_poly_seq_scheme.ndb_seq_num 
_pdbx_poly_seq_scheme.pdb_seq_num 
_pdbx_poly_seq_scheme.auth_seq_num 
_pdbx_poly_seq_scheme.pdb_mon_id 
_pdbx_poly_seq_scheme.auth_mon_id 
_pdbx_poly_seq_scheme.pdb_strand_id 
_pdbx_poly_seq_scheme.pdb_ins_code 
_pdbx_poly_seq_scheme.hetero 
A 1 1   MET 1   0   ?   ?   ?   A . n 
A 1 2   VAL 2   1   1   VAL VAL A . n 
A 1 3   LEU 3   2   2   LEU LEU A . n 
A 1 4   SER 4   3   3   SER SER A . n 
A 1 5   GLU 5   4   4   GLU GLU A . n 
A 1 6   GLY 6   5   5   GLY GLY A . n 
A 1 7   GLU 7   6   6   GLU GLU A . n 
A 1 8   TRP 8   7   7   TRP TRP A . n 
A 1 9   GLN 9   8   8   GLN GLN A . n 
A 1 10  LEU 10  9   9   LEU LEU A . n 
A 1 11  VAL 11  10  10  VAL VAL A . n 
A 1 12  LEU 12  11  11  LEU LEU A . n 
A 1 13  HIS 13  12  12  HIS HIS A . n 
A 1 14  VAL 14  13  13  VAL VAL A . n 
A 1 15  TRP 15  14  14  TRP TRP A . n 
A 1 16  ALA 16  15  15  ALA ALA A . n 
A 1 17  LYS 17  16  16  LYS LYS A . n 
A 1 18  VAL 18  17  17  VAL VAL A . n 
A 1 19  GLU 19  18  18  GLU GLU A . n 
A 1 20  ALA 20  19  19  ALA ALA A . n 
A 1 21  ASP 21  20  20  ASP ASP A . n 
A 1 22  VAL 22  21  21  VAL VAL A . n 
A 1 23  ALA 23  22  22  ALA ALA A . n 
A 1 24  GLY 24  23  23  GLY GLY A . n 
A 1 25  HIS 25  24  24  HIS HIS A . n 
A 1 26  GLY 26  25  25  GLY GLY A . n 
A 1 27  GLN 27  26  26  GLN GLN A . n 
A 1 28  ASP 28  27  27  ASP ASP A . n 
A 1 29  ILE 29  28  28  ILE ILE A . n 
A 1 30  LEU 30  29  29  LEU LEU A . n 
A 1 31  ILE 31  30  30  ILE ILE A . n 
A 1 32  ARG 32  31  31  ARG ARG A . n 
A 1 33  LEU 33  32  32  LEU LEU A . n 
A 1 34  PHE 34  33  33  PHE PHE A . n 
A 1 35  LYS 35  34  34  LYS LYS A . n 
A 1 36  SER 36  35  35  SER SER A . n 
A 1 37  HIS 37  36  36  HIS HIS A . n 
A 1 38  PRO 38  37  37  PRO PRO A . n 
A 1 39  GLU 39  38  38  GLU GLU A . n 
A 1 40  THR 40  39  39  THR THR A . n 
A 1 41  LEU 41  40  40  LEU LEU A . n 
A 1 42  GLU 42  41  41  GLU GLU A . n 
A 1 43  LYS 43  42  42  LYS LYS A . n 
A 1 44  PHE 44  43  43  PHE PHE A . n 
A 1 45  ASP 45  44  44  ASP ASP A . n 
A 1 46  ARG 46  45  45  ARG ARG A . n 
A 1 47  PHE 47  46  46  PHE PHE A . n 
A 1 48  LYS 48  47  47  LYS LYS A . n 
A 1 49  HIS 49  48  48  HIS HIS A . n 
A 1 50  LEU 50  49  49  LEU LEU A . n 
A 1 51  LYS 51  50  50  LYS LYS A . n 
A 1 52  THR 52  51  51  THR THR A . n 
A 1 53  GLU 53  52  52  GLU GLU A . n 
A 1 54  ALA 54  53  53  ALA ALA A . n 
A 1 55  GLU 55  54  54  GLU GLU A . n 
A 1 56  MET 56  55  55  MET MET A . n 
A 1 57  LYS 57  56  56  LYS LYS A . n 
A 1 58  ALA 58  57  57  ALA ALA A . n 
A 1 59  SER 59  58  58  SER SER A . n 
A 1 60  GLU 60  59  59  GLU GLU A . n 
A 1 61  ASP 61  60  60  ASP ASP A . n 
A 1 62  LEU 62  61  61  LEU LEU A . n 
A 1 63  LYS 63  62  62  LYS LYS A . n 
A 1 64  LYS 64  63  63  LYS LYS A . n 
A 1 65  ALA 65  64  64  ALA ALA A . n 
A 1 66  GLY 66  65  65  GLY GLY A . n 
A 1 67  VAL 67  66  66  VAL VAL A . n 
A 1 68  THR 68  67  67  THR THR A . n 
A 1 69  VAL 69  68  68  VAL VAL A . n 
A 1 70  LEU 70  69  69  LEU LEU A . n 
A 1 71  THR 71  70  70  THR THR A . n 
A 1 72  ALA 72  71  71  ALA ALA A . n 
A 1 73  LEU 73  72  72  LEU LEU A . n 
A 1 74  GLY 74  73  73  GLY GLY A . n 
A 1 75  ALA 75  74  74  ALA ALA A . n 
A 1 76  ILE 76  75  75  ILE ILE A . n 
A 1 77  LEU 77  76  76  LEU LEU A . n 
A 1 78  LYS 78  77  77  LYS LYS A . n 
A 1 79  LYS 79  78  78  LYS LYS A . n 
A 1 80  LYS 80  79  79  LYS LYS A . n 
A 1 81  GLY 81  80  80  GLY GLY A . n 
A 1 82  HIS 82  81  81  HIS HIS A . n 
A 1 83  HIS 83  82  82  HIS HIS A . n 
A 1 84  GLU 84  83  83  GLU GLU A . n 
A 1 85  ALA 85  84  84  ALA ALA A . n 
A 1 86  GLU 86  85  85  GLU GLU A . n 
A 1 87  LEU 87  86  86  LEU LEU A . n 
A 1 88  LYS 88  87  87  LYS LYS A . n 
A 1 89  PRO 89  88  88  PRO PRO A . n 
A 1 90  LEU 90  89  89  LEU LEU A . n 
A 1 91  ALA 91  90  90  ALA ALA A . n 
A 1 92  GLN 92  91  91  GLN GLN A . n 
A 1 93  SER 93  92  92  SER SER A . n 
A 1 94  HIS 94  93  93  HIS HIS A . n 
A 1 95  ALA 95  94  94  ALA ALA A . n 
A 1 96  THR 96  95  95  THR THR A . n 
A 1 97  LYS 97  96  96  LYS LYS A . n 
A 1 98  HIS 98  97  97  HIS HIS A . n 
A 1 99  LYS 99  98  98  LYS LYS A . n 
A 1 100 ILE 100 99  99  ILE ILE A . n 
A 1 101 PRO 101 100 100 PRO PRO A . n 
A 1 102 ILE 102 101 101 ILE ILE A . n 
A 1 103 LYS 103 102 102 LYS LYS A . n 
A 1 104 TYR 104 103 103 TYR TYR A . n 
A 1 105 LEU 105 104 104 LEU LEU A . n 
A 1 106 GLU 106 105 105 GLU GLU A . n 
A 1 107 PHE 107 106 106 PHE PHE A . n 
A 1 108 ILE 108 107 107 ILE ILE A . n 
A 1 109 SER 109 108 108 SER SER A . n 
A 1 110 GLU 110 109 109 GLU GLU A . n 
A 1 111 ALA 111 110 110 ALA ALA A . n 
A 1 112 ILE 112 111 111 ILE ILE A . n 
A 1 113 ILE 113 112 112 ILE ILE A . n 
A 1 114 HIS 114 113 113 HIS HIS A . n 
A 1 115 VAL 115 114 114 VAL VAL A . n 
A 1 116 LEU 116 115 115 LEU LEU A . n 
A 1 117 HIS 117 116 116 HIS HIS A . n 
A 1 118 SER 118 117 117 SER SER A . n 
A 1 119 ARG 119 118 118 ARG ARG A . n 
A 1 120 HIS 120 119 119 HIS HIS A . n 
A 1 121 PRO 121 120 120 PRO PRO A . n 
A 1 122 GLY 122 121 121 GLY GLY A . n 
A 1 123 ASN 123 122 122 ASN ASN A . n 
A 1 124 PHE 124 123 123 PHE PHE A . n 
A 1 125 GLY 125 124 124 GLY GLY A . n 
A 1 126 ALA 126 125 125 ALA ALA A . n 
A 1 127 ASP 127 126 126 ASP ASP A . n 
A 1 128 ALA 128 127 127 ALA ALA A . n 
A 1 129 GLN 129 128 128 GLN GLN A . n 
A 1 130 GLY 130 129 129 GLY GLY A . n 
A 1 131 ALA 131 130 130 ALA ALA A . n 
A 1 132 MET 132 131 131 MET MET A . n 
A 1 133 ASN 133 132 132 ASN ASN A . n 
A 1 134 LYS 134 133 133 LYS LYS A . n 
A 1 135 ALA 135 134 134 ALA ALA A . n 
A 1 136 LEU 136 135 135 LEU LEU A . n 
A 1 137 GLU 137 136 136 GLU GLU A . n 
A 1 138 LEU 138 137 137 LEU LEU A . n 
A 1 139 PHE 139 138 138 PHE PHE A . n 
A 1 140 ARG 140 139 139 ARG ARG A . n 
A 1 141 LYS 141 140 140 LYS LYS A . n 
A 1 142 ASP 142 141 141 ASP ASP A . n 
A 1 143 ILE 143 142 142 ILE ILE A . n 
A 1 144 ALA 144 143 143 ALA ALA A . n 
A 1 145 ALA 145 144 144 ALA ALA A . n 
A 1 146 LYS 146 145 145 LYS LYS A . n 
A 1 147 TYR 147 146 146 TYR TYR A . n 
A 1 148 LYS 148 147 147 LYS LYS A . n 
A 1 149 GLU 149 148 148 GLU GLU A . n 
A 1 150 LEU 150 149 149 LEU LEU A . n 
A 1 151 GLY 151 150 150 GLY GLY A . n 
A 1 152 TYR 152 151 151 TYR TYR A . n 
A 1 153 GLN 153 152 152 GLN GLN A . n 
A 1 154 GLY 154 153 153 GLY GLY A . n 
# 
_pdbx_contact_author.id                 2 
_pdbx_contact_author.email              grichteraddo@ou.edu 
_pdbx_contact_author.name_first         George 
_pdbx_contact_author.name_last          Richter-Addo 
_pdbx_contact_author.name_mi            B 
_pdbx_contact_author.role               'principal investigator/group leader' 
_pdbx_contact_author.identifier_ORCID   0000-0001-9400-0113 
# 
loop_
_pdbx_nonpoly_scheme.asym_id 
_pdbx_nonpoly_scheme.entity_id 
_pdbx_nonpoly_scheme.mon_id 
_pdbx_nonpoly_scheme.ndb_seq_num 
_pdbx_nonpoly_scheme.pdb_seq_num 
_pdbx_nonpoly_scheme.auth_seq_num 
_pdbx_nonpoly_scheme.pdb_mon_id 
_pdbx_nonpoly_scheme.auth_mon_id 
_pdbx_nonpoly_scheme.pdb_strand_id 
_pdbx_nonpoly_scheme.pdb_ins_code 
B 2 HEM 1   200 200 HEM HEM A . 
C 3 XEP 1   201 201 XEP XEP A . 
D 4 SO4 1   202 202 SO4 SO4 A . 
E 4 SO4 1   203 203 SO4 SO4 A . 
F 4 SO4 1   204 204 SO4 SO4 A . 
G 5 HOH 1   301 301 HOH HOH A . 
G 5 HOH 2   302 302 HOH HOH A . 
G 5 HOH 3   303 303 HOH HOH A . 
G 5 HOH 4   304 304 HOH HOH A . 
G 5 HOH 5   305 305 HOH HOH A . 
G 5 HOH 6   306 306 HOH HOH A . 
G 5 HOH 7   307 307 HOH HOH A . 
G 5 HOH 8   308 308 HOH HOH A . 
G 5 HOH 9   309 309 HOH HOH A . 
G 5 HOH 10  310 310 HOH HOH A . 
G 5 HOH 11  311 311 HOH HOH A . 
G 5 HOH 12  312 312 HOH HOH A . 
G 5 HOH 13  313 313 HOH HOH A . 
G 5 HOH 14  314 314 HOH HOH A . 
G 5 HOH 15  315 315 HOH HOH A . 
G 5 HOH 16  316 316 HOH HOH A . 
G 5 HOH 17  317 317 HOH HOH A . 
G 5 HOH 18  318 318 HOH HOH A . 
G 5 HOH 19  319 319 HOH HOH A . 
G 5 HOH 20  320 320 HOH HOH A . 
G 5 HOH 21  321 321 HOH HOH A . 
G 5 HOH 22  322 322 HOH HOH A . 
G 5 HOH 23  323 323 HOH HOH A . 
G 5 HOH 24  324 324 HOH HOH A . 
G 5 HOH 25  325 325 HOH HOH A . 
G 5 HOH 26  326 326 HOH HOH A . 
G 5 HOH 27  327 327 HOH HOH A . 
G 5 HOH 28  328 328 HOH HOH A . 
G 5 HOH 29  329 329 HOH HOH A . 
G 5 HOH 30  330 330 HOH HOH A . 
G 5 HOH 31  331 331 HOH HOH A . 
G 5 HOH 32  332 332 HOH HOH A . 
G 5 HOH 33  333 333 HOH HOH A . 
G 5 HOH 34  334 334 HOH HOH A . 
G 5 HOH 35  335 335 HOH HOH A . 
G 5 HOH 36  336 336 HOH HOH A . 
G 5 HOH 37  337 337 HOH HOH A . 
G 5 HOH 38  338 338 HOH HOH A . 
G 5 HOH 39  339 339 HOH HOH A . 
G 5 HOH 40  340 340 HOH HOH A . 
G 5 HOH 41  341 341 HOH HOH A . 
G 5 HOH 42  342 342 HOH HOH A . 
G 5 HOH 43  343 343 HOH HOH A . 
G 5 HOH 44  344 344 HOH HOH A . 
G 5 HOH 45  345 345 HOH HOH A . 
G 5 HOH 46  346 346 HOH HOH A . 
G 5 HOH 47  347 347 HOH HOH A . 
G 5 HOH 48  348 348 HOH HOH A . 
G 5 HOH 49  349 349 HOH HOH A . 
G 5 HOH 50  350 350 HOH HOH A . 
G 5 HOH 51  351 351 HOH HOH A . 
G 5 HOH 52  352 352 HOH HOH A . 
G 5 HOH 53  353 353 HOH HOH A . 
G 5 HOH 54  354 354 HOH HOH A . 
G 5 HOH 55  355 355 HOH HOH A . 
G 5 HOH 56  356 356 HOH HOH A . 
G 5 HOH 57  357 357 HOH HOH A . 
G 5 HOH 58  358 358 HOH HOH A . 
G 5 HOH 59  359 359 HOH HOH A . 
G 5 HOH 60  360 360 HOH HOH A . 
G 5 HOH 61  361 361 HOH HOH A . 
G 5 HOH 62  362 362 HOH HOH A . 
G 5 HOH 63  363 363 HOH HOH A . 
G 5 HOH 64  364 364 HOH HOH A . 
G 5 HOH 65  365 365 HOH HOH A . 
G 5 HOH 66  366 366 HOH HOH A . 
G 5 HOH 67  367 367 HOH HOH A . 
G 5 HOH 68  368 368 HOH HOH A . 
G 5 HOH 69  369 369 HOH HOH A . 
G 5 HOH 70  370 370 HOH HOH A . 
G 5 HOH 71  371 371 HOH HOH A . 
G 5 HOH 72  372 372 HOH HOH A . 
G 5 HOH 73  373 373 HOH HOH A . 
G 5 HOH 74  374 374 HOH HOH A . 
G 5 HOH 75  375 375 HOH HOH A . 
G 5 HOH 76  376 376 HOH HOH A . 
G 5 HOH 77  377 377 HOH HOH A . 
G 5 HOH 78  378 378 HOH HOH A . 
G 5 HOH 79  379 379 HOH HOH A . 
G 5 HOH 80  380 380 HOH HOH A . 
G 5 HOH 81  381 381 HOH HOH A . 
G 5 HOH 82  382 382 HOH HOH A . 
G 5 HOH 83  383 383 HOH HOH A . 
G 5 HOH 84  384 384 HOH HOH A . 
G 5 HOH 85  385 385 HOH HOH A . 
G 5 HOH 86  386 386 HOH HOH A . 
G 5 HOH 87  387 387 HOH HOH A . 
G 5 HOH 88  388 388 HOH HOH A . 
G 5 HOH 89  389 389 HOH HOH A . 
G 5 HOH 90  390 390 HOH HOH A . 
G 5 HOH 91  391 391 HOH HOH A . 
G 5 HOH 92  392 392 HOH HOH A . 
G 5 HOH 93  393 393 HOH HOH A . 
G 5 HOH 94  394 394 HOH HOH A . 
G 5 HOH 95  395 395 HOH HOH A . 
G 5 HOH 96  396 396 HOH HOH A . 
G 5 HOH 97  397 397 HOH HOH A . 
G 5 HOH 98  398 398 HOH HOH A . 
G 5 HOH 99  399 399 HOH HOH A . 
G 5 HOH 100 400 400 HOH HOH A . 
G 5 HOH 101 401 401 HOH HOH A . 
G 5 HOH 102 402 402 HOH HOH A . 
G 5 HOH 103 403 403 HOH HOH A . 
G 5 HOH 104 404 404 HOH HOH A . 
G 5 HOH 105 405 405 HOH HOH A . 
G 5 HOH 106 406 406 HOH HOH A . 
G 5 HOH 107 407 407 HOH HOH A . 
G 5 HOH 108 408 408 HOH HOH A . 
G 5 HOH 109 409 409 HOH HOH A . 
G 5 HOH 110 410 410 HOH HOH A . 
G 5 HOH 111 411 411 HOH HOH A . 
G 5 HOH 112 412 412 HOH HOH A . 
G 5 HOH 113 413 413 HOH HOH A . 
G 5 HOH 114 414 414 HOH HOH A . 
G 5 HOH 115 415 415 HOH HOH A . 
G 5 HOH 116 416 416 HOH HOH A . 
G 5 HOH 117 417 417 HOH HOH A . 
G 5 HOH 118 418 418 HOH HOH A . 
G 5 HOH 119 419 419 HOH HOH A . 
G 5 HOH 120 420 420 HOH HOH A . 
G 5 HOH 121 421 421 HOH HOH A . 
G 5 HOH 122 422 422 HOH HOH A . 
G 5 HOH 123 423 423 HOH HOH A . 
G 5 HOH 124 424 424 HOH HOH A . 
G 5 HOH 125 425 425 HOH HOH A . 
G 5 HOH 126 426 426 HOH HOH A . 
G 5 HOH 127 427 427 HOH HOH A . 
G 5 HOH 128 428 428 HOH HOH A . 
G 5 HOH 129 429 429 HOH HOH A . 
G 5 HOH 130 430 430 HOH HOH A . 
G 5 HOH 131 431 431 HOH HOH A . 
G 5 HOH 132 432 432 HOH HOH A . 
# 
_pdbx_struct_assembly.id                   1 
_pdbx_struct_assembly.details              author_defined_assembly 
_pdbx_struct_assembly.method_details       ? 
_pdbx_struct_assembly.oligomeric_details   monomeric 
_pdbx_struct_assembly.oligomeric_count     1 
# 
_pdbx_struct_assembly_gen.assembly_id       1 
_pdbx_struct_assembly_gen.oper_expression   1 
_pdbx_struct_assembly_gen.asym_id_list      A,B,C,D,E,F,G 
# 
loop_
_pdbx_struct_assembly_prop.biol_id 
_pdbx_struct_assembly_prop.type 
_pdbx_struct_assembly_prop.value 
_pdbx_struct_assembly_prop.details 
1 'ABSA (A^2)' 1440 ? 
1 MORE         -46  ? 
1 'SSA (A^2)'  8080 ? 
# 
_pdbx_struct_oper_list.id                   1 
_pdbx_struct_oper_list.type                 'identity operation' 
_pdbx_struct_oper_list.name                 1_555 
_pdbx_struct_oper_list.symmetry_operation   x,y,z 
_pdbx_struct_oper_list.matrix[1][1]         1.0000000000 
_pdbx_struct_oper_list.matrix[1][2]         0.0000000000 
_pdbx_struct_oper_list.matrix[1][3]         0.0000000000 
_pdbx_struct_oper_list.vector[1]            0.0000000000 
_pdbx_struct_oper_list.matrix[2][1]         0.0000000000 
_pdbx_struct_oper_list.matrix[2][2]         1.0000000000 
_pdbx_struct_oper_list.matrix[2][3]         0.0000000000 
_pdbx_struct_oper_list.vector[2]            0.0000000000 
_pdbx_struct_oper_list.matrix[3][1]         0.0000000000 
_pdbx_struct_oper_list.matrix[3][2]         0.0000000000 
_pdbx_struct_oper_list.matrix[3][3]         1.0000000000 
_pdbx_struct_oper_list.vector[3]            0.0000000000 
# 
_pdbx_struct_special_symmetry.id              1 
_pdbx_struct_special_symmetry.PDB_model_num   1 
_pdbx_struct_special_symmetry.auth_asym_id    A 
_pdbx_struct_special_symmetry.auth_comp_id    HOH 
_pdbx_struct_special_symmetry.auth_seq_id     426 
_pdbx_struct_special_symmetry.PDB_ins_code    ? 
_pdbx_struct_special_symmetry.label_asym_id   G 
_pdbx_struct_special_symmetry.label_comp_id   HOH 
_pdbx_struct_special_symmetry.label_seq_id    . 
# 
loop_
_pdbx_struct_conn_angle.id 
_pdbx_struct_conn_angle.ptnr1_label_atom_id 
_pdbx_struct_conn_angle.ptnr1_label_alt_id 
_pdbx_struct_conn_angle.ptnr1_label_asym_id 
_pdbx_struct_conn_angle.ptnr1_label_comp_id 
_pdbx_struct_conn_angle.ptnr1_label_seq_id 
_pdbx_struct_conn_angle.ptnr1_auth_atom_id 
_pdbx_struct_conn_angle.ptnr1_auth_asym_id 
_pdbx_struct_conn_angle.ptnr1_auth_comp_id 
_pdbx_struct_conn_angle.ptnr1_auth_seq_id 
_pdbx_struct_conn_angle.ptnr1_PDB_ins_code 
_pdbx_struct_conn_angle.ptnr1_symmetry 
_pdbx_struct_conn_angle.ptnr2_label_atom_id 
_pdbx_struct_conn_angle.ptnr2_label_alt_id 
_pdbx_struct_conn_angle.ptnr2_label_asym_id 
_pdbx_struct_conn_angle.ptnr2_label_comp_id 
_pdbx_struct_conn_angle.ptnr2_label_seq_id 
_pdbx_struct_conn_angle.ptnr2_auth_atom_id 
_pdbx_struct_conn_angle.ptnr2_auth_asym_id 
_pdbx_struct_conn_angle.ptnr2_auth_comp_id 
_pdbx_struct_conn_angle.ptnr2_auth_seq_id 
_pdbx_struct_conn_angle.ptnr2_PDB_ins_code 
_pdbx_struct_conn_angle.ptnr2_symmetry 
_pdbx_struct_conn_angle.ptnr3_label_atom_id 
_pdbx_struct_conn_angle.ptnr3_label_alt_id 
_pdbx_struct_conn_angle.ptnr3_label_asym_id 
_pdbx_struct_conn_angle.ptnr3_label_comp_id 
_pdbx_struct_conn_angle.ptnr3_label_seq_id 
_pdbx_struct_conn_angle.ptnr3_auth_atom_id 
_pdbx_struct_conn_angle.ptnr3_auth_asym_id 
_pdbx_struct_conn_angle.ptnr3_auth_comp_id 
_pdbx_struct_conn_angle.ptnr3_auth_seq_id 
_pdbx_struct_conn_angle.ptnr3_PDB_ins_code 
_pdbx_struct_conn_angle.ptnr3_symmetry 
_pdbx_struct_conn_angle.value 
_pdbx_struct_conn_angle.value_esd 
1  NE2 ? A HIS 94 ? A HIS 93  ? 1_555 FE ? B HEM . ? A HEM 200 ? 1_555 NA ? B HEM . ? A HEM 200 ? 1_555 90.3  ? 
2  NE2 ? A HIS 94 ? A HIS 93  ? 1_555 FE ? B HEM . ? A HEM 200 ? 1_555 NB ? B HEM . ? A HEM 200 ? 1_555 90.2  ? 
3  NA  ? B HEM .  ? A HEM 200 ? 1_555 FE ? B HEM . ? A HEM 200 ? 1_555 NB ? B HEM . ? A HEM 200 ? 1_555 87.7  ? 
4  NE2 ? A HIS 94 ? A HIS 93  ? 1_555 FE ? B HEM . ? A HEM 200 ? 1_555 NC ? B HEM . ? A HEM 200 ? 1_555 91.0  ? 
5  NA  ? B HEM .  ? A HEM 200 ? 1_555 FE ? B HEM . ? A HEM 200 ? 1_555 NC ? B HEM . ? A HEM 200 ? 1_555 178.6 ? 
6  NB  ? B HEM .  ? A HEM 200 ? 1_555 FE ? B HEM . ? A HEM 200 ? 1_555 NC ? B HEM . ? A HEM 200 ? 1_555 91.9  ? 
7  NE2 ? A HIS 94 ? A HIS 93  ? 1_555 FE ? B HEM . ? A HEM 200 ? 1_555 ND ? B HEM . ? A HEM 200 ? 1_555 90.5  ? 
8  NA  ? B HEM .  ? A HEM 200 ? 1_555 FE ? B HEM . ? A HEM 200 ? 1_555 ND ? B HEM . ? A HEM 200 ? 1_555 92.8  ? 
9  NB  ? B HEM .  ? A HEM 200 ? 1_555 FE ? B HEM . ? A HEM 200 ? 1_555 ND ? B HEM . ? A HEM 200 ? 1_555 179.1 ? 
10 NC  ? B HEM .  ? A HEM 200 ? 1_555 FE ? B HEM . ? A HEM 200 ? 1_555 ND ? B HEM . ? A HEM 200 ? 1_555 87.6  ? 
11 NE2 ? A HIS 94 ? A HIS 93  ? 1_555 FE ? B HEM . ? A HEM 200 ? 1_555 N1 ? C XEP . ? A XEP 201 ? 1_555 173.0 ? 
12 NA  ? B HEM .  ? A HEM 200 ? 1_555 FE ? B HEM . ? A HEM 200 ? 1_555 N1 ? C XEP . ? A XEP 201 ? 1_555 91.7  ? 
13 NB  ? B HEM .  ? A HEM 200 ? 1_555 FE ? B HEM . ? A HEM 200 ? 1_555 N1 ? C XEP . ? A XEP 201 ? 1_555 83.1  ? 
14 NC  ? B HEM .  ? A HEM 200 ? 1_555 FE ? B HEM . ? A HEM 200 ? 1_555 N1 ? C XEP . ? A XEP 201 ? 1_555 87.0  ? 
15 ND  ? B HEM .  ? A HEM 200 ? 1_555 FE ? B HEM . ? A HEM 200 ? 1_555 N1 ? C XEP . ? A XEP 201 ? 1_555 96.1  ? 
16 NE2 ? A HIS 94 ? A HIS 93  ? 1_555 FE ? B HEM . ? A HEM 200 ? 1_555 O1 ? C XEP . ? A XEP 201 ? 1_555 150.7 ? 
17 NA  ? B HEM .  ? A HEM 200 ? 1_555 FE ? B HEM . ? A HEM 200 ? 1_555 O1 ? C XEP . ? A XEP 201 ? 1_555 68.9  ? 
18 NB  ? B HEM .  ? A HEM 200 ? 1_555 FE ? B HEM . ? A HEM 200 ? 1_555 O1 ? C XEP . ? A XEP 201 ? 1_555 69.3  ? 
19 NC  ? B HEM .  ? A HEM 200 ? 1_555 FE ? B HEM . ? A HEM 200 ? 1_555 O1 ? C XEP . ? A XEP 201 ? 1_555 109.7 ? 
20 ND  ? B HEM .  ? A HEM 200 ? 1_555 FE ? B HEM . ? A HEM 200 ? 1_555 O1 ? C XEP . ? A XEP 201 ? 1_555 110.2 ? 
21 N1  ? C XEP .  ? A XEP 201 ? 1_555 FE ? B HEM . ? A HEM 200 ? 1_555 O1 ? C XEP . ? A XEP 201 ? 1_555 26.8  ? 
# 
_pdbx_audit_revision_history.ordinal             1 
_pdbx_audit_revision_history.data_content_type   'Structure model' 
_pdbx_audit_revision_history.major_revision      1 
_pdbx_audit_revision_history.minor_revision      0 
_pdbx_audit_revision_history.revision_date       2023-11-08 
# 
_pdbx_audit_revision_details.ordinal             1 
_pdbx_audit_revision_details.revision_ordinal    1 
_pdbx_audit_revision_details.data_content_type   'Structure model' 
_pdbx_audit_revision_details.provider            repository 
_pdbx_audit_revision_details.type                'Initial release' 
_pdbx_audit_revision_details.description         ? 
_pdbx_audit_revision_details.details             ? 
# 
loop_
_software.citation_id 
_software.classification 
_software.compiler_name 
_software.compiler_version 
_software.contact_author 
_software.contact_author_email 
_software.date 
_software.description 
_software.dependencies 
_software.hardware 
_software.language 
_software.location 
_software.mods 
_software.name 
_software.os 
_software.os_version 
_software.type 
_software.version 
_software.pdbx_ordinal 
? refinement        ? ? ? ? ? ? ? ? ? ? ? REFMAC      ? ? ? 5.8.0158 1 
? 'data extraction' ? ? ? ? ? ? ? ? ? ? ? PDB_EXTRACT ? ? ? 3.27     2 
? 'data reduction'  ? ? ? ? ? ? ? ? ? ? ? HKL-3000    ? ? ? .        3 
? 'data scaling'    ? ? ? ? ? ? ? ? ? ? ? HKL-3000    ? ? ? .        4 
? phasing           ? ? ? ? ? ? ? ? ? ? ? PHASER      ? ? ? .        5 
# 
_pdbx_entry_details.entry_id                 8F9N 
_pdbx_entry_details.nonpolymer_details       ? 
_pdbx_entry_details.sequence_details         ? 
_pdbx_entry_details.compound_details         ? 
_pdbx_entry_details.source_details           ? 
_pdbx_entry_details.has_ligand_of_interest   Y 
# 
_pdbx_validate_close_contact.id               1 
_pdbx_validate_close_contact.PDB_model_num    1 
_pdbx_validate_close_contact.auth_atom_id_1   O2 
_pdbx_validate_close_contact.auth_asym_id_1   A 
_pdbx_validate_close_contact.auth_comp_id_1   SO4 
_pdbx_validate_close_contact.auth_seq_id_1    202 
_pdbx_validate_close_contact.PDB_ins_code_1   ? 
_pdbx_validate_close_contact.label_alt_id_1   ? 
_pdbx_validate_close_contact.auth_atom_id_2   O 
_pdbx_validate_close_contact.auth_asym_id_2   A 
_pdbx_validate_close_contact.auth_comp_id_2   HOH 
_pdbx_validate_close_contact.auth_seq_id_2    301 
_pdbx_validate_close_contact.PDB_ins_code_2   ? 
_pdbx_validate_close_contact.label_alt_id_2   ? 
_pdbx_validate_close_contact.dist             2.05 
# 
loop_
_pdbx_validate_rmsd_bond.id 
_pdbx_validate_rmsd_bond.PDB_model_num 
_pdbx_validate_rmsd_bond.auth_atom_id_1 
_pdbx_validate_rmsd_bond.auth_asym_id_1 
_pdbx_validate_rmsd_bond.auth_comp_id_1 
_pdbx_validate_rmsd_bond.auth_seq_id_1 
_pdbx_validate_rmsd_bond.PDB_ins_code_1 
_pdbx_validate_rmsd_bond.label_alt_id_1 
_pdbx_validate_rmsd_bond.auth_atom_id_2 
_pdbx_validate_rmsd_bond.auth_asym_id_2 
_pdbx_validate_rmsd_bond.auth_comp_id_2 
_pdbx_validate_rmsd_bond.auth_seq_id_2 
_pdbx_validate_rmsd_bond.PDB_ins_code_2 
_pdbx_validate_rmsd_bond.label_alt_id_2 
_pdbx_validate_rmsd_bond.bond_value 
_pdbx_validate_rmsd_bond.bond_target_value 
_pdbx_validate_rmsd_bond.bond_deviation 
_pdbx_validate_rmsd_bond.bond_standard_deviation 
_pdbx_validate_rmsd_bond.linker_flag 
1 1 CG A GLU 83 ? ? CD  A GLU 83 ? ? 1.627 1.515 0.112 0.015 N 
2 1 CD A GLU 83 ? ? OE1 A GLU 83 ? ? 1.323 1.252 0.071 0.011 N 
# 
loop_
_pdbx_validate_rmsd_angle.id 
_pdbx_validate_rmsd_angle.PDB_model_num 
_pdbx_validate_rmsd_angle.auth_atom_id_1 
_pdbx_validate_rmsd_angle.auth_asym_id_1 
_pdbx_validate_rmsd_angle.auth_comp_id_1 
_pdbx_validate_rmsd_angle.auth_seq_id_1 
_pdbx_validate_rmsd_angle.PDB_ins_code_1 
_pdbx_validate_rmsd_angle.label_alt_id_1 
_pdbx_validate_rmsd_angle.auth_atom_id_2 
_pdbx_validate_rmsd_angle.auth_asym_id_2 
_pdbx_validate_rmsd_angle.auth_comp_id_2 
_pdbx_validate_rmsd_angle.auth_seq_id_2 
_pdbx_validate_rmsd_angle.PDB_ins_code_2 
_pdbx_validate_rmsd_angle.label_alt_id_2 
_pdbx_validate_rmsd_angle.auth_atom_id_3 
_pdbx_validate_rmsd_angle.auth_asym_id_3 
_pdbx_validate_rmsd_angle.auth_comp_id_3 
_pdbx_validate_rmsd_angle.auth_seq_id_3 
_pdbx_validate_rmsd_angle.PDB_ins_code_3 
_pdbx_validate_rmsd_angle.label_alt_id_3 
_pdbx_validate_rmsd_angle.angle_value 
_pdbx_validate_rmsd_angle.angle_target_value 
_pdbx_validate_rmsd_angle.angle_deviation 
_pdbx_validate_rmsd_angle.angle_standard_deviation 
_pdbx_validate_rmsd_angle.linker_flag 
1 1 NE A ARG 118 ? ? CZ A ARG 118 ? ? NH1 A ARG 118 ? ? 127.11 120.30 6.81  0.50 N 
2 1 NE A ARG 118 ? ? CZ A ARG 118 ? ? NH2 A ARG 118 ? ? 114.74 120.30 -5.56 0.50 N 
3 1 CB A ASP 126 ? ? CG A ASP 126 ? ? OD1 A ASP 126 ? ? 124.32 118.30 6.02  0.90 N 
4 1 CB A ASP 126 ? ? CG A ASP 126 ? ? OD2 A ASP 126 ? ? 112.51 118.30 -5.79 0.90 N 
# 
loop_
_pdbx_validate_torsion.id 
_pdbx_validate_torsion.PDB_model_num 
_pdbx_validate_torsion.auth_comp_id 
_pdbx_validate_torsion.auth_asym_id 
_pdbx_validate_torsion.auth_seq_id 
_pdbx_validate_torsion.PDB_ins_code 
_pdbx_validate_torsion.label_alt_id 
_pdbx_validate_torsion.phi 
_pdbx_validate_torsion.psi 
1 1 ASP A 20 ? ? -155.69 72.72  
2 1 LYS A 96 ? ? -95.05  -62.75 
# 
_pdbx_unobs_or_zero_occ_residues.id               1 
_pdbx_unobs_or_zero_occ_residues.PDB_model_num    1 
_pdbx_unobs_or_zero_occ_residues.polymer_flag     Y 
_pdbx_unobs_or_zero_occ_residues.occupancy_flag   1 
_pdbx_unobs_or_zero_occ_residues.auth_asym_id     A 
_pdbx_unobs_or_zero_occ_residues.auth_comp_id     MET 
_pdbx_unobs_or_zero_occ_residues.auth_seq_id      0 
_pdbx_unobs_or_zero_occ_residues.PDB_ins_code     ? 
_pdbx_unobs_or_zero_occ_residues.label_asym_id    A 
_pdbx_unobs_or_zero_occ_residues.label_comp_id    MET 
_pdbx_unobs_or_zero_occ_residues.label_seq_id     1 
# 
loop_
_chem_comp_atom.comp_id 
_chem_comp_atom.atom_id 
_chem_comp_atom.type_symbol 
_chem_comp_atom.pdbx_aromatic_flag 
_chem_comp_atom.pdbx_stereo_config 
_chem_comp_atom.pdbx_ordinal 
ALA N    N  N N 1   
ALA CA   C  N S 2   
ALA C    C  N N 3   
ALA O    O  N N 4   
ALA CB   C  N N 5   
ALA OXT  O  N N 6   
ALA H    H  N N 7   
ALA H2   H  N N 8   
ALA HA   H  N N 9   
ALA HB1  H  N N 10  
ALA HB2  H  N N 11  
ALA HB3  H  N N 12  
ALA HXT  H  N N 13  
ARG N    N  N N 14  
ARG CA   C  N S 15  
ARG C    C  N N 16  
ARG O    O  N N 17  
ARG CB   C  N N 18  
ARG CG   C  N N 19  
ARG CD   C  N N 20  
ARG NE   N  N N 21  
ARG CZ   C  N N 22  
ARG NH1  N  N N 23  
ARG NH2  N  N N 24  
ARG OXT  O  N N 25  
ARG H    H  N N 26  
ARG H2   H  N N 27  
ARG HA   H  N N 28  
ARG HB2  H  N N 29  
ARG HB3  H  N N 30  
ARG HG2  H  N N 31  
ARG HG3  H  N N 32  
ARG HD2  H  N N 33  
ARG HD3  H  N N 34  
ARG HE   H  N N 35  
ARG HH11 H  N N 36  
ARG HH12 H  N N 37  
ARG HH21 H  N N 38  
ARG HH22 H  N N 39  
ARG HXT  H  N N 40  
ASN N    N  N N 41  
ASN CA   C  N S 42  
ASN C    C  N N 43  
ASN O    O  N N 44  
ASN CB   C  N N 45  
ASN CG   C  N N 46  
ASN OD1  O  N N 47  
ASN ND2  N  N N 48  
ASN OXT  O  N N 49  
ASN H    H  N N 50  
ASN H2   H  N N 51  
ASN HA   H  N N 52  
ASN HB2  H  N N 53  
ASN HB3  H  N N 54  
ASN HD21 H  N N 55  
ASN HD22 H  N N 56  
ASN HXT  H  N N 57  
ASP N    N  N N 58  
ASP CA   C  N S 59  
ASP C    C  N N 60  
ASP O    O  N N 61  
ASP CB   C  N N 62  
ASP CG   C  N N 63  
ASP OD1  O  N N 64  
ASP OD2  O  N N 65  
ASP OXT  O  N N 66  
ASP H    H  N N 67  
ASP H2   H  N N 68  
ASP HA   H  N N 69  
ASP HB2  H  N N 70  
ASP HB3  H  N N 71  
ASP HD2  H  N N 72  
ASP HXT  H  N N 73  
GLN N    N  N N 74  
GLN CA   C  N S 75  
GLN C    C  N N 76  
GLN O    O  N N 77  
GLN CB   C  N N 78  
GLN CG   C  N N 79  
GLN CD   C  N N 80  
GLN OE1  O  N N 81  
GLN NE2  N  N N 82  
GLN OXT  O  N N 83  
GLN H    H  N N 84  
GLN H2   H  N N 85  
GLN HA   H  N N 86  
GLN HB2  H  N N 87  
GLN HB3  H  N N 88  
GLN HG2  H  N N 89  
GLN HG3  H  N N 90  
GLN HE21 H  N N 91  
GLN HE22 H  N N 92  
GLN HXT  H  N N 93  
GLU N    N  N N 94  
GLU CA   C  N S 95  
GLU C    C  N N 96  
GLU O    O  N N 97  
GLU CB   C  N N 98  
GLU CG   C  N N 99  
GLU CD   C  N N 100 
GLU OE1  O  N N 101 
GLU OE2  O  N N 102 
GLU OXT  O  N N 103 
GLU H    H  N N 104 
GLU H2   H  N N 105 
GLU HA   H  N N 106 
GLU HB2  H  N N 107 
GLU HB3  H  N N 108 
GLU HG2  H  N N 109 
GLU HG3  H  N N 110 
GLU HE2  H  N N 111 
GLU HXT  H  N N 112 
GLY N    N  N N 113 
GLY CA   C  N N 114 
GLY C    C  N N 115 
GLY O    O  N N 116 
GLY OXT  O  N N 117 
GLY H    H  N N 118 
GLY H2   H  N N 119 
GLY HA2  H  N N 120 
GLY HA3  H  N N 121 
GLY HXT  H  N N 122 
HEM CHA  C  N N 123 
HEM CHB  C  N N 124 
HEM CHC  C  N N 125 
HEM CHD  C  N N 126 
HEM C1A  C  Y N 127 
HEM C2A  C  Y N 128 
HEM C3A  C  Y N 129 
HEM C4A  C  Y N 130 
HEM CMA  C  N N 131 
HEM CAA  C  N N 132 
HEM CBA  C  N N 133 
HEM CGA  C  N N 134 
HEM O1A  O  N N 135 
HEM O2A  O  N N 136 
HEM C1B  C  N N 137 
HEM C2B  C  N N 138 
HEM C3B  C  N N 139 
HEM C4B  C  N N 140 
HEM CMB  C  N N 141 
HEM CAB  C  N N 142 
HEM CBB  C  N N 143 
HEM C1C  C  Y N 144 
HEM C2C  C  Y N 145 
HEM C3C  C  Y N 146 
HEM C4C  C  Y N 147 
HEM CMC  C  N N 148 
HEM CAC  C  N N 149 
HEM CBC  C  N N 150 
HEM C1D  C  N N 151 
HEM C2D  C  N N 152 
HEM C3D  C  N N 153 
HEM C4D  C  N N 154 
HEM CMD  C  N N 155 
HEM CAD  C  N N 156 
HEM CBD  C  N N 157 
HEM CGD  C  N N 158 
HEM O1D  O  N N 159 
HEM O2D  O  N N 160 
HEM NA   N  Y N 161 
HEM NB   N  N N 162 
HEM NC   N  Y N 163 
HEM ND   N  N N 164 
HEM FE   FE N N 165 
HEM HHB  H  N N 166 
HEM HHC  H  N N 167 
HEM HHD  H  N N 168 
HEM HMA  H  N N 169 
HEM HMAA H  N N 170 
HEM HMAB H  N N 171 
HEM HAA  H  N N 172 
HEM HAAA H  N N 173 
HEM HBA  H  N N 174 
HEM HBAA H  N N 175 
HEM HMB  H  N N 176 
HEM HMBA H  N N 177 
HEM HMBB H  N N 178 
HEM HAB  H  N N 179 
HEM HBB  H  N N 180 
HEM HBBA H  N N 181 
HEM HMC  H  N N 182 
HEM HMCA H  N N 183 
HEM HMCB H  N N 184 
HEM HAC  H  N N 185 
HEM HBC  H  N N 186 
HEM HBCA H  N N 187 
HEM HMD  H  N N 188 
HEM HMDA H  N N 189 
HEM HMDB H  N N 190 
HEM HAD  H  N N 191 
HEM HADA H  N N 192 
HEM HBD  H  N N 193 
HEM HBDA H  N N 194 
HEM H2A  H  N N 195 
HEM H2D  H  N N 196 
HEM HHA  H  N N 197 
HIS N    N  N N 198 
HIS CA   C  N S 199 
HIS C    C  N N 200 
HIS O    O  N N 201 
HIS CB   C  N N 202 
HIS CG   C  Y N 203 
HIS ND1  N  Y N 204 
HIS CD2  C  Y N 205 
HIS CE1  C  Y N 206 
HIS NE2  N  Y N 207 
HIS OXT  O  N N 208 
HIS H    H  N N 209 
HIS H2   H  N N 210 
HIS HA   H  N N 211 
HIS HB2  H  N N 212 
HIS HB3  H  N N 213 
HIS HD1  H  N N 214 
HIS HD2  H  N N 215 
HIS HE1  H  N N 216 
HIS HE2  H  N N 217 
HIS HXT  H  N N 218 
HOH O    O  N N 219 
HOH H1   H  N N 220 
HOH H2   H  N N 221 
ILE N    N  N N 222 
ILE CA   C  N S 223 
ILE C    C  N N 224 
ILE O    O  N N 225 
ILE CB   C  N S 226 
ILE CG1  C  N N 227 
ILE CG2  C  N N 228 
ILE CD1  C  N N 229 
ILE OXT  O  N N 230 
ILE H    H  N N 231 
ILE H2   H  N N 232 
ILE HA   H  N N 233 
ILE HB   H  N N 234 
ILE HG12 H  N N 235 
ILE HG13 H  N N 236 
ILE HG21 H  N N 237 
ILE HG22 H  N N 238 
ILE HG23 H  N N 239 
ILE HD11 H  N N 240 
ILE HD12 H  N N 241 
ILE HD13 H  N N 242 
ILE HXT  H  N N 243 
LEU N    N  N N 244 
LEU CA   C  N S 245 
LEU C    C  N N 246 
LEU O    O  N N 247 
LEU CB   C  N N 248 
LEU CG   C  N N 249 
LEU CD1  C  N N 250 
LEU CD2  C  N N 251 
LEU OXT  O  N N 252 
LEU H    H  N N 253 
LEU H2   H  N N 254 
LEU HA   H  N N 255 
LEU HB2  H  N N 256 
LEU HB3  H  N N 257 
LEU HG   H  N N 258 
LEU HD11 H  N N 259 
LEU HD12 H  N N 260 
LEU HD13 H  N N 261 
LEU HD21 H  N N 262 
LEU HD22 H  N N 263 
LEU HD23 H  N N 264 
LEU HXT  H  N N 265 
LYS N    N  N N 266 
LYS CA   C  N S 267 
LYS C    C  N N 268 
LYS O    O  N N 269 
LYS CB   C  N N 270 
LYS CG   C  N N 271 
LYS CD   C  N N 272 
LYS CE   C  N N 273 
LYS NZ   N  N N 274 
LYS OXT  O  N N 275 
LYS H    H  N N 276 
LYS H2   H  N N 277 
LYS HA   H  N N 278 
LYS HB2  H  N N 279 
LYS HB3  H  N N 280 
LYS HG2  H  N N 281 
LYS HG3  H  N N 282 
LYS HD2  H  N N 283 
LYS HD3  H  N N 284 
LYS HE2  H  N N 285 
LYS HE3  H  N N 286 
LYS HZ1  H  N N 287 
LYS HZ2  H  N N 288 
LYS HZ3  H  N N 289 
LYS HXT  H  N N 290 
MET N    N  N N 291 
MET CA   C  N S 292 
MET C    C  N N 293 
MET O    O  N N 294 
MET CB   C  N N 295 
MET CG   C  N N 296 
MET SD   S  N N 297 
MET CE   C  N N 298 
MET OXT  O  N N 299 
MET H    H  N N 300 
MET H2   H  N N 301 
MET HA   H  N N 302 
MET HB2  H  N N 303 
MET HB3  H  N N 304 
MET HG2  H  N N 305 
MET HG3  H  N N 306 
MET HE1  H  N N 307 
MET HE2  H  N N 308 
MET HE3  H  N N 309 
MET HXT  H  N N 310 
PHE N    N  N N 311 
PHE CA   C  N S 312 
PHE C    C  N N 313 
PHE O    O  N N 314 
PHE CB   C  N N 315 
PHE CG   C  Y N 316 
PHE CD1  C  Y N 317 
PHE CD2  C  Y N 318 
PHE CE1  C  Y N 319 
PHE CE2  C  Y N 320 
PHE CZ   C  Y N 321 
PHE OXT  O  N N 322 
PHE H    H  N N 323 
PHE H2   H  N N 324 
PHE HA   H  N N 325 
PHE HB2  H  N N 326 
PHE HB3  H  N N 327 
PHE HD1  H  N N 328 
PHE HD2  H  N N 329 
PHE HE1  H  N N 330 
PHE HE2  H  N N 331 
PHE HZ   H  N N 332 
PHE HXT  H  N N 333 
PRO N    N  N N 334 
PRO CA   C  N S 335 
PRO C    C  N N 336 
PRO O    O  N N 337 
PRO CB   C  N N 338 
PRO CG   C  N N 339 
PRO CD   C  N N 340 
PRO OXT  O  N N 341 
PRO H    H  N N 342 
PRO HA   H  N N 343 
PRO HB2  H  N N 344 
PRO HB3  H  N N 345 
PRO HG2  H  N N 346 
PRO HG3  H  N N 347 
PRO HD2  H  N N 348 
PRO HD3  H  N N 349 
PRO HXT  H  N N 350 
SER N    N  N N 351 
SER CA   C  N S 352 
SER C    C  N N 353 
SER O    O  N N 354 
SER CB   C  N N 355 
SER OG   O  N N 356 
SER OXT  O  N N 357 
SER H    H  N N 358 
SER H2   H  N N 359 
SER HA   H  N N 360 
SER HB2  H  N N 361 
SER HB3  H  N N 362 
SER HG   H  N N 363 
SER HXT  H  N N 364 
SO4 S    S  N N 365 
SO4 O1   O  N N 366 
SO4 O2   O  N N 367 
SO4 O3   O  N N 368 
SO4 O4   O  N N 369 
THR N    N  N N 370 
THR CA   C  N S 371 
THR C    C  N N 372 
THR O    O  N N 373 
THR CB   C  N R 374 
THR OG1  O  N N 375 
THR CG2  C  N N 376 
THR OXT  O  N N 377 
THR H    H  N N 378 
THR H2   H  N N 379 
THR HA   H  N N 380 
THR HB   H  N N 381 
THR HG1  H  N N 382 
THR HG21 H  N N 383 
THR HG22 H  N N 384 
THR HG23 H  N N 385 
THR HXT  H  N N 386 
TRP N    N  N N 387 
TRP CA   C  N S 388 
TRP C    C  N N 389 
TRP O    O  N N 390 
TRP CB   C  N N 391 
TRP CG   C  Y N 392 
TRP CD1  C  Y N 393 
TRP CD2  C  Y N 394 
TRP NE1  N  Y N 395 
TRP CE2  C  Y N 396 
TRP CE3  C  Y N 397 
TRP CZ2  C  Y N 398 
TRP CZ3  C  Y N 399 
TRP CH2  C  Y N 400 
TRP OXT  O  N N 401 
TRP H    H  N N 402 
TRP H2   H  N N 403 
TRP HA   H  N N 404 
TRP HB2  H  N N 405 
TRP HB3  H  N N 406 
TRP HD1  H  N N 407 
TRP HE1  H  N N 408 
TRP HE3  H  N N 409 
TRP HZ2  H  N N 410 
TRP HZ3  H  N N 411 
TRP HH2  H  N N 412 
TRP HXT  H  N N 413 
TYR N    N  N N 414 
TYR CA   C  N S 415 
TYR C    C  N N 416 
TYR O    O  N N 417 
TYR CB   C  N N 418 
TYR CG   C  Y N 419 
TYR CD1  C  Y N 420 
TYR CD2  C  Y N 421 
TYR CE1  C  Y N 422 
TYR CE2  C  Y N 423 
TYR CZ   C  Y N 424 
TYR OH   O  N N 425 
TYR OXT  O  N N 426 
TYR H    H  N N 427 
TYR H2   H  N N 428 
TYR HA   H  N N 429 
TYR HB2  H  N N 430 
TYR HB3  H  N N 431 
TYR HD1  H  N N 432 
TYR HD2  H  N N 433 
TYR HE1  H  N N 434 
TYR HE2  H  N N 435 
TYR HH   H  N N 436 
TYR HXT  H  N N 437 
VAL N    N  N N 438 
VAL CA   C  N S 439 
VAL C    C  N N 440 
VAL O    O  N N 441 
VAL CB   C  N N 442 
VAL CG1  C  N N 443 
VAL CG2  C  N N 444 
VAL OXT  O  N N 445 
VAL H    H  N N 446 
VAL H2   H  N N 447 
VAL HA   H  N N 448 
VAL HB   H  N N 449 
VAL HG11 H  N N 450 
VAL HG12 H  N N 451 
VAL HG13 H  N N 452 
VAL HG21 H  N N 453 
VAL HG22 H  N N 454 
VAL HG23 H  N N 455 
VAL HXT  H  N N 456 
XEP C1   C  N N 457 
XEP C2   C  N N 458 
XEP C3   C  N N 459 
XEP N1   N  N N 460 
XEP O1   O  N N 461 
XEP H1   H  N N 462 
XEP H2   H  N N 463 
XEP H3   H  N N 464 
XEP H4   H  N N 465 
XEP H5   H  N N 466 
XEP H6   H  N N 467 
XEP H7   H  N N 468 
# 
loop_
_chem_comp_bond.comp_id 
_chem_comp_bond.atom_id_1 
_chem_comp_bond.atom_id_2 
_chem_comp_bond.value_order 
_chem_comp_bond.pdbx_aromatic_flag 
_chem_comp_bond.pdbx_stereo_config 
_chem_comp_bond.pdbx_ordinal 
ALA N   CA   sing N N 1   
ALA N   H    sing N N 2   
ALA N   H2   sing N N 3   
ALA CA  C    sing N N 4   
ALA CA  CB   sing N N 5   
ALA CA  HA   sing N N 6   
ALA C   O    doub N N 7   
ALA C   OXT  sing N N 8   
ALA CB  HB1  sing N N 9   
ALA CB  HB2  sing N N 10  
ALA CB  HB3  sing N N 11  
ALA OXT HXT  sing N N 12  
ARG N   CA   sing N N 13  
ARG N   H    sing N N 14  
ARG N   H2   sing N N 15  
ARG CA  C    sing N N 16  
ARG CA  CB   sing N N 17  
ARG CA  HA   sing N N 18  
ARG C   O    doub N N 19  
ARG C   OXT  sing N N 20  
ARG CB  CG   sing N N 21  
ARG CB  HB2  sing N N 22  
ARG CB  HB3  sing N N 23  
ARG CG  CD   sing N N 24  
ARG CG  HG2  sing N N 25  
ARG CG  HG3  sing N N 26  
ARG CD  NE   sing N N 27  
ARG CD  HD2  sing N N 28  
ARG CD  HD3  sing N N 29  
ARG NE  CZ   sing N N 30  
ARG NE  HE   sing N N 31  
ARG CZ  NH1  sing N N 32  
ARG CZ  NH2  doub N N 33  
ARG NH1 HH11 sing N N 34  
ARG NH1 HH12 sing N N 35  
ARG NH2 HH21 sing N N 36  
ARG NH2 HH22 sing N N 37  
ARG OXT HXT  sing N N 38  
ASN N   CA   sing N N 39  
ASN N   H    sing N N 40  
ASN N   H2   sing N N 41  
ASN CA  C    sing N N 42  
ASN CA  CB   sing N N 43  
ASN CA  HA   sing N N 44  
ASN C   O    doub N N 45  
ASN C   OXT  sing N N 46  
ASN CB  CG   sing N N 47  
ASN CB  HB2  sing N N 48  
ASN CB  HB3  sing N N 49  
ASN CG  OD1  doub N N 50  
ASN CG  ND2  sing N N 51  
ASN ND2 HD21 sing N N 52  
ASN ND2 HD22 sing N N 53  
ASN OXT HXT  sing N N 54  
ASP N   CA   sing N N 55  
ASP N   H    sing N N 56  
ASP N   H2   sing N N 57  
ASP CA  C    sing N N 58  
ASP CA  CB   sing N N 59  
ASP CA  HA   sing N N 60  
ASP C   O    doub N N 61  
ASP C   OXT  sing N N 62  
ASP CB  CG   sing N N 63  
ASP CB  HB2  sing N N 64  
ASP CB  HB3  sing N N 65  
ASP CG  OD1  doub N N 66  
ASP CG  OD2  sing N N 67  
ASP OD2 HD2  sing N N 68  
ASP OXT HXT  sing N N 69  
GLN N   CA   sing N N 70  
GLN N   H    sing N N 71  
GLN N   H2   sing N N 72  
GLN CA  C    sing N N 73  
GLN CA  CB   sing N N 74  
GLN CA  HA   sing N N 75  
GLN C   O    doub N N 76  
GLN C   OXT  sing N N 77  
GLN CB  CG   sing N N 78  
GLN CB  HB2  sing N N 79  
GLN CB  HB3  sing N N 80  
GLN CG  CD   sing N N 81  
GLN CG  HG2  sing N N 82  
GLN CG  HG3  sing N N 83  
GLN CD  OE1  doub N N 84  
GLN CD  NE2  sing N N 85  
GLN NE2 HE21 sing N N 86  
GLN NE2 HE22 sing N N 87  
GLN OXT HXT  sing N N 88  
GLU N   CA   sing N N 89  
GLU N   H    sing N N 90  
GLU N   H2   sing N N 91  
GLU CA  C    sing N N 92  
GLU CA  CB   sing N N 93  
GLU CA  HA   sing N N 94  
GLU C   O    doub N N 95  
GLU C   OXT  sing N N 96  
GLU CB  CG   sing N N 97  
GLU CB  HB2  sing N N 98  
GLU CB  HB3  sing N N 99  
GLU CG  CD   sing N N 100 
GLU CG  HG2  sing N N 101 
GLU CG  HG3  sing N N 102 
GLU CD  OE1  doub N N 103 
GLU CD  OE2  sing N N 104 
GLU OE2 HE2  sing N N 105 
GLU OXT HXT  sing N N 106 
GLY N   CA   sing N N 107 
GLY N   H    sing N N 108 
GLY N   H2   sing N N 109 
GLY CA  C    sing N N 110 
GLY CA  HA2  sing N N 111 
GLY CA  HA3  sing N N 112 
GLY C   O    doub N N 113 
GLY C   OXT  sing N N 114 
GLY OXT HXT  sing N N 115 
HEM CHA C1A  sing N N 116 
HEM CHA C4D  doub N N 117 
HEM CHA HHA  sing N N 118 
HEM CHB C4A  sing N N 119 
HEM CHB C1B  doub N N 120 
HEM CHB HHB  sing N N 121 
HEM CHC C4B  sing N N 122 
HEM CHC C1C  doub N N 123 
HEM CHC HHC  sing N N 124 
HEM CHD C4C  doub N N 125 
HEM CHD C1D  sing N N 126 
HEM CHD HHD  sing N N 127 
HEM C1A C2A  doub Y N 128 
HEM C1A NA   sing Y N 129 
HEM C2A C3A  sing Y N 130 
HEM C2A CAA  sing N N 131 
HEM C3A C4A  doub Y N 132 
HEM C3A CMA  sing N N 133 
HEM C4A NA   sing Y N 134 
HEM CMA HMA  sing N N 135 
HEM CMA HMAA sing N N 136 
HEM CMA HMAB sing N N 137 
HEM CAA CBA  sing N N 138 
HEM CAA HAA  sing N N 139 
HEM CAA HAAA sing N N 140 
HEM CBA CGA  sing N N 141 
HEM CBA HBA  sing N N 142 
HEM CBA HBAA sing N N 143 
HEM CGA O1A  doub N N 144 
HEM CGA O2A  sing N N 145 
HEM C1B C2B  sing N N 146 
HEM C1B NB   sing N N 147 
HEM C2B C3B  doub N N 148 
HEM C2B CMB  sing N N 149 
HEM C3B C4B  sing N N 150 
HEM C3B CAB  sing N N 151 
HEM C4B NB   doub N N 152 
HEM CMB HMB  sing N N 153 
HEM CMB HMBA sing N N 154 
HEM CMB HMBB sing N N 155 
HEM CAB CBB  doub N N 156 
HEM CAB HAB  sing N N 157 
HEM CBB HBB  sing N N 158 
HEM CBB HBBA sing N N 159 
HEM C1C C2C  sing Y N 160 
HEM C1C NC   sing Y N 161 
HEM C2C C3C  doub Y N 162 
HEM C2C CMC  sing N N 163 
HEM C3C C4C  sing Y N 164 
HEM C3C CAC  sing N N 165 
HEM C4C NC   sing Y N 166 
HEM CMC HMC  sing N N 167 
HEM CMC HMCA sing N N 168 
HEM CMC HMCB sing N N 169 
HEM CAC CBC  doub N N 170 
HEM CAC HAC  sing N N 171 
HEM CBC HBC  sing N N 172 
HEM CBC HBCA sing N N 173 
HEM C1D C2D  sing N N 174 
HEM C1D ND   doub N N 175 
HEM C2D C3D  doub N N 176 
HEM C2D CMD  sing N N 177 
HEM C3D C4D  sing N N 178 
HEM C3D CAD  sing N N 179 
HEM C4D ND   sing N N 180 
HEM CMD HMD  sing N N 181 
HEM CMD HMDA sing N N 182 
HEM CMD HMDB sing N N 183 
HEM CAD CBD  sing N N 184 
HEM CAD HAD  sing N N 185 
HEM CAD HADA sing N N 186 
HEM CBD CGD  sing N N 187 
HEM CBD HBD  sing N N 188 
HEM CBD HBDA sing N N 189 
HEM CGD O1D  doub N N 190 
HEM CGD O2D  sing N N 191 
HEM O2A H2A  sing N N 192 
HEM O2D H2D  sing N N 193 
HEM FE  NA   sing N N 194 
HEM FE  NB   sing N N 195 
HEM FE  NC   sing N N 196 
HEM FE  ND   sing N N 197 
HIS N   CA   sing N N 198 
HIS N   H    sing N N 199 
HIS N   H2   sing N N 200 
HIS CA  C    sing N N 201 
HIS CA  CB   sing N N 202 
HIS CA  HA   sing N N 203 
HIS C   O    doub N N 204 
HIS C   OXT  sing N N 205 
HIS CB  CG   sing N N 206 
HIS CB  HB2  sing N N 207 
HIS CB  HB3  sing N N 208 
HIS CG  ND1  sing Y N 209 
HIS CG  CD2  doub Y N 210 
HIS ND1 CE1  doub Y N 211 
HIS ND1 HD1  sing N N 212 
HIS CD2 NE2  sing Y N 213 
HIS CD2 HD2  sing N N 214 
HIS CE1 NE2  sing Y N 215 
HIS CE1 HE1  sing N N 216 
HIS NE2 HE2  sing N N 217 
HIS OXT HXT  sing N N 218 
HOH O   H1   sing N N 219 
HOH O   H2   sing N N 220 
ILE N   CA   sing N N 221 
ILE N   H    sing N N 222 
ILE N   H2   sing N N 223 
ILE CA  C    sing N N 224 
ILE CA  CB   sing N N 225 
ILE CA  HA   sing N N 226 
ILE C   O    doub N N 227 
ILE C   OXT  sing N N 228 
ILE CB  CG1  sing N N 229 
ILE CB  CG2  sing N N 230 
ILE CB  HB   sing N N 231 
ILE CG1 CD1  sing N N 232 
ILE CG1 HG12 sing N N 233 
ILE CG1 HG13 sing N N 234 
ILE CG2 HG21 sing N N 235 
ILE CG2 HG22 sing N N 236 
ILE CG2 HG23 sing N N 237 
ILE CD1 HD11 sing N N 238 
ILE CD1 HD12 sing N N 239 
ILE CD1 HD13 sing N N 240 
ILE OXT HXT  sing N N 241 
LEU N   CA   sing N N 242 
LEU N   H    sing N N 243 
LEU N   H2   sing N N 244 
LEU CA  C    sing N N 245 
LEU CA  CB   sing N N 246 
LEU CA  HA   sing N N 247 
LEU C   O    doub N N 248 
LEU C   OXT  sing N N 249 
LEU CB  CG   sing N N 250 
LEU CB  HB2  sing N N 251 
LEU CB  HB3  sing N N 252 
LEU CG  CD1  sing N N 253 
LEU CG  CD2  sing N N 254 
LEU CG  HG   sing N N 255 
LEU CD1 HD11 sing N N 256 
LEU CD1 HD12 sing N N 257 
LEU CD1 HD13 sing N N 258 
LEU CD2 HD21 sing N N 259 
LEU CD2 HD22 sing N N 260 
LEU CD2 HD23 sing N N 261 
LEU OXT HXT  sing N N 262 
LYS N   CA   sing N N 263 
LYS N   H    sing N N 264 
LYS N   H2   sing N N 265 
LYS CA  C    sing N N 266 
LYS CA  CB   sing N N 267 
LYS CA  HA   sing N N 268 
LYS C   O    doub N N 269 
LYS C   OXT  sing N N 270 
LYS CB  CG   sing N N 271 
LYS CB  HB2  sing N N 272 
LYS CB  HB3  sing N N 273 
LYS CG  CD   sing N N 274 
LYS CG  HG2  sing N N 275 
LYS CG  HG3  sing N N 276 
LYS CD  CE   sing N N 277 
LYS CD  HD2  sing N N 278 
LYS CD  HD3  sing N N 279 
LYS CE  NZ   sing N N 280 
LYS CE  HE2  sing N N 281 
LYS CE  HE3  sing N N 282 
LYS NZ  HZ1  sing N N 283 
LYS NZ  HZ2  sing N N 284 
LYS NZ  HZ3  sing N N 285 
LYS OXT HXT  sing N N 286 
MET N   CA   sing N N 287 
MET N   H    sing N N 288 
MET N   H2   sing N N 289 
MET CA  C    sing N N 290 
MET CA  CB   sing N N 291 
MET CA  HA   sing N N 292 
MET C   O    doub N N 293 
MET C   OXT  sing N N 294 
MET CB  CG   sing N N 295 
MET CB  HB2  sing N N 296 
MET CB  HB3  sing N N 297 
MET CG  SD   sing N N 298 
MET CG  HG2  sing N N 299 
MET CG  HG3  sing N N 300 
MET SD  CE   sing N N 301 
MET CE  HE1  sing N N 302 
MET CE  HE2  sing N N 303 
MET CE  HE3  sing N N 304 
MET OXT HXT  sing N N 305 
PHE N   CA   sing N N 306 
PHE N   H    sing N N 307 
PHE N   H2   sing N N 308 
PHE CA  C    sing N N 309 
PHE CA  CB   sing N N 310 
PHE CA  HA   sing N N 311 
PHE C   O    doub N N 312 
PHE C   OXT  sing N N 313 
PHE CB  CG   sing N N 314 
PHE CB  HB2  sing N N 315 
PHE CB  HB3  sing N N 316 
PHE CG  CD1  doub Y N 317 
PHE CG  CD2  sing Y N 318 
PHE CD1 CE1  sing Y N 319 
PHE CD1 HD1  sing N N 320 
PHE CD2 CE2  doub Y N 321 
PHE CD2 HD2  sing N N 322 
PHE CE1 CZ   doub Y N 323 
PHE CE1 HE1  sing N N 324 
PHE CE2 CZ   sing Y N 325 
PHE CE2 HE2  sing N N 326 
PHE CZ  HZ   sing N N 327 
PHE OXT HXT  sing N N 328 
PRO N   CA   sing N N 329 
PRO N   CD   sing N N 330 
PRO N   H    sing N N 331 
PRO CA  C    sing N N 332 
PRO CA  CB   sing N N 333 
PRO CA  HA   sing N N 334 
PRO C   O    doub N N 335 
PRO C   OXT  sing N N 336 
PRO CB  CG   sing N N 337 
PRO CB  HB2  sing N N 338 
PRO CB  HB3  sing N N 339 
PRO CG  CD   sing N N 340 
PRO CG  HG2  sing N N 341 
PRO CG  HG3  sing N N 342 
PRO CD  HD2  sing N N 343 
PRO CD  HD3  sing N N 344 
PRO OXT HXT  sing N N 345 
SER N   CA   sing N N 346 
SER N   H    sing N N 347 
SER N   H2   sing N N 348 
SER CA  C    sing N N 349 
SER CA  CB   sing N N 350 
SER CA  HA   sing N N 351 
SER C   O    doub N N 352 
SER C   OXT  sing N N 353 
SER CB  OG   sing N N 354 
SER CB  HB2  sing N N 355 
SER CB  HB3  sing N N 356 
SER OG  HG   sing N N 357 
SER OXT HXT  sing N N 358 
SO4 S   O1   doub N N 359 
SO4 S   O2   doub N N 360 
SO4 S   O3   sing N N 361 
SO4 S   O4   sing N N 362 
THR N   CA   sing N N 363 
THR N   H    sing N N 364 
THR N   H2   sing N N 365 
THR CA  C    sing N N 366 
THR CA  CB   sing N N 367 
THR CA  HA   sing N N 368 
THR C   O    doub N N 369 
THR C   OXT  sing N N 370 
THR CB  OG1  sing N N 371 
THR CB  CG2  sing N N 372 
THR CB  HB   sing N N 373 
THR OG1 HG1  sing N N 374 
THR CG2 HG21 sing N N 375 
THR CG2 HG22 sing N N 376 
THR CG2 HG23 sing N N 377 
THR OXT HXT  sing N N 378 
TRP N   CA   sing N N 379 
TRP N   H    sing N N 380 
TRP N   H2   sing N N 381 
TRP CA  C    sing N N 382 
TRP CA  CB   sing N N 383 
TRP CA  HA   sing N N 384 
TRP C   O    doub N N 385 
TRP C   OXT  sing N N 386 
TRP CB  CG   sing N N 387 
TRP CB  HB2  sing N N 388 
TRP CB  HB3  sing N N 389 
TRP CG  CD1  doub Y N 390 
TRP CG  CD2  sing Y N 391 
TRP CD1 NE1  sing Y N 392 
TRP CD1 HD1  sing N N 393 
TRP CD2 CE2  doub Y N 394 
TRP CD2 CE3  sing Y N 395 
TRP NE1 CE2  sing Y N 396 
TRP NE1 HE1  sing N N 397 
TRP CE2 CZ2  sing Y N 398 
TRP CE3 CZ3  doub Y N 399 
TRP CE3 HE3  sing N N 400 
TRP CZ2 CH2  doub Y N 401 
TRP CZ2 HZ2  sing N N 402 
TRP CZ3 CH2  sing Y N 403 
TRP CZ3 HZ3  sing N N 404 
TRP CH2 HH2  sing N N 405 
TRP OXT HXT  sing N N 406 
TYR N   CA   sing N N 407 
TYR N   H    sing N N 408 
TYR N   H2   sing N N 409 
TYR CA  C    sing N N 410 
TYR CA  CB   sing N N 411 
TYR CA  HA   sing N N 412 
TYR C   O    doub N N 413 
TYR C   OXT  sing N N 414 
TYR CB  CG   sing N N 415 
TYR CB  HB2  sing N N 416 
TYR CB  HB3  sing N N 417 
TYR CG  CD1  doub Y N 418 
TYR CG  CD2  sing Y N 419 
TYR CD1 CE1  sing Y N 420 
TYR CD1 HD1  sing N N 421 
TYR CD2 CE2  doub Y N 422 
TYR CD2 HD2  sing N N 423 
TYR CE1 CZ   doub Y N 424 
TYR CE1 HE1  sing N N 425 
TYR CE2 CZ   sing Y N 426 
TYR CE2 HE2  sing N N 427 
TYR CZ  OH   sing N N 428 
TYR OH  HH   sing N N 429 
TYR OXT HXT  sing N N 430 
VAL N   CA   sing N N 431 
VAL N   H    sing N N 432 
VAL N   H2   sing N N 433 
VAL CA  C    sing N N 434 
VAL CA  CB   sing N N 435 
VAL CA  HA   sing N N 436 
VAL C   O    doub N N 437 
VAL C   OXT  sing N N 438 
VAL CB  CG1  sing N N 439 
VAL CB  CG2  sing N N 440 
VAL CB  HB   sing N N 441 
VAL CG1 HG11 sing N N 442 
VAL CG1 HG12 sing N N 443 
VAL CG1 HG13 sing N N 444 
VAL CG2 HG21 sing N N 445 
VAL CG2 HG22 sing N N 446 
VAL CG2 HG23 sing N N 447 
VAL OXT HXT  sing N N 448 
XEP C1  C2   sing N N 449 
XEP C3  C2   sing N N 450 
XEP C2  N1   sing N N 451 
XEP N1  O1   doub N N 452 
XEP C1  H1   sing N N 453 
XEP C1  H2   sing N N 454 
XEP C1  H3   sing N N 455 
XEP C2  H4   sing N N 456 
XEP C3  H5   sing N N 457 
XEP C3  H6   sing N N 458 
XEP C3  H7   sing N N 459 
# 
loop_
_pdbx_audit_support.funding_organization 
_pdbx_audit_support.country 
_pdbx_audit_support.grant_number 
_pdbx_audit_support.ordinal 
'National Science Foundation (NSF, United States)'                                         'United States' CHE-1566509 1 
'National Science Foundation (NSF, United States)'                                         'United States' CHE-1213674 2 
'National Institutes of Health/National Institute of General Medical Sciences (NIH/NIGMS)' 'United States' P20GM103640 3 
# 
loop_
_pdbx_entity_instance_feature.ordinal 
_pdbx_entity_instance_feature.comp_id 
_pdbx_entity_instance_feature.asym_id 
_pdbx_entity_instance_feature.seq_num 
_pdbx_entity_instance_feature.auth_comp_id 
_pdbx_entity_instance_feature.auth_asym_id 
_pdbx_entity_instance_feature.auth_seq_num 
_pdbx_entity_instance_feature.feature_type 
_pdbx_entity_instance_feature.details 
1 HEM ? ? HEM ? ? 'SUBJECT OF INVESTIGATION' ? 
2 XEP ? ? XEP ? ? 'SUBJECT OF INVESTIGATION' ? 
# 
loop_
_pdbx_entity_nonpoly.entity_id 
_pdbx_entity_nonpoly.name 
_pdbx_entity_nonpoly.comp_id 
2 'PROTOPORPHYRIN IX CONTAINING FE' HEM 
3 2-nitrosopropane                  XEP 
4 'SULFATE ION'                     SO4 
5 water                             HOH 
# 
_pdbx_initial_refinement_model.id               1 
_pdbx_initial_refinement_model.entity_id_list   ? 
_pdbx_initial_refinement_model.type             'experimental model' 
_pdbx_initial_refinement_model.source_name      PDB 
_pdbx_initial_refinement_model.accession_code   5ILE 
_pdbx_initial_refinement_model.details          ? 
# 
_pdbx_struct_assembly_auth_evidence.id                     1 
_pdbx_struct_assembly_auth_evidence.assembly_id            1 
_pdbx_struct_assembly_auth_evidence.experimental_support   microscopy 
_pdbx_struct_assembly_auth_evidence.details                'UV-Vis spectroscopy supported ligand bound swMb-iPrNO' 
# 
